data_2RER
# 
_entry.id   2RER 
# 
_audit_conform.dict_name       mmcif_pdbx.dic 
_audit_conform.dict_version    5.387 
_audit_conform.dict_location   http://mmcif.pdb.org/dictionaries/ascii/mmcif_pdbx.dic 
# 
loop_
_database_2.database_id 
_database_2.database_code 
_database_2.pdbx_database_accession 
_database_2.pdbx_DOI 
PDB   2RER         pdb_00002rer 10.2210/pdb2rer/pdb 
RCSB  RCSB044768   ?            ?                   
WWPDB D_1000044768 ?            ?                   
# 
loop_
_pdbx_audit_revision_history.ordinal 
_pdbx_audit_revision_history.data_content_type 
_pdbx_audit_revision_history.major_revision 
_pdbx_audit_revision_history.minor_revision 
_pdbx_audit_revision_history.revision_date 
1 'Structure model' 1 0 2008-04-22 
2 'Structure model' 1 1 2011-07-13 
3 'Structure model' 1 2 2024-02-21 
# 
_pdbx_audit_revision_details.ordinal             1 
_pdbx_audit_revision_details.revision_ordinal    1 
_pdbx_audit_revision_details.data_content_type   'Structure model' 
_pdbx_audit_revision_details.provider            repository 
_pdbx_audit_revision_details.type                'Initial release' 
_pdbx_audit_revision_details.description         ? 
_pdbx_audit_revision_details.details             ? 
# 
loop_
_pdbx_audit_revision_group.ordinal 
_pdbx_audit_revision_group.revision_ordinal 
_pdbx_audit_revision_group.data_content_type 
_pdbx_audit_revision_group.group 
1 2 'Structure model' 'Version format compliance' 
2 3 'Structure model' 'Data collection'           
3 3 'Structure model' 'Database references'       
# 
loop_
_pdbx_audit_revision_category.ordinal 
_pdbx_audit_revision_category.revision_ordinal 
_pdbx_audit_revision_category.data_content_type 
_pdbx_audit_revision_category.category 
1 3 'Structure model' chem_comp_atom     
2 3 'Structure model' chem_comp_bond     
3 3 'Structure model' database_2         
4 3 'Structure model' struct_ref_seq_dif 
# 
loop_
_pdbx_audit_revision_item.ordinal 
_pdbx_audit_revision_item.revision_ordinal 
_pdbx_audit_revision_item.data_content_type 
_pdbx_audit_revision_item.item 
1 3 'Structure model' '_database_2.pdbx_DOI'                
2 3 'Structure model' '_database_2.pdbx_database_accession' 
3 3 'Structure model' '_struct_ref_seq_dif.details'         
# 
_pdbx_database_status.status_code                     REL 
_pdbx_database_status.entry_id                        2RER 
_pdbx_database_status.recvd_initial_deposition_date   2007-09-26 
_pdbx_database_status.deposit_site                    RCSB 
_pdbx_database_status.process_site                    RCSB 
_pdbx_database_status.status_code_sf                  REL 
_pdbx_database_status.status_code_mr                  ? 
_pdbx_database_status.SG_entry                        ? 
_pdbx_database_status.pdb_format_compatible           Y 
_pdbx_database_status.status_code_cs                  ? 
_pdbx_database_status.status_code_nmr_data            ? 
_pdbx_database_status.methods_development_category    ? 
# 
loop_
_pdbx_database_related.db_name 
_pdbx_database_related.db_id 
_pdbx_database_related.details 
_pdbx_database_related.content_type 
PDB 2RES . unspecified 
PDB 2REZ . unspecified 
# 
loop_
_audit_author.name 
_audit_author.pdbx_ordinal 
'Ames, B.D.'   1 
'Korman, T.P.' 2 
'Vu, T.N.'     3 
'Tsai, S.C.'   4 
# 
_citation.id                        primary 
_citation.title                     
;Crystal structure and functional analysis of tetracenomycin ARO/CYC: implications for cyclization specificity of aromatic polyketides.
;
_citation.journal_abbrev            Proc.Natl.Acad.Sci.Usa 
_citation.journal_volume            105 
_citation.page_first                5349 
_citation.page_last                 5354 
_citation.year                      2008 
_citation.journal_id_ASTM           PNASA6 
_citation.country                   US 
_citation.journal_id_ISSN           0027-8424 
_citation.journal_id_CSD            0040 
_citation.book_publisher            ? 
_citation.pdbx_database_id_PubMed   18388203 
_citation.pdbx_database_id_DOI      10.1073/pnas.0709223105 
# 
loop_
_citation_author.citation_id 
_citation_author.name 
_citation_author.ordinal 
_citation_author.identifier_ORCID 
primary 'Ames, B.D.'   1 ? 
primary 'Korman, T.P.' 2 ? 
primary 'Zhang, W.'    3 ? 
primary 'Smith, P.'    4 ? 
primary 'Vu, T.'       5 ? 
primary 'Tang, Y.'     6 ? 
primary 'Tsai, S.C.'   7 ? 
# 
loop_
_entity.id 
_entity.type 
_entity.src_method 
_entity.pdbx_description 
_entity.formula_weight 
_entity.pdbx_number_of_molecules 
_entity.pdbx_ec 
_entity.pdbx_mutation 
_entity.pdbx_fragment 
_entity.details 
1 polymer man 'Multifunctional cyclase-dehydratase-3-O-methyl transferase tcmN' 19938.344 1   ? ? 'N-TERMINAL DOMAIN' ? 
2 water   nat water                                                             18.015    144 ? ? ?                   ? 
# 
_entity_poly.entity_id                      1 
_entity_poly.type                           'polypeptide(L)' 
_entity_poly.nstd_linkage                   no 
_entity_poly.nstd_monomer                   no 
_entity_poly.pdbx_seq_one_letter_code       
;GSHMAARTDNSIVVNAPFELVWDVTNDIEAWPELFSEYAEAEILRQDGDGFDFRLKTRPDANGRVWEWVSHRVPDKGSRT
VRAHRVETGPFAYMNLHWTYRAVAGGTEMRWVQEFDMKPGAPFDNAHMTAHLNTTTRANMERIKKIIEDRHREGQRTPAS
VLPTELHAQQLLL
;
_entity_poly.pdbx_seq_one_letter_code_can   
;GSHMAARTDNSIVVNAPFELVWDVTNDIEAWPELFSEYAEAEILRQDGDGFDFRLKTRPDANGRVWEWVSHRVPDKGSRT
VRAHRVETGPFAYMNLHWTYRAVAGGTEMRWVQEFDMKPGAPFDNAHMTAHLNTTTRANMERIKKIIEDRHREGQRTPAS
VLPTELHAQQLLL
;
_entity_poly.pdbx_strand_id                 A 
_entity_poly.pdbx_target_identifier         ? 
# 
_pdbx_entity_nonpoly.entity_id   2 
_pdbx_entity_nonpoly.name        water 
_pdbx_entity_nonpoly.comp_id     HOH 
# 
loop_
_entity_poly_seq.entity_id 
_entity_poly_seq.num 
_entity_poly_seq.mon_id 
_entity_poly_seq.hetero 
1 1   GLY n 
1 2   SER n 
1 3   HIS n 
1 4   MET n 
1 5   ALA n 
1 6   ALA n 
1 7   ARG n 
1 8   THR n 
1 9   ASP n 
1 10  ASN n 
1 11  SER n 
1 12  ILE n 
1 13  VAL n 
1 14  VAL n 
1 15  ASN n 
1 16  ALA n 
1 17  PRO n 
1 18  PHE n 
1 19  GLU n 
1 20  LEU n 
1 21  VAL n 
1 22  TRP n 
1 23  ASP n 
1 24  VAL n 
1 25  THR n 
1 26  ASN n 
1 27  ASP n 
1 28  ILE n 
1 29  GLU n 
1 30  ALA n 
1 31  TRP n 
1 32  PRO n 
1 33  GLU n 
1 34  LEU n 
1 35  PHE n 
1 36  SER n 
1 37  GLU n 
1 38  TYR n 
1 39  ALA n 
1 40  GLU n 
1 41  ALA n 
1 42  GLU n 
1 43  ILE n 
1 44  LEU n 
1 45  ARG n 
1 46  GLN n 
1 47  ASP n 
1 48  GLY n 
1 49  ASP n 
1 50  GLY n 
1 51  PHE n 
1 52  ASP n 
1 53  PHE n 
1 54  ARG n 
1 55  LEU n 
1 56  LYS n 
1 57  THR n 
1 58  ARG n 
1 59  PRO n 
1 60  ASP n 
1 61  ALA n 
1 62  ASN n 
1 63  GLY n 
1 64  ARG n 
1 65  VAL n 
1 66  TRP n 
1 67  GLU n 
1 68  TRP n 
1 69  VAL n 
1 70  SER n 
1 71  HIS n 
1 72  ARG n 
1 73  VAL n 
1 74  PRO n 
1 75  ASP n 
1 76  LYS n 
1 77  GLY n 
1 78  SER n 
1 79  ARG n 
1 80  THR n 
1 81  VAL n 
1 82  ARG n 
1 83  ALA n 
1 84  HIS n 
1 85  ARG n 
1 86  VAL n 
1 87  GLU n 
1 88  THR n 
1 89  GLY n 
1 90  PRO n 
1 91  PHE n 
1 92  ALA n 
1 93  TYR n 
1 94  MET n 
1 95  ASN n 
1 96  LEU n 
1 97  HIS n 
1 98  TRP n 
1 99  THR n 
1 100 TYR n 
1 101 ARG n 
1 102 ALA n 
1 103 VAL n 
1 104 ALA n 
1 105 GLY n 
1 106 GLY n 
1 107 THR n 
1 108 GLU n 
1 109 MET n 
1 110 ARG n 
1 111 TRP n 
1 112 VAL n 
1 113 GLN n 
1 114 GLU n 
1 115 PHE n 
1 116 ASP n 
1 117 MET n 
1 118 LYS n 
1 119 PRO n 
1 120 GLY n 
1 121 ALA n 
1 122 PRO n 
1 123 PHE n 
1 124 ASP n 
1 125 ASN n 
1 126 ALA n 
1 127 HIS n 
1 128 MET n 
1 129 THR n 
1 130 ALA n 
1 131 HIS n 
1 132 LEU n 
1 133 ASN n 
1 134 THR n 
1 135 THR n 
1 136 THR n 
1 137 ARG n 
1 138 ALA n 
1 139 ASN n 
1 140 MET n 
1 141 GLU n 
1 142 ARG n 
1 143 ILE n 
1 144 LYS n 
1 145 LYS n 
1 146 ILE n 
1 147 ILE n 
1 148 GLU n 
1 149 ASP n 
1 150 ARG n 
1 151 HIS n 
1 152 ARG n 
1 153 GLU n 
1 154 GLY n 
1 155 GLN n 
1 156 ARG n 
1 157 THR n 
1 158 PRO n 
1 159 ALA n 
1 160 SER n 
1 161 VAL n 
1 162 LEU n 
1 163 PRO n 
1 164 THR n 
1 165 GLU n 
1 166 LEU n 
1 167 HIS n 
1 168 ALA n 
1 169 GLN n 
1 170 GLN n 
1 171 LEU n 
1 172 LEU n 
1 173 LEU n 
# 
_entity_src_gen.entity_id                          1 
_entity_src_gen.pdbx_src_id                        1 
_entity_src_gen.pdbx_alt_source_flag               sample 
_entity_src_gen.pdbx_seq_type                      ? 
_entity_src_gen.pdbx_beg_seq_num                   ? 
_entity_src_gen.pdbx_end_seq_num                   ? 
_entity_src_gen.gene_src_common_name               ? 
_entity_src_gen.gene_src_genus                     Streptomyces 
_entity_src_gen.pdbx_gene_src_gene                 tcmN 
_entity_src_gen.gene_src_species                   ? 
_entity_src_gen.gene_src_strain                    ? 
_entity_src_gen.gene_src_tissue                    ? 
_entity_src_gen.gene_src_tissue_fraction           ? 
_entity_src_gen.gene_src_details                   ? 
_entity_src_gen.pdbx_gene_src_fragment             ? 
_entity_src_gen.pdbx_gene_src_scientific_name      'Streptomyces glaucescens' 
_entity_src_gen.pdbx_gene_src_ncbi_taxonomy_id     1907 
_entity_src_gen.pdbx_gene_src_variant              ? 
_entity_src_gen.pdbx_gene_src_cell_line            ? 
_entity_src_gen.pdbx_gene_src_atcc                 ? 
_entity_src_gen.pdbx_gene_src_organ                ? 
_entity_src_gen.pdbx_gene_src_organelle            ? 
_entity_src_gen.pdbx_gene_src_cell                 ? 
_entity_src_gen.pdbx_gene_src_cellular_location    ? 
_entity_src_gen.host_org_common_name               ? 
_entity_src_gen.pdbx_host_org_scientific_name      'Escherichia coli BL21(DE3)' 
_entity_src_gen.pdbx_host_org_ncbi_taxonomy_id     469008 
_entity_src_gen.host_org_genus                     Escherichia 
_entity_src_gen.pdbx_host_org_gene                 ? 
_entity_src_gen.pdbx_host_org_organ                ? 
_entity_src_gen.host_org_species                   'Escherichia coli' 
_entity_src_gen.pdbx_host_org_tissue               ? 
_entity_src_gen.pdbx_host_org_tissue_fraction      ? 
_entity_src_gen.pdbx_host_org_strain               'BL21(DE3)' 
_entity_src_gen.pdbx_host_org_variant              ? 
_entity_src_gen.pdbx_host_org_cell_line            ? 
_entity_src_gen.pdbx_host_org_atcc                 ? 
_entity_src_gen.pdbx_host_org_culture_collection   ? 
_entity_src_gen.pdbx_host_org_cell                 ? 
_entity_src_gen.pdbx_host_org_organelle            ? 
_entity_src_gen.pdbx_host_org_cellular_location    ? 
_entity_src_gen.pdbx_host_org_vector_type          Plasmid 
_entity_src_gen.pdbx_host_org_vector               ? 
_entity_src_gen.host_org_details                   ? 
_entity_src_gen.expression_system_id               ? 
_entity_src_gen.plasmid_name                       pET28a 
_entity_src_gen.plasmid_details                    ? 
_entity_src_gen.pdbx_description                   ? 
# 
loop_
_chem_comp.id 
_chem_comp.type 
_chem_comp.mon_nstd_flag 
_chem_comp.name 
_chem_comp.pdbx_synonyms 
_chem_comp.formula 
_chem_comp.formula_weight 
ALA 'L-peptide linking' y ALANINE         ? 'C3 H7 N O2'     89.093  
ARG 'L-peptide linking' y ARGININE        ? 'C6 H15 N4 O2 1' 175.209 
ASN 'L-peptide linking' y ASPARAGINE      ? 'C4 H8 N2 O3'    132.118 
ASP 'L-peptide linking' y 'ASPARTIC ACID' ? 'C4 H7 N O4'     133.103 
GLN 'L-peptide linking' y GLUTAMINE       ? 'C5 H10 N2 O3'   146.144 
GLU 'L-peptide linking' y 'GLUTAMIC ACID' ? 'C5 H9 N O4'     147.129 
GLY 'peptide linking'   y GLYCINE         ? 'C2 H5 N O2'     75.067  
HIS 'L-peptide linking' y HISTIDINE       ? 'C6 H10 N3 O2 1' 156.162 
HOH non-polymer         . WATER           ? 'H2 O'           18.015  
ILE 'L-peptide linking' y ISOLEUCINE      ? 'C6 H13 N O2'    131.173 
LEU 'L-peptide linking' y LEUCINE         ? 'C6 H13 N O2'    131.173 
LYS 'L-peptide linking' y LYSINE          ? 'C6 H15 N2 O2 1' 147.195 
MET 'L-peptide linking' y METHIONINE      ? 'C5 H11 N O2 S'  149.211 
PHE 'L-peptide linking' y PHENYLALANINE   ? 'C9 H11 N O2'    165.189 
PRO 'L-peptide linking' y PROLINE         ? 'C5 H9 N O2'     115.130 
SER 'L-peptide linking' y SERINE          ? 'C3 H7 N O3'     105.093 
THR 'L-peptide linking' y THREONINE       ? 'C4 H9 N O3'     119.119 
TRP 'L-peptide linking' y TRYPTOPHAN      ? 'C11 H12 N2 O2'  204.225 
TYR 'L-peptide linking' y TYROSINE        ? 'C9 H11 N O3'    181.189 
VAL 'L-peptide linking' y VALINE          ? 'C5 H11 N O2'    117.146 
# 
loop_
_pdbx_poly_seq_scheme.asym_id 
_pdbx_poly_seq_scheme.entity_id 
_pdbx_poly_seq_scheme.seq_id 
_pdbx_poly_seq_scheme.mon_id 
_pdbx_poly_seq_scheme.ndb_seq_num 
_pdbx_poly_seq_scheme.pdb_seq_num 
_pdbx_poly_seq_scheme.auth_seq_num 
_pdbx_poly_seq_scheme.pdb_mon_id 
_pdbx_poly_seq_scheme.auth_mon_id 
_pdbx_poly_seq_scheme.pdb_strand_id 
_pdbx_poly_seq_scheme.pdb_ins_code 
_pdbx_poly_seq_scheme.hetero 
A 1 1   GLY 1   -2  ?   ?   ?   A . n 
A 1 2   SER 2   -1  ?   ?   ?   A . n 
A 1 3   HIS 3   0   ?   ?   ?   A . n 
A 1 4   MET 4   1   1   MET MET A . n 
A 1 5   ALA 5   2   2   ALA ALA A . n 
A 1 6   ALA 6   3   3   ALA ALA A . n 
A 1 7   ARG 7   4   4   ARG ARG A . n 
A 1 8   THR 8   5   5   THR THR A . n 
A 1 9   ASP 9   6   6   ASP ASP A . n 
A 1 10  ASN 10  7   7   ASN ASN A . n 
A 1 11  SER 11  8   8   SER SER A . n 
A 1 12  ILE 12  9   9   ILE ILE A . n 
A 1 13  VAL 13  10  10  VAL VAL A . n 
A 1 14  VAL 14  11  11  VAL VAL A . n 
A 1 15  ASN 15  12  12  ASN ASN A . n 
A 1 16  ALA 16  13  13  ALA ALA A . n 
A 1 17  PRO 17  14  14  PRO PRO A . n 
A 1 18  PHE 18  15  15  PHE PHE A . n 
A 1 19  GLU 19  16  16  GLU GLU A . n 
A 1 20  LEU 20  17  17  LEU LEU A . n 
A 1 21  VAL 21  18  18  VAL VAL A . n 
A 1 22  TRP 22  19  19  TRP TRP A . n 
A 1 23  ASP 23  20  20  ASP ASP A . n 
A 1 24  VAL 24  21  21  VAL VAL A . n 
A 1 25  THR 25  22  22  THR THR A . n 
A 1 26  ASN 26  23  23  ASN ASN A . n 
A 1 27  ASP 27  24  24  ASP ASP A . n 
A 1 28  ILE 28  25  25  ILE ILE A . n 
A 1 29  GLU 29  26  26  GLU GLU A . n 
A 1 30  ALA 30  27  27  ALA ALA A . n 
A 1 31  TRP 31  28  28  TRP TRP A . n 
A 1 32  PRO 32  29  29  PRO PRO A . n 
A 1 33  GLU 33  30  30  GLU GLU A . n 
A 1 34  LEU 34  31  31  LEU LEU A . n 
A 1 35  PHE 35  32  32  PHE PHE A . n 
A 1 36  SER 36  33  33  SER SER A . n 
A 1 37  GLU 37  34  34  GLU GLU A . n 
A 1 38  TYR 38  35  35  TYR TYR A . n 
A 1 39  ALA 39  36  36  ALA ALA A . n 
A 1 40  GLU 40  37  37  GLU GLU A . n 
A 1 41  ALA 41  38  38  ALA ALA A . n 
A 1 42  GLU 42  39  39  GLU GLU A . n 
A 1 43  ILE 43  40  40  ILE ILE A . n 
A 1 44  LEU 44  41  41  LEU LEU A . n 
A 1 45  ARG 45  42  42  ARG ARG A . n 
A 1 46  GLN 46  43  43  GLN GLN A . n 
A 1 47  ASP 47  44  44  ASP ASP A . n 
A 1 48  GLY 48  45  45  GLY GLY A . n 
A 1 49  ASP 49  46  46  ASP ASP A . n 
A 1 50  GLY 50  47  47  GLY GLY A . n 
A 1 51  PHE 51  48  48  PHE PHE A . n 
A 1 52  ASP 52  49  49  ASP ASP A . n 
A 1 53  PHE 53  50  50  PHE PHE A . n 
A 1 54  ARG 54  51  51  ARG ARG A . n 
A 1 55  LEU 55  52  52  LEU LEU A . n 
A 1 56  LYS 56  53  53  LYS LYS A . n 
A 1 57  THR 57  54  54  THR THR A . n 
A 1 58  ARG 58  55  55  ARG ARG A . n 
A 1 59  PRO 59  56  56  PRO PRO A . n 
A 1 60  ASP 60  57  57  ASP ASP A . n 
A 1 61  ALA 61  58  58  ALA ALA A . n 
A 1 62  ASN 62  59  59  ASN ASN A . n 
A 1 63  GLY 63  60  60  GLY GLY A . n 
A 1 64  ARG 64  61  61  ARG ARG A . n 
A 1 65  VAL 65  62  62  VAL VAL A . n 
A 1 66  TRP 66  63  63  TRP TRP A . n 
A 1 67  GLU 67  64  64  GLU GLU A . n 
A 1 68  TRP 68  65  65  TRP TRP A . n 
A 1 69  VAL 69  66  66  VAL VAL A . n 
A 1 70  SER 70  67  67  SER SER A . n 
A 1 71  HIS 71  68  68  HIS HIS A . n 
A 1 72  ARG 72  69  69  ARG ARG A . n 
A 1 73  VAL 73  70  70  VAL VAL A . n 
A 1 74  PRO 74  71  71  PRO PRO A . n 
A 1 75  ASP 75  72  72  ASP ASP A . n 
A 1 76  LYS 76  73  73  LYS LYS A . n 
A 1 77  GLY 77  74  74  GLY GLY A . n 
A 1 78  SER 78  75  75  SER SER A . n 
A 1 79  ARG 79  76  76  ARG ARG A . n 
A 1 80  THR 80  77  77  THR THR A . n 
A 1 81  VAL 81  78  78  VAL VAL A . n 
A 1 82  ARG 82  79  79  ARG ARG A . n 
A 1 83  ALA 83  80  80  ALA ALA A . n 
A 1 84  HIS 84  81  81  HIS HIS A . n 
A 1 85  ARG 85  82  82  ARG ARG A . n 
A 1 86  VAL 86  83  83  VAL VAL A . n 
A 1 87  GLU 87  84  84  GLU GLU A . n 
A 1 88  THR 88  85  85  THR THR A . n 
A 1 89  GLY 89  86  86  GLY GLY A . n 
A 1 90  PRO 90  87  87  PRO PRO A . n 
A 1 91  PHE 91  88  88  PHE PHE A . n 
A 1 92  ALA 92  89  89  ALA ALA A . n 
A 1 93  TYR 93  90  90  TYR TYR A . n 
A 1 94  MET 94  91  91  MET MET A . n 
A 1 95  ASN 95  92  92  ASN ASN A . n 
A 1 96  LEU 96  93  93  LEU LEU A . n 
A 1 97  HIS 97  94  94  HIS HIS A . n 
A 1 98  TRP 98  95  95  TRP TRP A . n 
A 1 99  THR 99  96  96  THR THR A . n 
A 1 100 TYR 100 97  97  TYR TYR A . n 
A 1 101 ARG 101 98  98  ARG ARG A . n 
A 1 102 ALA 102 99  99  ALA ALA A . n 
A 1 103 VAL 103 100 100 VAL VAL A . n 
A 1 104 ALA 104 101 101 ALA ALA A . n 
A 1 105 GLY 105 102 102 GLY GLY A . n 
A 1 106 GLY 106 103 103 GLY GLY A . n 
A 1 107 THR 107 104 104 THR THR A . n 
A 1 108 GLU 108 105 105 GLU GLU A . n 
A 1 109 MET 109 106 106 MET MET A . n 
A 1 110 ARG 110 107 107 ARG ARG A . n 
A 1 111 TRP 111 108 108 TRP TRP A . n 
A 1 112 VAL 112 109 109 VAL VAL A . n 
A 1 113 GLN 113 110 110 GLN GLN A . n 
A 1 114 GLU 114 111 111 GLU GLU A . n 
A 1 115 PHE 115 112 112 PHE PHE A . n 
A 1 116 ASP 116 113 113 ASP ASP A . n 
A 1 117 MET 117 114 114 MET MET A . n 
A 1 118 LYS 118 115 115 LYS LYS A . n 
A 1 119 PRO 119 116 116 PRO PRO A . n 
A 1 120 GLY 120 117 117 GLY GLY A . n 
A 1 121 ALA 121 118 118 ALA ALA A . n 
A 1 122 PRO 122 119 119 PRO PRO A . n 
A 1 123 PHE 123 120 120 PHE PHE A . n 
A 1 124 ASP 124 121 121 ASP ASP A . n 
A 1 125 ASN 125 122 122 ASN ASN A . n 
A 1 126 ALA 126 123 123 ALA ALA A . n 
A 1 127 HIS 127 124 124 HIS HIS A . n 
A 1 128 MET 128 125 125 MET MET A . n 
A 1 129 THR 129 126 126 THR THR A . n 
A 1 130 ALA 130 127 127 ALA ALA A . n 
A 1 131 HIS 131 128 128 HIS HIS A . n 
A 1 132 LEU 132 129 129 LEU LEU A . n 
A 1 133 ASN 133 130 130 ASN ASN A . n 
A 1 134 THR 134 131 131 THR THR A . n 
A 1 135 THR 135 132 132 THR THR A . n 
A 1 136 THR 136 133 133 THR THR A . n 
A 1 137 ARG 137 134 134 ARG ARG A . n 
A 1 138 ALA 138 135 135 ALA ALA A . n 
A 1 139 ASN 139 136 136 ASN ASN A . n 
A 1 140 MET 140 137 137 MET MET A . n 
A 1 141 GLU 141 138 138 GLU GLU A . n 
A 1 142 ARG 142 139 139 ARG ARG A . n 
A 1 143 ILE 143 140 140 ILE ILE A . n 
A 1 144 LYS 144 141 141 LYS LYS A . n 
A 1 145 LYS 145 142 142 LYS LYS A . n 
A 1 146 ILE 146 143 143 ILE ILE A . n 
A 1 147 ILE 147 144 144 ILE ILE A . n 
A 1 148 GLU 148 145 145 GLU GLU A . n 
A 1 149 ASP 149 146 146 ASP ASP A . n 
A 1 150 ARG 150 147 147 ARG ARG A . n 
A 1 151 HIS 151 148 148 HIS HIS A . n 
A 1 152 ARG 152 149 149 ARG ARG A . n 
A 1 153 GLU 153 150 150 GLU GLU A . n 
A 1 154 GLY 154 151 151 GLY GLY A . n 
A 1 155 GLN 155 152 152 GLN GLN A . n 
A 1 156 ARG 156 153 153 ARG ARG A . n 
A 1 157 THR 157 154 154 THR THR A . n 
A 1 158 PRO 158 155 155 PRO PRO A . n 
A 1 159 ALA 159 156 ?   ?   ?   A . n 
A 1 160 SER 160 157 ?   ?   ?   A . n 
A 1 161 VAL 161 158 ?   ?   ?   A . n 
A 1 162 LEU 162 159 ?   ?   ?   A . n 
A 1 163 PRO 163 160 ?   ?   ?   A . n 
A 1 164 THR 164 161 ?   ?   ?   A . n 
A 1 165 GLU 165 162 ?   ?   ?   A . n 
A 1 166 LEU 166 163 ?   ?   ?   A . n 
A 1 167 HIS 167 164 ?   ?   ?   A . n 
A 1 168 ALA 168 165 ?   ?   ?   A . n 
A 1 169 GLN 169 166 ?   ?   ?   A . n 
A 1 170 GLN 170 167 ?   ?   ?   A . n 
A 1 171 LEU 171 168 ?   ?   ?   A . n 
A 1 172 LEU 172 169 ?   ?   ?   A . n 
A 1 173 LEU 173 170 ?   ?   ?   A . n 
# 
loop_
_pdbx_nonpoly_scheme.asym_id 
_pdbx_nonpoly_scheme.entity_id 
_pdbx_nonpoly_scheme.mon_id 
_pdbx_nonpoly_scheme.ndb_seq_num 
_pdbx_nonpoly_scheme.pdb_seq_num 
_pdbx_nonpoly_scheme.auth_seq_num 
_pdbx_nonpoly_scheme.pdb_mon_id 
_pdbx_nonpoly_scheme.auth_mon_id 
_pdbx_nonpoly_scheme.pdb_strand_id 
_pdbx_nonpoly_scheme.pdb_ins_code 
B 2 HOH 1   171 1   HOH HOH A . 
B 2 HOH 2   172 2   HOH HOH A . 
B 2 HOH 3   173 3   HOH HOH A . 
B 2 HOH 4   174 4   HOH HOH A . 
B 2 HOH 5   175 5   HOH HOH A . 
B 2 HOH 6   176 6   HOH HOH A . 
B 2 HOH 7   177 7   HOH HOH A . 
B 2 HOH 8   178 8   HOH HOH A . 
B 2 HOH 9   179 9   HOH HOH A . 
B 2 HOH 10  180 10  HOH HOH A . 
B 2 HOH 11  181 11  HOH HOH A . 
B 2 HOH 12  182 12  HOH HOH A . 
B 2 HOH 13  183 13  HOH HOH A . 
B 2 HOH 14  184 14  HOH HOH A . 
B 2 HOH 15  185 15  HOH HOH A . 
B 2 HOH 16  186 16  HOH HOH A . 
B 2 HOH 17  187 17  HOH HOH A . 
B 2 HOH 18  188 18  HOH HOH A . 
B 2 HOH 19  189 19  HOH HOH A . 
B 2 HOH 20  190 20  HOH HOH A . 
B 2 HOH 21  191 21  HOH HOH A . 
B 2 HOH 22  192 22  HOH HOH A . 
B 2 HOH 23  193 23  HOH HOH A . 
B 2 HOH 24  194 24  HOH HOH A . 
B 2 HOH 25  195 25  HOH HOH A . 
B 2 HOH 26  196 26  HOH HOH A . 
B 2 HOH 27  197 27  HOH HOH A . 
B 2 HOH 28  198 28  HOH HOH A . 
B 2 HOH 29  199 30  HOH HOH A . 
B 2 HOH 30  200 31  HOH HOH A . 
B 2 HOH 31  201 32  HOH HOH A . 
B 2 HOH 32  202 33  HOH HOH A . 
B 2 HOH 33  203 34  HOH HOH A . 
B 2 HOH 34  204 35  HOH HOH A . 
B 2 HOH 35  205 36  HOH HOH A . 
B 2 HOH 36  206 37  HOH HOH A . 
B 2 HOH 37  207 38  HOH HOH A . 
B 2 HOH 38  208 39  HOH HOH A . 
B 2 HOH 39  209 40  HOH HOH A . 
B 2 HOH 40  210 41  HOH HOH A . 
B 2 HOH 41  211 42  HOH HOH A . 
B 2 HOH 42  212 43  HOH HOH A . 
B 2 HOH 43  213 44  HOH HOH A . 
B 2 HOH 44  214 45  HOH HOH A . 
B 2 HOH 45  215 46  HOH HOH A . 
B 2 HOH 46  216 47  HOH HOH A . 
B 2 HOH 47  217 48  HOH HOH A . 
B 2 HOH 48  218 49  HOH HOH A . 
B 2 HOH 49  219 50  HOH HOH A . 
B 2 HOH 50  220 51  HOH HOH A . 
B 2 HOH 51  221 52  HOH HOH A . 
B 2 HOH 52  222 53  HOH HOH A . 
B 2 HOH 53  223 54  HOH HOH A . 
B 2 HOH 54  224 55  HOH HOH A . 
B 2 HOH 55  225 56  HOH HOH A . 
B 2 HOH 56  226 57  HOH HOH A . 
B 2 HOH 57  227 58  HOH HOH A . 
B 2 HOH 58  228 59  HOH HOH A . 
B 2 HOH 59  229 60  HOH HOH A . 
B 2 HOH 60  230 61  HOH HOH A . 
B 2 HOH 61  231 62  HOH HOH A . 
B 2 HOH 62  232 63  HOH HOH A . 
B 2 HOH 63  233 64  HOH HOH A . 
B 2 HOH 64  234 65  HOH HOH A . 
B 2 HOH 65  235 66  HOH HOH A . 
B 2 HOH 66  236 67  HOH HOH A . 
B 2 HOH 67  237 68  HOH HOH A . 
B 2 HOH 68  238 69  HOH HOH A . 
B 2 HOH 69  239 71  HOH HOH A . 
B 2 HOH 70  240 72  HOH HOH A . 
B 2 HOH 71  241 73  HOH HOH A . 
B 2 HOH 72  242 74  HOH HOH A . 
B 2 HOH 73  243 75  HOH HOH A . 
B 2 HOH 74  244 76  HOH HOH A . 
B 2 HOH 75  245 77  HOH HOH A . 
B 2 HOH 76  246 78  HOH HOH A . 
B 2 HOH 77  247 79  HOH HOH A . 
B 2 HOH 78  248 80  HOH HOH A . 
B 2 HOH 79  249 81  HOH HOH A . 
B 2 HOH 80  250 82  HOH HOH A . 
B 2 HOH 81  251 83  HOH HOH A . 
B 2 HOH 82  252 84  HOH HOH A . 
B 2 HOH 83  253 85  HOH HOH A . 
B 2 HOH 84  254 88  HOH HOH A . 
B 2 HOH 85  255 89  HOH HOH A . 
B 2 HOH 86  256 90  HOH HOH A . 
B 2 HOH 87  257 91  HOH HOH A . 
B 2 HOH 88  258 92  HOH HOH A . 
B 2 HOH 89  259 93  HOH HOH A . 
B 2 HOH 90  260 94  HOH HOH A . 
B 2 HOH 91  261 95  HOH HOH A . 
B 2 HOH 92  262 96  HOH HOH A . 
B 2 HOH 93  263 97  HOH HOH A . 
B 2 HOH 94  264 98  HOH HOH A . 
B 2 HOH 95  265 99  HOH HOH A . 
B 2 HOH 96  266 100 HOH HOH A . 
B 2 HOH 97  267 101 HOH HOH A . 
B 2 HOH 98  268 102 HOH HOH A . 
B 2 HOH 99  269 104 HOH HOH A . 
B 2 HOH 100 270 105 HOH HOH A . 
B 2 HOH 101 271 106 HOH HOH A . 
B 2 HOH 102 272 107 HOH HOH A . 
B 2 HOH 103 273 108 HOH HOH A . 
B 2 HOH 104 274 109 HOH HOH A . 
B 2 HOH 105 275 110 HOH HOH A . 
B 2 HOH 106 276 111 HOH HOH A . 
B 2 HOH 107 277 112 HOH HOH A . 
B 2 HOH 108 278 113 HOH HOH A . 
B 2 HOH 109 279 114 HOH HOH A . 
B 2 HOH 110 280 115 HOH HOH A . 
B 2 HOH 111 281 116 HOH HOH A . 
B 2 HOH 112 282 118 HOH HOH A . 
B 2 HOH 113 283 119 HOH HOH A . 
B 2 HOH 114 284 121 HOH HOH A . 
B 2 HOH 115 285 124 HOH HOH A . 
B 2 HOH 116 286 129 HOH HOH A . 
B 2 HOH 117 287 130 HOH HOH A . 
B 2 HOH 118 288 131 HOH HOH A . 
B 2 HOH 119 289 132 HOH HOH A . 
B 2 HOH 120 290 133 HOH HOH A . 
B 2 HOH 121 291 134 HOH HOH A . 
B 2 HOH 122 292 135 HOH HOH A . 
B 2 HOH 123 293 136 HOH HOH A . 
B 2 HOH 124 294 138 HOH HOH A . 
B 2 HOH 125 295 139 HOH HOH A . 
B 2 HOH 126 296 143 HOH HOH A . 
B 2 HOH 127 297 144 HOH HOH A . 
B 2 HOH 128 298 146 HOH HOH A . 
B 2 HOH 129 299 147 HOH HOH A . 
B 2 HOH 130 300 148 HOH HOH A . 
B 2 HOH 131 301 151 HOH HOH A . 
B 2 HOH 132 302 152 HOH HOH A . 
B 2 HOH 133 303 153 HOH HOH A . 
B 2 HOH 134 304 154 HOH HOH A . 
B 2 HOH 135 305 156 HOH HOH A . 
B 2 HOH 136 306 158 HOH HOH A . 
B 2 HOH 137 307 161 HOH HOH A . 
B 2 HOH 138 308 162 HOH HOH A . 
B 2 HOH 139 309 163 HOH HOH A . 
B 2 HOH 140 310 164 HOH HOH A . 
B 2 HOH 141 311 166 HOH HOH A . 
B 2 HOH 142 312 167 HOH HOH A . 
B 2 HOH 143 313 168 HOH HOH A . 
B 2 HOH 144 314 169 HOH HOH A . 
# 
loop_
_software.name 
_software.classification 
_software.version 
_software.citation_id 
_software.pdbx_ordinal 
SOLVE     phasing          .   ? 1 
CNS       refinement       1.1 ? 2 
DENZO     'data reduction' .   ? 3 
SCALEPACK 'data scaling'   .   ? 4 
# 
_cell.entry_id           2RER 
_cell.length_a           69.660 
_cell.length_b           105.126 
_cell.length_c           50.259 
_cell.angle_alpha        90.00 
_cell.angle_beta         90.00 
_cell.angle_gamma        90.00 
_cell.Z_PDB              8 
_cell.pdbx_unique_axis   ? 
_cell.length_a_esd       ? 
_cell.length_b_esd       ? 
_cell.length_c_esd       ? 
_cell.angle_alpha_esd    ? 
_cell.angle_beta_esd     ? 
_cell.angle_gamma_esd    ? 
# 
_symmetry.entry_id                         2RER 
_symmetry.space_group_name_H-M             'C 2 2 21' 
_symmetry.pdbx_full_space_group_name_H-M   ? 
_symmetry.cell_setting                     ? 
_symmetry.Int_Tables_number                20 
_symmetry.space_group_name_Hall            ? 
# 
_exptl.entry_id          2RER 
_exptl.method            'X-RAY DIFFRACTION' 
_exptl.crystals_number   1 
# 
_exptl_crystal.id                    1 
_exptl_crystal.density_meas          ? 
_exptl_crystal.density_Matthews      2.30 
_exptl_crystal.density_percent_sol   46.52 
_exptl_crystal.description           ? 
_exptl_crystal.F_000                 ? 
_exptl_crystal.preparation           ? 
# 
_exptl_crystal_grow.crystal_id      1 
_exptl_crystal_grow.method          'VAPOR DIFFUSION, SITTING DROP' 
_exptl_crystal_grow.temp            277 
_exptl_crystal_grow.temp_details    ? 
_exptl_crystal_grow.pH              4.60 
_exptl_crystal_grow.pdbx_details    '24% PEG 8000, 0.1M SODIUM ACETATE, pH 4.60, VAPOR DIFFUSION, SITTING DROP, temperature 277K' 
_exptl_crystal_grow.pdbx_pH_range   . 
# 
loop_
_diffrn.id 
_diffrn.ambient_temp 
_diffrn.ambient_temp_details 
_diffrn.crystal_id 
1 100.0 ? 1 
2 100.0 ? 1 
# 
loop_
_diffrn_detector.diffrn_id 
_diffrn_detector.detector 
_diffrn_detector.type 
_diffrn_detector.pdbx_collection_date 
_diffrn_detector.details 
1 CCD 'ADSC QUANTUM 315' 2004-12-04 MIRRORS 
2 CCD 'ADSC QUANTUM 315' 2004-12-04 MIRRORS 
# 
loop_
_diffrn_radiation.diffrn_id 
_diffrn_radiation.wavelength_id 
_diffrn_radiation.pdbx_monochromatic_or_laue_m_l 
_diffrn_radiation.monochromator 
_diffrn_radiation.pdbx_diffrn_protocol 
_diffrn_radiation.pdbx_scattering_type 
1 1 M 'Double-crystal, Si(111)' 'SINGLE WAVELENGTH' x-ray 
2 2 M 'Double-crystal, Si(111)' MAD                 x-ray 
# 
loop_
_diffrn_radiation_wavelength.id 
_diffrn_radiation_wavelength.wavelength 
_diffrn_radiation_wavelength.wt 
1 0.97957 1.0 
2 0.97956 1.0 
3 0.97958 1.0 
4 0.95372 1.0 
# 
loop_
_diffrn_source.diffrn_id 
_diffrn_source.source 
_diffrn_source.type 
_diffrn_source.pdbx_synchrotron_site 
_diffrn_source.pdbx_synchrotron_beamline 
_diffrn_source.pdbx_wavelength 
_diffrn_source.pdbx_wavelength_list 
1 SYNCHROTRON 'ALS BEAMLINE 5.0.2' ALS 5.0.2 ? 0.97957                     
2 SYNCHROTRON 'ALS BEAMLINE 5.0.2' ALS 5.0.2 ? '0.97956, 0.97958, 0.95372' 
# 
_reflns.entry_id                     2RER 
_reflns.observed_criterion_sigma_I   0.0 
_reflns.observed_criterion_sigma_F   ? 
_reflns.d_resolution_low             50.0 
_reflns.d_resolution_high            1.9 
_reflns.number_obs                   14977 
_reflns.number_all                   15011 
_reflns.percent_possible_obs         99.8 
_reflns.pdbx_Rmerge_I_obs            ? 
_reflns.pdbx_Rsym_value              0.092 
_reflns.pdbx_netI_over_sigmaI        16.9 
_reflns.B_iso_Wilson_estimate        20.3 
_reflns.pdbx_redundancy              7.0 
_reflns.R_free_details               ? 
_reflns.limit_h_max                  ? 
_reflns.limit_h_min                  ? 
_reflns.limit_k_max                  ? 
_reflns.limit_k_min                  ? 
_reflns.limit_l_max                  ? 
_reflns.limit_l_min                  ? 
_reflns.observed_criterion_F_max     ? 
_reflns.observed_criterion_F_min     ? 
_reflns.pdbx_chi_squared             ? 
_reflns.pdbx_scaling_rejects         ? 
_reflns.pdbx_diffrn_id               1,2 
_reflns.pdbx_ordinal                 1 
# 
_reflns_shell.d_res_high             1.90 
_reflns_shell.d_res_low              1.94 
_reflns_shell.percent_possible_all   98.2 
_reflns_shell.Rmerge_I_obs           ? 
_reflns_shell.pdbx_Rsym_value        0.399 
_reflns_shell.meanI_over_sigI_obs    3.400 
_reflns_shell.pdbx_redundancy        5.80 
_reflns_shell.percent_possible_obs   ? 
_reflns_shell.number_unique_all      990 
_reflns_shell.number_measured_all    ? 
_reflns_shell.number_measured_obs    ? 
_reflns_shell.number_unique_obs      ? 
_reflns_shell.pdbx_chi_squared       ? 
_reflns_shell.pdbx_diffrn_id         ? 
_reflns_shell.pdbx_ordinal           1 
# 
_refine.entry_id                                 2RER 
_refine.ls_number_reflns_obs                     14563 
_refine.ls_number_reflns_all                     14933 
_refine.pdbx_ls_sigma_I                          ? 
_refine.pdbx_ls_sigma_F                          0.000 
_refine.pdbx_data_cutoff_high_absF               ? 
_refine.pdbx_data_cutoff_low_absF                ? 
_refine.pdbx_data_cutoff_high_rms_absF           ? 
_refine.ls_d_res_low                             31.31 
_refine.ls_d_res_high                            1.90 
_refine.ls_percent_reflns_obs                    97.5 
_refine.ls_R_factor_obs                          ? 
_refine.ls_R_factor_all                          ? 
_refine.ls_R_factor_R_work                       0.215 
_refine.ls_R_factor_R_free                       0.249 
_refine.ls_R_factor_R_free_error                 ? 
_refine.ls_R_factor_R_free_error_details         ? 
_refine.ls_percent_reflns_R_free                 ? 
_refine.ls_number_reflns_R_free                  1486 
_refine.ls_number_parameters                     ? 
_refine.ls_number_restraints                     ? 
_refine.occupancy_min                            ? 
_refine.occupancy_max                            ? 
_refine.correlation_coeff_Fo_to_Fc               ? 
_refine.correlation_coeff_Fo_to_Fc_free          ? 
_refine.B_iso_mean                               35.50 
_refine.aniso_B[1][1]                            -0.49000 
_refine.aniso_B[2][2]                            -2.59000 
_refine.aniso_B[3][3]                            3.08000 
_refine.aniso_B[1][2]                            0.00000 
_refine.aniso_B[1][3]                            0.00000 
_refine.aniso_B[2][3]                            0.00000 
_refine.solvent_model_details                    ? 
_refine.solvent_model_param_ksol                 ? 
_refine.solvent_model_param_bsol                 ? 
_refine.pdbx_solvent_vdw_probe_radii             ? 
_refine.pdbx_solvent_ion_probe_radii             ? 
_refine.pdbx_solvent_shrinkage_radii             ? 
_refine.pdbx_ls_cross_valid_method               THROUGHOUT 
_refine.details                                  ? 
_refine.pdbx_starting_model                      ? 
_refine.pdbx_method_to_determine_struct          MAD 
_refine.pdbx_isotropic_thermal_model             Restrained 
_refine.pdbx_stereochemistry_target_values       'Engh & Huber' 
_refine.pdbx_stereochem_target_val_spec_case     ? 
_refine.pdbx_R_Free_selection_details            'MAXIMUM LIKELYHOOD' 
_refine.pdbx_overall_ESU_R                       ? 
_refine.pdbx_overall_ESU_R_Free                  ? 
_refine.overall_SU_ML                            ? 
_refine.overall_SU_B                             ? 
_refine.ls_redundancy_reflns_obs                 ? 
_refine.B_iso_min                                ? 
_refine.B_iso_max                                ? 
_refine.overall_SU_R_Cruickshank_DPI             ? 
_refine.overall_SU_R_free                        ? 
_refine.ls_wR_factor_R_free                      ? 
_refine.ls_wR_factor_R_work                      ? 
_refine.overall_FOM_free_R_set                   ? 
_refine.overall_FOM_work_R_set                   ? 
_refine.pdbx_refine_id                           'X-RAY DIFFRACTION' 
_refine.pdbx_diffrn_id                           1 
_refine.pdbx_TLS_residual_ADP_flag               ? 
_refine.pdbx_overall_phase_error                 ? 
_refine.pdbx_overall_SU_R_free_Cruickshank_DPI   ? 
_refine.pdbx_overall_SU_R_Blow_DPI               ? 
_refine.pdbx_overall_SU_R_free_Blow_DPI          ? 
# 
_refine_analyze.entry_id                        2RER 
_refine_analyze.Luzzati_coordinate_error_obs    0.24 
_refine_analyze.Luzzati_sigma_a_obs             0.17 
_refine_analyze.Luzzati_d_res_low_obs           5.00 
_refine_analyze.Luzzati_coordinate_error_free   0.29 
_refine_analyze.Luzzati_sigma_a_free            0.27 
_refine_analyze.Luzzati_d_res_low_free          ? 
_refine_analyze.number_disordered_residues      ? 
_refine_analyze.occupancy_sum_hydrogen          ? 
_refine_analyze.occupancy_sum_non_hydrogen      ? 
_refine_analyze.pdbx_Luzzati_d_res_high_obs     ? 
_refine_analyze.pdbx_refine_id                  'X-RAY DIFFRACTION' 
# 
_refine_hist.pdbx_refine_id                   'X-RAY DIFFRACTION' 
_refine_hist.cycle_id                         LAST 
_refine_hist.pdbx_number_atoms_protein        1270 
_refine_hist.pdbx_number_atoms_nucleic_acid   0 
_refine_hist.pdbx_number_atoms_ligand         0 
_refine_hist.number_atoms_solvent             144 
_refine_hist.number_atoms_total               1414 
_refine_hist.d_res_high                       1.90 
_refine_hist.d_res_low                        31.31 
# 
loop_
_refine_ls_restr.type 
_refine_ls_restr.dev_ideal 
_refine_ls_restr.dev_ideal_target 
_refine_ls_restr.weight 
_refine_ls_restr.number 
_refine_ls_restr.pdbx_refine_id 
_refine_ls_restr.pdbx_restraint_function 
c_bond_d           0.006 ? ? ? 'X-RAY DIFFRACTION' ? 
c_angle_deg        1.1   ? ? ? 'X-RAY DIFFRACTION' ? 
c_dihedral_angle_d 23.0  ? ? ? 'X-RAY DIFFRACTION' ? 
c_improper_angle_d 0.7   ? ? ? 'X-RAY DIFFRACTION' ? 
# 
_refine_ls_shell.pdbx_total_number_of_bins_used   ? 
_refine_ls_shell.d_res_high                       1.90 
_refine_ls_shell.d_res_low                        2.02 
_refine_ls_shell.number_reflns_R_work             ? 
_refine_ls_shell.R_factor_R_work                  0.272 
_refine_ls_shell.percent_reflns_obs               92.10 
_refine_ls_shell.R_factor_R_free                  0.346 
_refine_ls_shell.R_factor_R_free_error            0.022 
_refine_ls_shell.percent_reflns_R_free            ? 
_refine_ls_shell.number_reflns_R_free             247 
_refine_ls_shell.number_reflns_all                ? 
_refine_ls_shell.R_factor_all                     ? 
_refine_ls_shell.number_reflns_obs                2018 
_refine_ls_shell.redundancy_reflns_obs            ? 
_refine_ls_shell.pdbx_refine_id                   'X-RAY DIFFRACTION' 
# 
_struct.entry_id                  2RER 
_struct.title                     'Crystal structure of the aromatase/cyclase domain of TcmN from Streptomyces glaucescens' 
_struct.pdbx_model_details        ? 
_struct.pdbx_CASP_flag            ? 
_struct.pdbx_model_type_details   ? 
# 
_struct_keywords.entry_id        2RER 
_struct_keywords.pdbx_keywords   'BIOSYNTHETIC PROTEIN' 
_struct_keywords.text            
;CYCLASE, AROMATASE, POLYKETIDE, HELIX-GRIP, DEHYDRATASE, ANTICANCER, ANTIBIOTIC, Antibiotic biosynthesis, Methyltransferase, Multifunctional enzyme, Transferase, BIOSYNTHETIC PROTEIN
;
# 
loop_
_struct_asym.id 
_struct_asym.pdbx_blank_PDB_chainid_flag 
_struct_asym.pdbx_modified 
_struct_asym.entity_id 
_struct_asym.details 
A N N 1 ? 
B N N 2 ? 
# 
_struct_ref.id                         1 
_struct_ref.db_name                    UNP 
_struct_ref.db_code                    TCMN_STRGA 
_struct_ref.pdbx_db_accession          P16559 
_struct_ref.entity_id                  1 
_struct_ref.pdbx_seq_one_letter_code   
;MAARTDNSIVVNAPFELVWDVTNDIEAWPELFSEYAEAEILRQDGDGFDFRLKTRPDANGRVWEWVSHRVPDKGSRTVRA
HRVETGPFAYMNLHWTYRAVAGGTEMRWVQEFDMKPGAPFDNAHMTAHLNTTTRANMERIKKIIEDRHREGQRTPASVLP
TELHAQQLLL
;
_struct_ref.pdbx_align_begin           1 
_struct_ref.pdbx_db_isoform            ? 
# 
_struct_ref_seq.align_id                      1 
_struct_ref_seq.ref_id                        1 
_struct_ref_seq.pdbx_PDB_id_code              2RER 
_struct_ref_seq.pdbx_strand_id                A 
_struct_ref_seq.seq_align_beg                 4 
_struct_ref_seq.pdbx_seq_align_beg_ins_code   ? 
_struct_ref_seq.seq_align_end                 173 
_struct_ref_seq.pdbx_seq_align_end_ins_code   ? 
_struct_ref_seq.pdbx_db_accession             P16559 
_struct_ref_seq.db_align_beg                  1 
_struct_ref_seq.pdbx_db_align_beg_ins_code    ? 
_struct_ref_seq.db_align_end                  170 
_struct_ref_seq.pdbx_db_align_end_ins_code    ? 
_struct_ref_seq.pdbx_auth_seq_align_beg       1 
_struct_ref_seq.pdbx_auth_seq_align_end       170 
# 
loop_
_struct_ref_seq_dif.align_id 
_struct_ref_seq_dif.pdbx_pdb_id_code 
_struct_ref_seq_dif.mon_id 
_struct_ref_seq_dif.pdbx_pdb_strand_id 
_struct_ref_seq_dif.seq_num 
_struct_ref_seq_dif.pdbx_pdb_ins_code 
_struct_ref_seq_dif.pdbx_seq_db_name 
_struct_ref_seq_dif.pdbx_seq_db_accession_code 
_struct_ref_seq_dif.db_mon_id 
_struct_ref_seq_dif.pdbx_seq_db_seq_num 
_struct_ref_seq_dif.details 
_struct_ref_seq_dif.pdbx_auth_seq_num 
_struct_ref_seq_dif.pdbx_ordinal 
1 2RER GLY A 1 ? UNP P16559 ? ? 'expression tag' -2 1 
1 2RER SER A 2 ? UNP P16559 ? ? 'expression tag' -1 2 
1 2RER HIS A 3 ? UNP P16559 ? ? 'expression tag' 0  3 
# 
_pdbx_struct_assembly.id                   1 
_pdbx_struct_assembly.details              author_and_software_defined_assembly 
_pdbx_struct_assembly.method_details       PISA 
_pdbx_struct_assembly.oligomeric_details   monomeric 
_pdbx_struct_assembly.oligomeric_count     1 
# 
_pdbx_struct_assembly_gen.assembly_id       1 
_pdbx_struct_assembly_gen.oper_expression   1 
_pdbx_struct_assembly_gen.asym_id_list      A,B 
# 
_pdbx_struct_oper_list.id                   1 
_pdbx_struct_oper_list.type                 'identity operation' 
_pdbx_struct_oper_list.name                 1_555 
_pdbx_struct_oper_list.symmetry_operation   x,y,z 
_pdbx_struct_oper_list.matrix[1][1]         1.0000000000 
_pdbx_struct_oper_list.matrix[1][2]         0.0000000000 
_pdbx_struct_oper_list.matrix[1][3]         0.0000000000 
_pdbx_struct_oper_list.vector[1]            0.0000000000 
_pdbx_struct_oper_list.matrix[2][1]         0.0000000000 
_pdbx_struct_oper_list.matrix[2][2]         1.0000000000 
_pdbx_struct_oper_list.matrix[2][3]         0.0000000000 
_pdbx_struct_oper_list.vector[2]            0.0000000000 
_pdbx_struct_oper_list.matrix[3][1]         0.0000000000 
_pdbx_struct_oper_list.matrix[3][2]         0.0000000000 
_pdbx_struct_oper_list.matrix[3][3]         1.0000000000 
_pdbx_struct_oper_list.vector[3]            0.0000000000 
# 
_struct_biol.id        1 
_struct_biol.details   ? 
# 
loop_
_struct_conf.conf_type_id 
_struct_conf.id 
_struct_conf.pdbx_PDB_helix_id 
_struct_conf.beg_label_comp_id 
_struct_conf.beg_label_asym_id 
_struct_conf.beg_label_seq_id 
_struct_conf.pdbx_beg_PDB_ins_code 
_struct_conf.end_label_comp_id 
_struct_conf.end_label_asym_id 
_struct_conf.end_label_seq_id 
_struct_conf.pdbx_end_PDB_ins_code 
_struct_conf.beg_auth_comp_id 
_struct_conf.beg_auth_asym_id 
_struct_conf.beg_auth_seq_id 
_struct_conf.end_auth_comp_id 
_struct_conf.end_auth_asym_id 
_struct_conf.end_auth_seq_id 
_struct_conf.pdbx_PDB_helix_class 
_struct_conf.details 
_struct_conf.pdbx_PDB_helix_length 
HELX_P HELX_P1 1 PRO A 17  ? ASN A 26  ? PRO A 14  ASN A 23  1 ? 10 
HELX_P HELX_P2 2 ASP A 27  ? GLU A 29  ? ASP A 24  GLU A 26  5 ? 3  
HELX_P HELX_P3 3 ALA A 30  ? PHE A 35  ? ALA A 27  PHE A 32  1 ? 6  
HELX_P HELX_P4 4 ASP A 124 ? GLY A 154 ? ASP A 121 GLY A 151 1 ? 31 
# 
_struct_conf_type.id          HELX_P 
_struct_conf_type.criteria    ? 
_struct_conf_type.reference   ? 
# 
_struct_mon_prot_cis.pdbx_id                1 
_struct_mon_prot_cis.label_comp_id          THR 
_struct_mon_prot_cis.label_seq_id           157 
_struct_mon_prot_cis.label_asym_id          A 
_struct_mon_prot_cis.label_alt_id           . 
_struct_mon_prot_cis.pdbx_PDB_ins_code      ? 
_struct_mon_prot_cis.auth_comp_id           THR 
_struct_mon_prot_cis.auth_seq_id            154 
_struct_mon_prot_cis.auth_asym_id           A 
_struct_mon_prot_cis.pdbx_label_comp_id_2   PRO 
_struct_mon_prot_cis.pdbx_label_seq_id_2    158 
_struct_mon_prot_cis.pdbx_label_asym_id_2   A 
_struct_mon_prot_cis.pdbx_PDB_ins_code_2    ? 
_struct_mon_prot_cis.pdbx_auth_comp_id_2    PRO 
_struct_mon_prot_cis.pdbx_auth_seq_id_2     155 
_struct_mon_prot_cis.pdbx_auth_asym_id_2    A 
_struct_mon_prot_cis.pdbx_PDB_model_num     1 
_struct_mon_prot_cis.pdbx_omega_angle       0.59 
# 
_struct_sheet.id               A 
_struct_sheet.type             ? 
_struct_sheet.number_strands   7 
_struct_sheet.details          ? 
# 
loop_
_struct_sheet_order.sheet_id 
_struct_sheet_order.range_id_1 
_struct_sheet_order.range_id_2 
_struct_sheet_order.offset 
_struct_sheet_order.sense 
A 1 2 ? anti-parallel 
A 2 3 ? anti-parallel 
A 3 4 ? anti-parallel 
A 4 5 ? anti-parallel 
A 5 6 ? anti-parallel 
A 6 7 ? anti-parallel 
# 
loop_
_struct_sheet_range.sheet_id 
_struct_sheet_range.id 
_struct_sheet_range.beg_label_comp_id 
_struct_sheet_range.beg_label_asym_id 
_struct_sheet_range.beg_label_seq_id 
_struct_sheet_range.pdbx_beg_PDB_ins_code 
_struct_sheet_range.end_label_comp_id 
_struct_sheet_range.end_label_asym_id 
_struct_sheet_range.end_label_seq_id 
_struct_sheet_range.pdbx_end_PDB_ins_code 
_struct_sheet_range.beg_auth_comp_id 
_struct_sheet_range.beg_auth_asym_id 
_struct_sheet_range.beg_auth_seq_id 
_struct_sheet_range.end_auth_comp_id 
_struct_sheet_range.end_auth_asym_id 
_struct_sheet_range.end_auth_seq_id 
A 1 ALA A 6   ? VAL A 14  ? ALA A 3   VAL A 11  
A 2 GLY A 106 ? MET A 117 ? GLY A 103 MET A 114 
A 3 PHE A 91  ? VAL A 103 ? PHE A 88  VAL A 100 
A 4 THR A 80  ? ARG A 85  ? THR A 77  ARG A 82  
A 5 GLU A 67  ? ASP A 75  ? GLU A 64  ASP A 72  
A 6 PHE A 51  ? THR A 57  ? PHE A 48  THR A 54  
A 7 TYR A 38  ? ARG A 45  ? TYR A 35  ARG A 42  
# 
loop_
_pdbx_struct_sheet_hbond.sheet_id 
_pdbx_struct_sheet_hbond.range_id_1 
_pdbx_struct_sheet_hbond.range_id_2 
_pdbx_struct_sheet_hbond.range_1_label_atom_id 
_pdbx_struct_sheet_hbond.range_1_label_comp_id 
_pdbx_struct_sheet_hbond.range_1_label_asym_id 
_pdbx_struct_sheet_hbond.range_1_label_seq_id 
_pdbx_struct_sheet_hbond.range_1_PDB_ins_code 
_pdbx_struct_sheet_hbond.range_1_auth_atom_id 
_pdbx_struct_sheet_hbond.range_1_auth_comp_id 
_pdbx_struct_sheet_hbond.range_1_auth_asym_id 
_pdbx_struct_sheet_hbond.range_1_auth_seq_id 
_pdbx_struct_sheet_hbond.range_2_label_atom_id 
_pdbx_struct_sheet_hbond.range_2_label_comp_id 
_pdbx_struct_sheet_hbond.range_2_label_asym_id 
_pdbx_struct_sheet_hbond.range_2_label_seq_id 
_pdbx_struct_sheet_hbond.range_2_PDB_ins_code 
_pdbx_struct_sheet_hbond.range_2_auth_atom_id 
_pdbx_struct_sheet_hbond.range_2_auth_comp_id 
_pdbx_struct_sheet_hbond.range_2_auth_asym_id 
_pdbx_struct_sheet_hbond.range_2_auth_seq_id 
A 1 2 N VAL A 14  ? N VAL A 11  O THR A 107 ? O THR A 104 
A 2 3 O ASP A 116 ? O ASP A 113 N ALA A 92  ? N ALA A 89  
A 3 4 O LEU A 96  ? O LEU A 93  N ALA A 83  ? N ALA A 80  
A 4 5 O ARG A 82  ? O ARG A 79  N VAL A 73  ? N VAL A 70  
A 5 6 O ARG A 72  ? O ARG A 69  N PHE A 51  ? N PHE A 48  
A 6 7 O ARG A 54  ? O ARG A 51  N GLU A 42  ? N GLU A 39  
# 
loop_
_pdbx_validate_torsion.id 
_pdbx_validate_torsion.PDB_model_num 
_pdbx_validate_torsion.auth_comp_id 
_pdbx_validate_torsion.auth_asym_id 
_pdbx_validate_torsion.auth_seq_id 
_pdbx_validate_torsion.PDB_ins_code 
_pdbx_validate_torsion.label_alt_id 
_pdbx_validate_torsion.phi 
_pdbx_validate_torsion.psi 
1 1 ASP A 46 ? ? -63.78 -71.32  
2 1 ASP A 57 ? ? -76.62 -168.76 
# 
loop_
_pdbx_unobs_or_zero_occ_residues.id 
_pdbx_unobs_or_zero_occ_residues.PDB_model_num 
_pdbx_unobs_or_zero_occ_residues.polymer_flag 
_pdbx_unobs_or_zero_occ_residues.occupancy_flag 
_pdbx_unobs_or_zero_occ_residues.auth_asym_id 
_pdbx_unobs_or_zero_occ_residues.auth_comp_id 
_pdbx_unobs_or_zero_occ_residues.auth_seq_id 
_pdbx_unobs_or_zero_occ_residues.PDB_ins_code 
_pdbx_unobs_or_zero_occ_residues.label_asym_id 
_pdbx_unobs_or_zero_occ_residues.label_comp_id 
_pdbx_unobs_or_zero_occ_residues.label_seq_id 
1  1 Y 1 A GLY -2  ? A GLY 1   
2  1 Y 1 A SER -1  ? A SER 2   
3  1 Y 1 A HIS 0   ? A HIS 3   
4  1 Y 1 A ALA 156 ? A ALA 159 
5  1 Y 1 A SER 157 ? A SER 160 
6  1 Y 1 A VAL 158 ? A VAL 161 
7  1 Y 1 A LEU 159 ? A LEU 162 
8  1 Y 1 A PRO 160 ? A PRO 163 
9  1 Y 1 A THR 161 ? A THR 164 
10 1 Y 1 A GLU 162 ? A GLU 165 
11 1 Y 1 A LEU 163 ? A LEU 166 
12 1 Y 1 A HIS 164 ? A HIS 167 
13 1 Y 1 A ALA 165 ? A ALA 168 
14 1 Y 1 A GLN 166 ? A GLN 169 
15 1 Y 1 A GLN 167 ? A GLN 170 
16 1 Y 1 A LEU 168 ? A LEU 171 
17 1 Y 1 A LEU 169 ? A LEU 172 
18 1 Y 1 A LEU 170 ? A LEU 173 
# 
loop_
_chem_comp_atom.comp_id 
_chem_comp_atom.atom_id 
_chem_comp_atom.type_symbol 
_chem_comp_atom.pdbx_aromatic_flag 
_chem_comp_atom.pdbx_stereo_config 
_chem_comp_atom.pdbx_ordinal 
ALA N    N N N 1   
ALA CA   C N S 2   
ALA C    C N N 3   
ALA O    O N N 4   
ALA CB   C N N 5   
ALA OXT  O N N 6   
ALA H    H N N 7   
ALA H2   H N N 8   
ALA HA   H N N 9   
ALA HB1  H N N 10  
ALA HB2  H N N 11  
ALA HB3  H N N 12  
ALA HXT  H N N 13  
ARG N    N N N 14  
ARG CA   C N S 15  
ARG C    C N N 16  
ARG O    O N N 17  
ARG CB   C N N 18  
ARG CG   C N N 19  
ARG CD   C N N 20  
ARG NE   N N N 21  
ARG CZ   C N N 22  
ARG NH1  N N N 23  
ARG NH2  N N N 24  
ARG OXT  O N N 25  
ARG H    H N N 26  
ARG H2   H N N 27  
ARG HA   H N N 28  
ARG HB2  H N N 29  
ARG HB3  H N N 30  
ARG HG2  H N N 31  
ARG HG3  H N N 32  
ARG HD2  H N N 33  
ARG HD3  H N N 34  
ARG HE   H N N 35  
ARG HH11 H N N 36  
ARG HH12 H N N 37  
ARG HH21 H N N 38  
ARG HH22 H N N 39  
ARG HXT  H N N 40  
ASN N    N N N 41  
ASN CA   C N S 42  
ASN C    C N N 43  
ASN O    O N N 44  
ASN CB   C N N 45  
ASN CG   C N N 46  
ASN OD1  O N N 47  
ASN ND2  N N N 48  
ASN OXT  O N N 49  
ASN H    H N N 50  
ASN H2   H N N 51  
ASN HA   H N N 52  
ASN HB2  H N N 53  
ASN HB3  H N N 54  
ASN HD21 H N N 55  
ASN HD22 H N N 56  
ASN HXT  H N N 57  
ASP N    N N N 58  
ASP CA   C N S 59  
ASP C    C N N 60  
ASP O    O N N 61  
ASP CB   C N N 62  
ASP CG   C N N 63  
ASP OD1  O N N 64  
ASP OD2  O N N 65  
ASP OXT  O N N 66  
ASP H    H N N 67  
ASP H2   H N N 68  
ASP HA   H N N 69  
ASP HB2  H N N 70  
ASP HB3  H N N 71  
ASP HD2  H N N 72  
ASP HXT  H N N 73  
GLN N    N N N 74  
GLN CA   C N S 75  
GLN C    C N N 76  
GLN O    O N N 77  
GLN CB   C N N 78  
GLN CG   C N N 79  
GLN CD   C N N 80  
GLN OE1  O N N 81  
GLN NE2  N N N 82  
GLN OXT  O N N 83  
GLN H    H N N 84  
GLN H2   H N N 85  
GLN HA   H N N 86  
GLN HB2  H N N 87  
GLN HB3  H N N 88  
GLN HG2  H N N 89  
GLN HG3  H N N 90  
GLN HE21 H N N 91  
GLN HE22 H N N 92  
GLN HXT  H N N 93  
GLU N    N N N 94  
GLU CA   C N S 95  
GLU C    C N N 96  
GLU O    O N N 97  
GLU CB   C N N 98  
GLU CG   C N N 99  
GLU CD   C N N 100 
GLU OE1  O N N 101 
GLU OE2  O N N 102 
GLU OXT  O N N 103 
GLU H    H N N 104 
GLU H2   H N N 105 
GLU HA   H N N 106 
GLU HB2  H N N 107 
GLU HB3  H N N 108 
GLU HG2  H N N 109 
GLU HG3  H N N 110 
GLU HE2  H N N 111 
GLU HXT  H N N 112 
GLY N    N N N 113 
GLY CA   C N N 114 
GLY C    C N N 115 
GLY O    O N N 116 
GLY OXT  O N N 117 
GLY H    H N N 118 
GLY H2   H N N 119 
GLY HA2  H N N 120 
GLY HA3  H N N 121 
GLY HXT  H N N 122 
HIS N    N N N 123 
HIS CA   C N S 124 
HIS C    C N N 125 
HIS O    O N N 126 
HIS CB   C N N 127 
HIS CG   C Y N 128 
HIS ND1  N Y N 129 
HIS CD2  C Y N 130 
HIS CE1  C Y N 131 
HIS NE2  N Y N 132 
HIS OXT  O N N 133 
HIS H    H N N 134 
HIS H2   H N N 135 
HIS HA   H N N 136 
HIS HB2  H N N 137 
HIS HB3  H N N 138 
HIS HD1  H N N 139 
HIS HD2  H N N 140 
HIS HE1  H N N 141 
HIS HE2  H N N 142 
HIS HXT  H N N 143 
HOH O    O N N 144 
HOH H1   H N N 145 
HOH H2   H N N 146 
ILE N    N N N 147 
ILE CA   C N S 148 
ILE C    C N N 149 
ILE O    O N N 150 
ILE CB   C N S 151 
ILE CG1  C N N 152 
ILE CG2  C N N 153 
ILE CD1  C N N 154 
ILE OXT  O N N 155 
ILE H    H N N 156 
ILE H2   H N N 157 
ILE HA   H N N 158 
ILE HB   H N N 159 
ILE HG12 H N N 160 
ILE HG13 H N N 161 
ILE HG21 H N N 162 
ILE HG22 H N N 163 
ILE HG23 H N N 164 
ILE HD11 H N N 165 
ILE HD12 H N N 166 
ILE HD13 H N N 167 
ILE HXT  H N N 168 
LEU N    N N N 169 
LEU CA   C N S 170 
LEU C    C N N 171 
LEU O    O N N 172 
LEU CB   C N N 173 
LEU CG   C N N 174 
LEU CD1  C N N 175 
LEU CD2  C N N 176 
LEU OXT  O N N 177 
LEU H    H N N 178 
LEU H2   H N N 179 
LEU HA   H N N 180 
LEU HB2  H N N 181 
LEU HB3  H N N 182 
LEU HG   H N N 183 
LEU HD11 H N N 184 
LEU HD12 H N N 185 
LEU HD13 H N N 186 
LEU HD21 H N N 187 
LEU HD22 H N N 188 
LEU HD23 H N N 189 
LEU HXT  H N N 190 
LYS N    N N N 191 
LYS CA   C N S 192 
LYS C    C N N 193 
LYS O    O N N 194 
LYS CB   C N N 195 
LYS CG   C N N 196 
LYS CD   C N N 197 
LYS CE   C N N 198 
LYS NZ   N N N 199 
LYS OXT  O N N 200 
LYS H    H N N 201 
LYS H2   H N N 202 
LYS HA   H N N 203 
LYS HB2  H N N 204 
LYS HB3  H N N 205 
LYS HG2  H N N 206 
LYS HG3  H N N 207 
LYS HD2  H N N 208 
LYS HD3  H N N 209 
LYS HE2  H N N 210 
LYS HE3  H N N 211 
LYS HZ1  H N N 212 
LYS HZ2  H N N 213 
LYS HZ3  H N N 214 
LYS HXT  H N N 215 
MET N    N N N 216 
MET CA   C N S 217 
MET C    C N N 218 
MET O    O N N 219 
MET CB   C N N 220 
MET CG   C N N 221 
MET SD   S N N 222 
MET CE   C N N 223 
MET OXT  O N N 224 
MET H    H N N 225 
MET H2   H N N 226 
MET HA   H N N 227 
MET HB2  H N N 228 
MET HB3  H N N 229 
MET HG2  H N N 230 
MET HG3  H N N 231 
MET HE1  H N N 232 
MET HE2  H N N 233 
MET HE3  H N N 234 
MET HXT  H N N 235 
PHE N    N N N 236 
PHE CA   C N S 237 
PHE C    C N N 238 
PHE O    O N N 239 
PHE CB   C N N 240 
PHE CG   C Y N 241 
PHE CD1  C Y N 242 
PHE CD2  C Y N 243 
PHE CE1  C Y N 244 
PHE CE2  C Y N 245 
PHE CZ   C Y N 246 
PHE OXT  O N N 247 
PHE H    H N N 248 
PHE H2   H N N 249 
PHE HA   H N N 250 
PHE HB2  H N N 251 
PHE HB3  H N N 252 
PHE HD1  H N N 253 
PHE HD2  H N N 254 
PHE HE1  H N N 255 
PHE HE2  H N N 256 
PHE HZ   H N N 257 
PHE HXT  H N N 258 
PRO N    N N N 259 
PRO CA   C N S 260 
PRO C    C N N 261 
PRO O    O N N 262 
PRO CB   C N N 263 
PRO CG   C N N 264 
PRO CD   C N N 265 
PRO OXT  O N N 266 
PRO H    H N N 267 
PRO HA   H N N 268 
PRO HB2  H N N 269 
PRO HB3  H N N 270 
PRO HG2  H N N 271 
PRO HG3  H N N 272 
PRO HD2  H N N 273 
PRO HD3  H N N 274 
PRO HXT  H N N 275 
SER N    N N N 276 
SER CA   C N S 277 
SER C    C N N 278 
SER O    O N N 279 
SER CB   C N N 280 
SER OG   O N N 281 
SER OXT  O N N 282 
SER H    H N N 283 
SER H2   H N N 284 
SER HA   H N N 285 
SER HB2  H N N 286 
SER HB3  H N N 287 
SER HG   H N N 288 
SER HXT  H N N 289 
THR N    N N N 290 
THR CA   C N S 291 
THR C    C N N 292 
THR O    O N N 293 
THR CB   C N R 294 
THR OG1  O N N 295 
THR CG2  C N N 296 
THR OXT  O N N 297 
THR H    H N N 298 
THR H2   H N N 299 
THR HA   H N N 300 
THR HB   H N N 301 
THR HG1  H N N 302 
THR HG21 H N N 303 
THR HG22 H N N 304 
THR HG23 H N N 305 
THR HXT  H N N 306 
TRP N    N N N 307 
TRP CA   C N S 308 
TRP C    C N N 309 
TRP O    O N N 310 
TRP CB   C N N 311 
TRP CG   C Y N 312 
TRP CD1  C Y N 313 
TRP CD2  C Y N 314 
TRP NE1  N Y N 315 
TRP CE2  C Y N 316 
TRP CE3  C Y N 317 
TRP CZ2  C Y N 318 
TRP CZ3  C Y N 319 
TRP CH2  C Y N 320 
TRP OXT  O N N 321 
TRP H    H N N 322 
TRP H2   H N N 323 
TRP HA   H N N 324 
TRP HB2  H N N 325 
TRP HB3  H N N 326 
TRP HD1  H N N 327 
TRP HE1  H N N 328 
TRP HE3  H N N 329 
TRP HZ2  H N N 330 
TRP HZ3  H N N 331 
TRP HH2  H N N 332 
TRP HXT  H N N 333 
TYR N    N N N 334 
TYR CA   C N S 335 
TYR C    C N N 336 
TYR O    O N N 337 
TYR CB   C N N 338 
TYR CG   C Y N 339 
TYR CD1  C Y N 340 
TYR CD2  C Y N 341 
TYR CE1  C Y N 342 
TYR CE2  C Y N 343 
TYR CZ   C Y N 344 
TYR OH   O N N 345 
TYR OXT  O N N 346 
TYR H    H N N 347 
TYR H2   H N N 348 
TYR HA   H N N 349 
TYR HB2  H N N 350 
TYR HB3  H N N 351 
TYR HD1  H N N 352 
TYR HD2  H N N 353 
TYR HE1  H N N 354 
TYR HE2  H N N 355 
TYR HH   H N N 356 
TYR HXT  H N N 357 
VAL N    N N N 358 
VAL CA   C N S 359 
VAL C    C N N 360 
VAL O    O N N 361 
VAL CB   C N N 362 
VAL CG1  C N N 363 
VAL CG2  C N N 364 
VAL OXT  O N N 365 
VAL H    H N N 366 
VAL H2   H N N 367 
VAL HA   H N N 368 
VAL HB   H N N 369 
VAL HG11 H N N 370 
VAL HG12 H N N 371 
VAL HG13 H N N 372 
VAL HG21 H N N 373 
VAL HG22 H N N 374 
VAL HG23 H N N 375 
VAL HXT  H N N 376 
# 
loop_
_chem_comp_bond.comp_id 
_chem_comp_bond.atom_id_1 
_chem_comp_bond.atom_id_2 
_chem_comp_bond.value_order 
_chem_comp_bond.pdbx_aromatic_flag 
_chem_comp_bond.pdbx_stereo_config 
_chem_comp_bond.pdbx_ordinal 
ALA N   CA   sing N N 1   
ALA N   H    sing N N 2   
ALA N   H2   sing N N 3   
ALA CA  C    sing N N 4   
ALA CA  CB   sing N N 5   
ALA CA  HA   sing N N 6   
ALA C   O    doub N N 7   
ALA C   OXT  sing N N 8   
ALA CB  HB1  sing N N 9   
ALA CB  HB2  sing N N 10  
ALA CB  HB3  sing N N 11  
ALA OXT HXT  sing N N 12  
ARG N   CA   sing N N 13  
ARG N   H    sing N N 14  
ARG N   H2   sing N N 15  
ARG CA  C    sing N N 16  
ARG CA  CB   sing N N 17  
ARG CA  HA   sing N N 18  
ARG C   O    doub N N 19  
ARG C   OXT  sing N N 20  
ARG CB  CG   sing N N 21  
ARG CB  HB2  sing N N 22  
ARG CB  HB3  sing N N 23  
ARG CG  CD   sing N N 24  
ARG CG  HG2  sing N N 25  
ARG CG  HG3  sing N N 26  
ARG CD  NE   sing N N 27  
ARG CD  HD2  sing N N 28  
ARG CD  HD3  sing N N 29  
ARG NE  CZ   sing N N 30  
ARG NE  HE   sing N N 31  
ARG CZ  NH1  sing N N 32  
ARG CZ  NH2  doub N N 33  
ARG NH1 HH11 sing N N 34  
ARG NH1 HH12 sing N N 35  
ARG NH2 HH21 sing N N 36  
ARG NH2 HH22 sing N N 37  
ARG OXT HXT  sing N N 38  
ASN N   CA   sing N N 39  
ASN N   H    sing N N 40  
ASN N   H2   sing N N 41  
ASN CA  C    sing N N 42  
ASN CA  CB   sing N N 43  
ASN CA  HA   sing N N 44  
ASN C   O    doub N N 45  
ASN C   OXT  sing N N 46  
ASN CB  CG   sing N N 47  
ASN CB  HB2  sing N N 48  
ASN CB  HB3  sing N N 49  
ASN CG  OD1  doub N N 50  
ASN CG  ND2  sing N N 51  
ASN ND2 HD21 sing N N 52  
ASN ND2 HD22 sing N N 53  
ASN OXT HXT  sing N N 54  
ASP N   CA   sing N N 55  
ASP N   H    sing N N 56  
ASP N   H2   sing N N 57  
ASP CA  C    sing N N 58  
ASP CA  CB   sing N N 59  
ASP CA  HA   sing N N 60  
ASP C   O    doub N N 61  
ASP C   OXT  sing N N 62  
ASP CB  CG   sing N N 63  
ASP CB  HB2  sing N N 64  
ASP CB  HB3  sing N N 65  
ASP CG  OD1  doub N N 66  
ASP CG  OD2  sing N N 67  
ASP OD2 HD2  sing N N 68  
ASP OXT HXT  sing N N 69  
GLN N   CA   sing N N 70  
GLN N   H    sing N N 71  
GLN N   H2   sing N N 72  
GLN CA  C    sing N N 73  
GLN CA  CB   sing N N 74  
GLN CA  HA   sing N N 75  
GLN C   O    doub N N 76  
GLN C   OXT  sing N N 77  
GLN CB  CG   sing N N 78  
GLN CB  HB2  sing N N 79  
GLN CB  HB3  sing N N 80  
GLN CG  CD   sing N N 81  
GLN CG  HG2  sing N N 82  
GLN CG  HG3  sing N N 83  
GLN CD  OE1  doub N N 84  
GLN CD  NE2  sing N N 85  
GLN NE2 HE21 sing N N 86  
GLN NE2 HE22 sing N N 87  
GLN OXT HXT  sing N N 88  
GLU N   CA   sing N N 89  
GLU N   H    sing N N 90  
GLU N   H2   sing N N 91  
GLU CA  C    sing N N 92  
GLU CA  CB   sing N N 93  
GLU CA  HA   sing N N 94  
GLU C   O    doub N N 95  
GLU C   OXT  sing N N 96  
GLU CB  CG   sing N N 97  
GLU CB  HB2  sing N N 98  
GLU CB  HB3  sing N N 99  
GLU CG  CD   sing N N 100 
GLU CG  HG2  sing N N 101 
GLU CG  HG3  sing N N 102 
GLU CD  OE1  doub N N 103 
GLU CD  OE2  sing N N 104 
GLU OE2 HE2  sing N N 105 
GLU OXT HXT  sing N N 106 
GLY N   CA   sing N N 107 
GLY N   H    sing N N 108 
GLY N   H2   sing N N 109 
GLY CA  C    sing N N 110 
GLY CA  HA2  sing N N 111 
GLY CA  HA3  sing N N 112 
GLY C   O    doub N N 113 
GLY C   OXT  sing N N 114 
GLY OXT HXT  sing N N 115 
HIS N   CA   sing N N 116 
HIS N   H    sing N N 117 
HIS N   H2   sing N N 118 
HIS CA  C    sing N N 119 
HIS CA  CB   sing N N 120 
HIS CA  HA   sing N N 121 
HIS C   O    doub N N 122 
HIS C   OXT  sing N N 123 
HIS CB  CG   sing N N 124 
HIS CB  HB2  sing N N 125 
HIS CB  HB3  sing N N 126 
HIS CG  ND1  sing Y N 127 
HIS CG  CD2  doub Y N 128 
HIS ND1 CE1  doub Y N 129 
HIS ND1 HD1  sing N N 130 
HIS CD2 NE2  sing Y N 131 
HIS CD2 HD2  sing N N 132 
HIS CE1 NE2  sing Y N 133 
HIS CE1 HE1  sing N N 134 
HIS NE2 HE2  sing N N 135 
HIS OXT HXT  sing N N 136 
HOH O   H1   sing N N 137 
HOH O   H2   sing N N 138 
ILE N   CA   sing N N 139 
ILE N   H    sing N N 140 
ILE N   H2   sing N N 141 
ILE CA  C    sing N N 142 
ILE CA  CB   sing N N 143 
ILE CA  HA   sing N N 144 
ILE C   O    doub N N 145 
ILE C   OXT  sing N N 146 
ILE CB  CG1  sing N N 147 
ILE CB  CG2  sing N N 148 
ILE CB  HB   sing N N 149 
ILE CG1 CD1  sing N N 150 
ILE CG1 HG12 sing N N 151 
ILE CG1 HG13 sing N N 152 
ILE CG2 HG21 sing N N 153 
ILE CG2 HG22 sing N N 154 
ILE CG2 HG23 sing N N 155 
ILE CD1 HD11 sing N N 156 
ILE CD1 HD12 sing N N 157 
ILE CD1 HD13 sing N N 158 
ILE OXT HXT  sing N N 159 
LEU N   CA   sing N N 160 
LEU N   H    sing N N 161 
LEU N   H2   sing N N 162 
LEU CA  C    sing N N 163 
LEU CA  CB   sing N N 164 
LEU CA  HA   sing N N 165 
LEU C   O    doub N N 166 
LEU C   OXT  sing N N 167 
LEU CB  CG   sing N N 168 
LEU CB  HB2  sing N N 169 
LEU CB  HB3  sing N N 170 
LEU CG  CD1  sing N N 171 
LEU CG  CD2  sing N N 172 
LEU CG  HG   sing N N 173 
LEU CD1 HD11 sing N N 174 
LEU CD1 HD12 sing N N 175 
LEU CD1 HD13 sing N N 176 
LEU CD2 HD21 sing N N 177 
LEU CD2 HD22 sing N N 178 
LEU CD2 HD23 sing N N 179 
LEU OXT HXT  sing N N 180 
LYS N   CA   sing N N 181 
LYS N   H    sing N N 182 
LYS N   H2   sing N N 183 
LYS CA  C    sing N N 184 
LYS CA  CB   sing N N 185 
LYS CA  HA   sing N N 186 
LYS C   O    doub N N 187 
LYS C   OXT  sing N N 188 
LYS CB  CG   sing N N 189 
LYS CB  HB2  sing N N 190 
LYS CB  HB3  sing N N 191 
LYS CG  CD   sing N N 192 
LYS CG  HG2  sing N N 193 
LYS CG  HG3  sing N N 194 
LYS CD  CE   sing N N 195 
LYS CD  HD2  sing N N 196 
LYS CD  HD3  sing N N 197 
LYS CE  NZ   sing N N 198 
LYS CE  HE2  sing N N 199 
LYS CE  HE3  sing N N 200 
LYS NZ  HZ1  sing N N 201 
LYS NZ  HZ2  sing N N 202 
LYS NZ  HZ3  sing N N 203 
LYS OXT HXT  sing N N 204 
MET N   CA   sing N N 205 
MET N   H    sing N N 206 
MET N   H2   sing N N 207 
MET CA  C    sing N N 208 
MET CA  CB   sing N N 209 
MET CA  HA   sing N N 210 
MET C   O    doub N N 211 
MET C   OXT  sing N N 212 
MET CB  CG   sing N N 213 
MET CB  HB2  sing N N 214 
MET CB  HB3  sing N N 215 
MET CG  SD   sing N N 216 
MET CG  HG2  sing N N 217 
MET CG  HG3  sing N N 218 
MET SD  CE   sing N N 219 
MET CE  HE1  sing N N 220 
MET CE  HE2  sing N N 221 
MET CE  HE3  sing N N 222 
MET OXT HXT  sing N N 223 
PHE N   CA   sing N N 224 
PHE N   H    sing N N 225 
PHE N   H2   sing N N 226 
PHE CA  C    sing N N 227 
PHE CA  CB   sing N N 228 
PHE CA  HA   sing N N 229 
PHE C   O    doub N N 230 
PHE C   OXT  sing N N 231 
PHE CB  CG   sing N N 232 
PHE CB  HB2  sing N N 233 
PHE CB  HB3  sing N N 234 
PHE CG  CD1  doub Y N 235 
PHE CG  CD2  sing Y N 236 
PHE CD1 CE1  sing Y N 237 
PHE CD1 HD1  sing N N 238 
PHE CD2 CE2  doub Y N 239 
PHE CD2 HD2  sing N N 240 
PHE CE1 CZ   doub Y N 241 
PHE CE1 HE1  sing N N 242 
PHE CE2 CZ   sing Y N 243 
PHE CE2 HE2  sing N N 244 
PHE CZ  HZ   sing N N 245 
PHE OXT HXT  sing N N 246 
PRO N   CA   sing N N 247 
PRO N   CD   sing N N 248 
PRO N   H    sing N N 249 
PRO CA  C    sing N N 250 
PRO CA  CB   sing N N 251 
PRO CA  HA   sing N N 252 
PRO C   O    doub N N 253 
PRO C   OXT  sing N N 254 
PRO CB  CG   sing N N 255 
PRO CB  HB2  sing N N 256 
PRO CB  HB3  sing N N 257 
PRO CG  CD   sing N N 258 
PRO CG  HG2  sing N N 259 
PRO CG  HG3  sing N N 260 
PRO CD  HD2  sing N N 261 
PRO CD  HD3  sing N N 262 
PRO OXT HXT  sing N N 263 
SER N   CA   sing N N 264 
SER N   H    sing N N 265 
SER N   H2   sing N N 266 
SER CA  C    sing N N 267 
SER CA  CB   sing N N 268 
SER CA  HA   sing N N 269 
SER C   O    doub N N 270 
SER C   OXT  sing N N 271 
SER CB  OG   sing N N 272 
SER CB  HB2  sing N N 273 
SER CB  HB3  sing N N 274 
SER OG  HG   sing N N 275 
SER OXT HXT  sing N N 276 
THR N   CA   sing N N 277 
THR N   H    sing N N 278 
THR N   H2   sing N N 279 
THR CA  C    sing N N 280 
THR CA  CB   sing N N 281 
THR CA  HA   sing N N 282 
THR C   O    doub N N 283 
THR C   OXT  sing N N 284 
THR CB  OG1  sing N N 285 
THR CB  CG2  sing N N 286 
THR CB  HB   sing N N 287 
THR OG1 HG1  sing N N 288 
THR CG2 HG21 sing N N 289 
THR CG2 HG22 sing N N 290 
THR CG2 HG23 sing N N 291 
THR OXT HXT  sing N N 292 
TRP N   CA   sing N N 293 
TRP N   H    sing N N 294 
TRP N   H2   sing N N 295 
TRP CA  C    sing N N 296 
TRP CA  CB   sing N N 297 
TRP CA  HA   sing N N 298 
TRP C   O    doub N N 299 
TRP C   OXT  sing N N 300 
TRP CB  CG   sing N N 301 
TRP CB  HB2  sing N N 302 
TRP CB  HB3  sing N N 303 
TRP CG  CD1  doub Y N 304 
TRP CG  CD2  sing Y N 305 
TRP CD1 NE1  sing Y N 306 
TRP CD1 HD1  sing N N 307 
TRP CD2 CE2  doub Y N 308 
TRP CD2 CE3  sing Y N 309 
TRP NE1 CE2  sing Y N 310 
TRP NE1 HE1  sing N N 311 
TRP CE2 CZ2  sing Y N 312 
TRP CE3 CZ3  doub Y N 313 
TRP CE3 HE3  sing N N 314 
TRP CZ2 CH2  doub Y N 315 
TRP CZ2 HZ2  sing N N 316 
TRP CZ3 CH2  sing Y N 317 
TRP CZ3 HZ3  sing N N 318 
TRP CH2 HH2  sing N N 319 
TRP OXT HXT  sing N N 320 
TYR N   CA   sing N N 321 
TYR N   H    sing N N 322 
TYR N   H2   sing N N 323 
TYR CA  C    sing N N 324 
TYR CA  CB   sing N N 325 
TYR CA  HA   sing N N 326 
TYR C   O    doub N N 327 
TYR C   OXT  sing N N 328 
TYR CB  CG   sing N N 329 
TYR CB  HB2  sing N N 330 
TYR CB  HB3  sing N N 331 
TYR CG  CD1  doub Y N 332 
TYR CG  CD2  sing Y N 333 
TYR CD1 CE1  sing Y N 334 
TYR CD1 HD1  sing N N 335 
TYR CD2 CE2  doub Y N 336 
TYR CD2 HD2  sing N N 337 
TYR CE1 CZ   doub Y N 338 
TYR CE1 HE1  sing N N 339 
TYR CE2 CZ   sing Y N 340 
TYR CE2 HE2  sing N N 341 
TYR CZ  OH   sing N N 342 
TYR OH  HH   sing N N 343 
TYR OXT HXT  sing N N 344 
VAL N   CA   sing N N 345 
VAL N   H    sing N N 346 
VAL N   H2   sing N N 347 
VAL CA  C    sing N N 348 
VAL CA  CB   sing N N 349 
VAL CA  HA   sing N N 350 
VAL C   O    doub N N 351 
VAL C   OXT  sing N N 352 
VAL CB  CG1  sing N N 353 
VAL CB  CG2  sing N N 354 
VAL CB  HB   sing N N 355 
VAL CG1 HG11 sing N N 356 
VAL CG1 HG12 sing N N 357 
VAL CG1 HG13 sing N N 358 
VAL CG2 HG21 sing N N 359 
VAL CG2 HG22 sing N N 360 
VAL CG2 HG23 sing N N 361 
VAL OXT HXT  sing N N 362 
# 
_atom_sites.entry_id                    2RER 
_atom_sites.fract_transf_matrix[1][1]   0.00609559 
_atom_sites.fract_transf_matrix[1][2]   0.00821422 
_atom_sites.fract_transf_matrix[1][3]   0.01007156 
_atom_sites.fract_transf_matrix[2][1]   0.00676724 
_atom_sites.fract_transf_matrix[2][2]   0.00255289 
_atom_sites.fract_transf_matrix[2][3]   -0.00617782 
_atom_sites.fract_transf_matrix[3][1]   -0.01114122 
_atom_sites.fract_transf_matrix[3][2]   0.01541899 
_atom_sites.fract_transf_matrix[3][3]   -0.00583254 
_atom_sites.fract_transf_vector[1]      0.881112 
_atom_sites.fract_transf_vector[2]      0.202988 
_atom_sites.fract_transf_vector[3]      -0.009424 
# 
loop_
_atom_type.symbol 
C 
N 
O 
S 
# 
loop_
_atom_site.group_PDB 
_atom_site.id 
_atom_site.type_symbol 
_atom_site.label_atom_id 
_atom_site.label_alt_id 
_atom_site.label_comp_id 
_atom_site.label_asym_id 
_atom_site.label_entity_id 
_atom_site.label_seq_id 
_atom_site.pdbx_PDB_ins_code 
_atom_site.Cartn_x 
_atom_site.Cartn_y 
_atom_site.Cartn_z 
_atom_site.occupancy 
_atom_site.B_iso_or_equiv 
_atom_site.pdbx_formal_charge 
_atom_site.auth_seq_id 
_atom_site.auth_comp_id 
_atom_site.auth_asym_id 
_atom_site.auth_atom_id 
_atom_site.pdbx_PDB_model_num 
ATOM   1    N N   . MET A 1 4   ? -20.743 10.272  -2.296  1.00 76.31 ? 1   MET A N   1 
ATOM   2    C CA  . MET A 1 4   ? -21.312 8.951   -2.691  1.00 77.01 ? 1   MET A CA  1 
ATOM   3    C C   . MET A 1 4   ? -20.285 7.826   -2.570  1.00 73.32 ? 1   MET A C   1 
ATOM   4    O O   . MET A 1 4   ? -20.567 6.782   -1.981  1.00 74.89 ? 1   MET A O   1 
ATOM   5    C CB  . MET A 1 4   ? -21.842 9.017   -4.127  1.00 81.48 ? 1   MET A CB  1 
ATOM   6    C CG  . MET A 1 4   ? -23.011 9.976   -4.314  1.00 87.08 ? 1   MET A CG  1 
ATOM   7    S SD  . MET A 1 4   ? -23.652 10.004  -6.006  1.00 92.80 ? 1   MET A SD  1 
ATOM   8    C CE  . MET A 1 4   ? -22.841 11.472  -6.658  1.00 92.39 ? 1   MET A CE  1 
ATOM   9    N N   . ALA A 1 5   ? -19.096 8.042   -3.126  1.00 66.55 ? 2   ALA A N   1 
ATOM   10   C CA  . ALA A 1 5   ? -18.028 7.044   -3.077  1.00 57.99 ? 2   ALA A CA  1 
ATOM   11   C C   . ALA A 1 5   ? -16.971 7.441   -2.047  1.00 50.78 ? 2   ALA A C   1 
ATOM   12   O O   . ALA A 1 5   ? -16.537 8.589   -2.005  1.00 52.04 ? 2   ALA A O   1 
ATOM   13   C CB  . ALA A 1 5   ? -17.391 6.899   -4.451  1.00 58.52 ? 2   ALA A CB  1 
ATOM   14   N N   . ALA A 1 6   ? -16.557 6.485   -1.223  1.00 40.39 ? 3   ALA A N   1 
ATOM   15   C CA  . ALA A 1 6   ? -15.560 6.747   -0.193  1.00 30.76 ? 3   ALA A CA  1 
ATOM   16   C C   . ALA A 1 6   ? -14.172 6.969   -0.787  1.00 29.70 ? 3   ALA A C   1 
ATOM   17   O O   . ALA A 1 6   ? -13.863 6.488   -1.879  1.00 25.03 ? 3   ALA A O   1 
ATOM   18   C CB  . ALA A 1 6   ? -15.528 5.602   0.800   1.00 30.97 ? 3   ALA A CB  1 
ATOM   19   N N   . ARG A 1 7   ? -13.334 7.689   -0.051  1.00 27.02 ? 4   ARG A N   1 
ATOM   20   C CA  . ARG A 1 7   ? -11.990 7.993   -0.517  1.00 30.29 ? 4   ARG A CA  1 
ATOM   21   C C   . ARG A 1 7   ? -11.060 8.402   0.619   1.00 28.46 ? 4   ARG A C   1 
ATOM   22   O O   . ARG A 1 7   ? -11.483 9.027   1.591   1.00 28.90 ? 4   ARG A O   1 
ATOM   23   C CB  . ARG A 1 7   ? -12.070 9.124   -1.545  1.00 34.32 ? 4   ARG A CB  1 
ATOM   24   C CG  . ARG A 1 7   ? -10.741 9.752   -1.922  1.00 43.72 ? 4   ARG A CG  1 
ATOM   25   C CD  . ARG A 1 7   ? -10.927 11.239  -2.190  1.00 46.32 ? 4   ARG A CD  1 
ATOM   26   N NE  . ARG A 1 7   ? -9.697  11.891  -2.629  1.00 45.54 ? 4   ARG A NE  1 
ATOM   27   C CZ  . ARG A 1 7   ? -9.147  11.714  -3.825  1.00 47.59 ? 4   ARG A CZ  1 
ATOM   28   N NH1 . ARG A 1 7   ? -9.718  10.902  -4.707  1.00 43.96 ? 4   ARG A NH1 1 
ATOM   29   N NH2 . ARG A 1 7   ? -8.026  12.349  -4.140  1.00 45.04 ? 4   ARG A NH2 1 
ATOM   30   N N   . THR A 1 8   ? -9.790  8.030   0.492   1.00 26.32 ? 5   THR A N   1 
ATOM   31   C CA  . THR A 1 8   ? -8.778  8.395   1.474   1.00 24.76 ? 5   THR A CA  1 
ATOM   32   C C   . THR A 1 8   ? -7.637  8.996   0.663   1.00 24.11 ? 5   THR A C   1 
ATOM   33   O O   . THR A 1 8   ? -7.399  8.597   -0.480  1.00 27.30 ? 5   THR A O   1 
ATOM   34   C CB  . THR A 1 8   ? -8.254  7.180   2.266   1.00 27.44 ? 5   THR A CB  1 
ATOM   35   O OG1 . THR A 1 8   ? -7.558  6.293   1.384   1.00 24.21 ? 5   THR A OG1 1 
ATOM   36   C CG2 . THR A 1 8   ? -9.407  6.438   2.930   1.00 25.80 ? 5   THR A CG2 1 
ATOM   37   N N   . ASP A 1 9   ? -6.944  9.964   1.246   1.00 24.26 ? 6   ASP A N   1 
ATOM   38   C CA  . ASP A 1 9   ? -5.843  10.636  0.567   1.00 24.74 ? 6   ASP A CA  1 
ATOM   39   C C   . ASP A 1 9   ? -4.806  10.955  1.634   1.00 23.00 ? 6   ASP A C   1 
ATOM   40   O O   . ASP A 1 9   ? -5.000  11.858  2.447   1.00 23.85 ? 6   ASP A O   1 
ATOM   41   C CB  . ASP A 1 9   ? -6.351  11.927  -0.080  1.00 28.21 ? 6   ASP A CB  1 
ATOM   42   C CG  . ASP A 1 9   ? -5.381  12.498  -1.095  1.00 32.19 ? 6   ASP A CG  1 
ATOM   43   O OD1 . ASP A 1 9   ? -4.158  12.484  -0.837  1.00 29.43 ? 6   ASP A OD1 1 
ATOM   44   O OD2 . ASP A 1 9   ? -5.848  12.985  -2.150  1.00 34.26 ? 6   ASP A OD2 1 
ATOM   45   N N   . ASN A 1 10  ? -3.705  10.211  1.628   1.00 22.14 ? 7   ASN A N   1 
ATOM   46   C CA  . ASN A 1 10  ? -2.652  10.399  2.612   1.00 18.86 ? 7   ASN A CA  1 
ATOM   47   C C   . ASN A 1 10  ? -1.289  10.562  1.957   1.00 21.29 ? 7   ASN A C   1 
ATOM   48   O O   . ASN A 1 10  ? -0.963  9.865   0.996   1.00 20.15 ? 7   ASN A O   1 
ATOM   49   C CB  . ASN A 1 10  ? -2.636  9.204   3.569   1.00 20.69 ? 7   ASN A CB  1 
ATOM   50   C CG  . ASN A 1 10  ? -3.855  9.166   4.466   1.00 18.60 ? 7   ASN A CG  1 
ATOM   51   O OD1 . ASN A 1 10  ? -3.973  9.954   5.405   1.00 24.37 ? 7   ASN A OD1 1 
ATOM   52   N ND2 . ASN A 1 10  ? -4.776  8.256   4.177   1.00 20.41 ? 7   ASN A ND2 1 
ATOM   53   N N   . SER A 1 11  ? -0.495  11.487  2.485   1.00 18.73 ? 8   SER A N   1 
ATOM   54   C CA  . SER A 1 11  ? 0.834   11.744  1.950   1.00 21.64 ? 8   SER A CA  1 
ATOM   55   C C   . SER A 1 11  ? 1.885   11.722  3.043   1.00 17.52 ? 8   SER A C   1 
ATOM   56   O O   . SER A 1 11  ? 1.583   11.917  4.215   1.00 19.76 ? 8   SER A O   1 
ATOM   57   C CB  . SER A 1 11  ? 0.872   13.109  1.259   1.00 22.73 ? 8   SER A CB  1 
ATOM   58   O OG  . SER A 1 11  ? 0.015   13.135  0.129   1.00 30.73 ? 8   SER A OG  1 
ATOM   59   N N   . ILE A 1 12  ? 3.126   11.477  2.647   1.00 21.84 ? 9   ILE A N   1 
ATOM   60   C CA  . ILE A 1 12  ? 4.229   11.474  3.591   1.00 18.89 ? 9   ILE A CA  1 
ATOM   61   C C   . ILE A 1 12  ? 5.501   11.629  2.779   1.00 16.34 ? 9   ILE A C   1 
ATOM   62   O O   . ILE A 1 12  ? 5.561   11.223  1.621   1.00 21.49 ? 9   ILE A O   1 
ATOM   63   C CB  . ILE A 1 12  ? 4.281   10.158  4.418   1.00 20.12 ? 9   ILE A CB  1 
ATOM   64   C CG1 . ILE A 1 12  ? 5.068   10.395  5.707   1.00 22.82 ? 9   ILE A CG1 1 
ATOM   65   C CG2 . ILE A 1 12  ? 4.933   9.044   3.611   1.00 20.43 ? 9   ILE A CG2 1 
ATOM   66   C CD1 . ILE A 1 12  ? 4.987   9.259   6.709   1.00 26.42 ? 9   ILE A CD1 1 
ATOM   67   N N   . VAL A 1 13  ? 6.511   12.249  3.367   1.00 18.18 ? 10  VAL A N   1 
ATOM   68   C CA  . VAL A 1 13  ? 7.762   12.420  2.653   1.00 16.41 ? 10  VAL A CA  1 
ATOM   69   C C   . VAL A 1 13  ? 8.797   11.457  3.227   1.00 18.21 ? 10  VAL A C   1 
ATOM   70   O O   . VAL A 1 13  ? 8.978   11.386  4.443   1.00 19.05 ? 10  VAL A O   1 
ATOM   71   C CB  . VAL A 1 13  ? 8.304   13.856  2.788   1.00 19.35 ? 10  VAL A CB  1 
ATOM   72   C CG1 . VAL A 1 13  ? 9.694   13.944  2.190   1.00 19.10 ? 10  VAL A CG1 1 
ATOM   73   C CG2 . VAL A 1 13  ? 7.372   14.831  2.076   1.00 20.62 ? 10  VAL A CG2 1 
ATOM   74   N N   . VAL A 1 14  ? 9.454   10.702  2.350   1.00 17.11 ? 11  VAL A N   1 
ATOM   75   C CA  . VAL A 1 14  ? 10.498  9.776   2.776   1.00 16.59 ? 11  VAL A CA  1 
ATOM   76   C C   . VAL A 1 14  ? 11.821  10.475  2.468   1.00 15.24 ? 11  VAL A C   1 
ATOM   77   O O   . VAL A 1 14  ? 12.077  10.836  1.325   1.00 19.58 ? 11  VAL A O   1 
ATOM   78   C CB  . VAL A 1 14  ? 10.447  8.439   2.002   1.00 16.83 ? 11  VAL A CB  1 
ATOM   79   C CG1 . VAL A 1 14  ? 11.571  7.531   2.483   1.00 21.87 ? 11  VAL A CG1 1 
ATOM   80   C CG2 . VAL A 1 14  ? 9.096   7.752   2.208   1.00 15.07 ? 11  VAL A CG2 1 
ATOM   81   N N   . ASN A 1 15  ? 12.648  10.676  3.488   1.00 18.30 ? 12  ASN A N   1 
ATOM   82   C CA  . ASN A 1 15  ? 13.935  11.356  3.313   1.00 19.70 ? 12  ASN A CA  1 
ATOM   83   C C   . ASN A 1 15  ? 14.983  10.462  2.640   1.00 19.71 ? 12  ASN A C   1 
ATOM   84   O O   . ASN A 1 15  ? 16.028  10.158  3.220   1.00 21.68 ? 12  ASN A O   1 
ATOM   85   C CB  . ASN A 1 15  ? 14.455  11.832  4.670   1.00 20.84 ? 12  ASN A CB  1 
ATOM   86   C CG  . ASN A 1 15  ? 13.514  12.819  5.345   1.00 26.09 ? 12  ASN A CG  1 
ATOM   87   O OD1 . ASN A 1 15  ? 13.373  12.822  6.566   1.00 31.12 ? 12  ASN A OD1 1 
ATOM   88   N ND2 . ASN A 1 15  ? 12.878  13.671  4.549   1.00 28.03 ? 12  ASN A ND2 1 
ATOM   89   N N   . ALA A 1 16  ? 14.694  10.052  1.410   1.00 19.01 ? 13  ALA A N   1 
ATOM   90   C CA  . ALA A 1 16  ? 15.590  9.200   0.635   1.00 19.01 ? 13  ALA A CA  1 
ATOM   91   C C   . ALA A 1 16  ? 15.317  9.407   -0.854  1.00 20.18 ? 13  ALA A C   1 
ATOM   92   O O   . ALA A 1 16  ? 14.313  10.011  -1.225  1.00 21.63 ? 13  ALA A O   1 
ATOM   93   C CB  . ALA A 1 16  ? 15.368  7.742   1.012   1.00 18.19 ? 13  ALA A CB  1 
ATOM   94   N N   . PRO A 1 17  ? 16.209  8.905   -1.726  1.00 21.53 ? 14  PRO A N   1 
ATOM   95   C CA  . PRO A 1 17  ? 16.067  9.033   -3.182  1.00 22.78 ? 14  PRO A CA  1 
ATOM   96   C C   . PRO A 1 17  ? 14.933  8.191   -3.759  1.00 22.19 ? 14  PRO A C   1 
ATOM   97   O O   . PRO A 1 17  ? 14.586  7.142   -3.215  1.00 24.71 ? 14  PRO A O   1 
ATOM   98   C CB  . PRO A 1 17  ? 17.427  8.573   -3.712  1.00 24.34 ? 14  PRO A CB  1 
ATOM   99   C CG  . PRO A 1 17  ? 18.357  8.815   -2.564  1.00 25.28 ? 14  PRO A CG  1 
ATOM   100  C CD  . PRO A 1 17  ? 17.538  8.373   -1.382  1.00 23.29 ? 14  PRO A CD  1 
ATOM   101  N N   . PHE A 1 18  ? 14.372  8.651   -4.874  1.00 18.51 ? 15  PHE A N   1 
ATOM   102  C CA  . PHE A 1 18  ? 13.281  7.945   -5.538  1.00 21.73 ? 15  PHE A CA  1 
ATOM   103  C C   . PHE A 1 18  ? 13.559  6.463   -5.773  1.00 23.93 ? 15  PHE A C   1 
ATOM   104  O O   . PHE A 1 18  ? 12.711  5.616   -5.500  1.00 21.41 ? 15  PHE A O   1 
ATOM   105  C CB  . PHE A 1 18  ? 12.975  8.586   -6.891  1.00 24.15 ? 15  PHE A CB  1 
ATOM   106  C CG  . PHE A 1 18  ? 12.075  7.754   -7.756  1.00 25.86 ? 15  PHE A CG  1 
ATOM   107  C CD1 . PHE A 1 18  ? 10.707  7.684   -7.497  1.00 26.74 ? 15  PHE A CD1 1 
ATOM   108  C CD2 . PHE A 1 18  ? 12.599  7.004   -8.807  1.00 27.26 ? 15  PHE A CD2 1 
ATOM   109  C CE1 . PHE A 1 18  ? 9.874   6.875   -8.269  1.00 27.44 ? 15  PHE A CE1 1 
ATOM   110  C CE2 . PHE A 1 18  ? 11.778  6.192   -9.586  1.00 30.60 ? 15  PHE A CE2 1 
ATOM   111  C CZ  . PHE A 1 18  ? 10.410  6.128   -9.317  1.00 27.07 ? 15  PHE A CZ  1 
ATOM   112  N N   . GLU A 1 19  ? 14.742  6.156   -6.295  1.00 21.25 ? 16  GLU A N   1 
ATOM   113  C CA  . GLU A 1 19  ? 15.103  4.774   -6.594  1.00 22.65 ? 16  GLU A CA  1 
ATOM   114  C C   . GLU A 1 19  ? 14.854  3.830   -5.421  1.00 22.94 ? 16  GLU A C   1 
ATOM   115  O O   . GLU A 1 19  ? 14.148  2.827   -5.556  1.00 20.92 ? 16  GLU A O   1 
ATOM   116  C CB  . GLU A 1 19  ? 16.571  4.700   -7.021  1.00 28.24 ? 16  GLU A CB  1 
ATOM   117  C CG  . GLU A 1 19  ? 17.031  3.324   -7.502  1.00 35.67 ? 16  GLU A CG  1 
ATOM   118  C CD  . GLU A 1 19  ? 16.200  2.786   -8.660  1.00 40.02 ? 16  GLU A CD  1 
ATOM   119  O OE1 . GLU A 1 19  ? 15.882  3.565   -9.584  1.00 35.57 ? 16  GLU A OE1 1 
ATOM   120  O OE2 . GLU A 1 19  ? 15.881  1.578   -8.659  1.00 39.95 ? 16  GLU A OE2 1 
ATOM   121  N N   . LEU A 1 20  ? 15.429  4.157   -4.268  1.00 18.94 ? 17  LEU A N   1 
ATOM   122  C CA  . LEU A 1 20  ? 15.274  3.326   -3.080  1.00 18.33 ? 17  LEU A CA  1 
ATOM   123  C C   . LEU A 1 20  ? 13.826  3.265   -2.599  1.00 18.84 ? 17  LEU A C   1 
ATOM   124  O O   . LEU A 1 20  ? 13.312  2.195   -2.271  1.00 19.60 ? 17  LEU A O   1 
ATOM   125  C CB  . LEU A 1 20  ? 16.156  3.860   -1.951  1.00 17.07 ? 17  LEU A CB  1 
ATOM   126  C CG  . LEU A 1 20  ? 16.088  3.076   -0.637  1.00 18.21 ? 17  LEU A CG  1 
ATOM   127  C CD1 . LEU A 1 20  ? 16.645  1.674   -0.846  1.00 19.59 ? 17  LEU A CD1 1 
ATOM   128  C CD2 . LEU A 1 20  ? 16.879  3.808   0.437   1.00 15.13 ? 17  LEU A CD2 1 
ATOM   129  N N   . VAL A 1 21  ? 13.175  4.421   -2.554  1.00 21.33 ? 18  VAL A N   1 
ATOM   130  C CA  . VAL A 1 21  ? 11.790  4.494   -2.105  1.00 18.06 ? 18  VAL A CA  1 
ATOM   131  C C   . VAL A 1 21  ? 10.895  3.623   -2.995  1.00 19.13 ? 18  VAL A C   1 
ATOM   132  O O   . VAL A 1 21  ? 10.025  2.898   -2.503  1.00 19.37 ? 18  VAL A O   1 
ATOM   133  C CB  . VAL A 1 21  ? 11.302  5.964   -2.107  1.00 19.02 ? 18  VAL A CB  1 
ATOM   134  C CG1 . VAL A 1 21  ? 9.829   6.041   -1.710  1.00 19.33 ? 18  VAL A CG1 1 
ATOM   135  C CG2 . VAL A 1 21  ? 12.140  6.779   -1.134  1.00 13.21 ? 18  VAL A CG2 1 
ATOM   136  N N   . TRP A 1 22  ? 11.122  3.684   -4.303  1.00 21.50 ? 19  TRP A N   1 
ATOM   137  C CA  . TRP A 1 22  ? 10.348  2.896   -5.253  1.00 18.70 ? 19  TRP A CA  1 
ATOM   138  C C   . TRP A 1 22  ? 10.589  1.393   -5.101  1.00 19.80 ? 19  TRP A C   1 
ATOM   139  O O   . TRP A 1 22  ? 9.647   0.608   -4.957  1.00 19.98 ? 19  TRP A O   1 
ATOM   140  C CB  . TRP A 1 22  ? 10.683  3.326   -6.690  1.00 20.72 ? 19  TRP A CB  1 
ATOM   141  C CG  . TRP A 1 22  ? 10.028  2.480   -7.746  1.00 22.81 ? 19  TRP A CG  1 
ATOM   142  C CD1 . TRP A 1 22  ? 10.526  1.340   -8.310  1.00 22.48 ? 19  TRP A CD1 1 
ATOM   143  C CD2 . TRP A 1 22  ? 8.738   2.687   -8.334  1.00 22.51 ? 19  TRP A CD2 1 
ATOM   144  N NE1 . TRP A 1 22  ? 9.626   0.824   -9.214  1.00 21.01 ? 19  TRP A NE1 1 
ATOM   145  C CE2 . TRP A 1 22  ? 8.518   1.631   -9.247  1.00 23.37 ? 19  TRP A CE2 1 
ATOM   146  C CE3 . TRP A 1 22  ? 7.743   3.661   -8.177  1.00 19.46 ? 19  TRP A CE3 1 
ATOM   147  C CZ2 . TRP A 1 22  ? 7.346   1.524   -10.003 1.00 21.92 ? 19  TRP A CZ2 1 
ATOM   148  C CZ3 . TRP A 1 22  ? 6.578   3.554   -8.927  1.00 20.58 ? 19  TRP A CZ3 1 
ATOM   149  C CH2 . TRP A 1 22  ? 6.390   2.490   -9.828  1.00 20.79 ? 19  TRP A CH2 1 
ATOM   150  N N   . ASP A 1 23  ? 11.856  0.996   -5.140  1.00 22.16 ? 20  ASP A N   1 
ATOM   151  C CA  . ASP A 1 23  ? 12.221  -0.416  -5.030  1.00 20.40 ? 20  ASP A CA  1 
ATOM   152  C C   . ASP A 1 23  ? 11.732  -1.080  -3.751  1.00 18.91 ? 20  ASP A C   1 
ATOM   153  O O   . ASP A 1 23  ? 11.336  -2.245  -3.767  1.00 20.91 ? 20  ASP A O   1 
ATOM   154  C CB  . ASP A 1 23  ? 13.739  -0.587  -5.126  1.00 22.66 ? 20  ASP A CB  1 
ATOM   155  C CG  . ASP A 1 23  ? 14.283  -0.189  -6.481  1.00 27.71 ? 20  ASP A CG  1 
ATOM   156  O OD1 . ASP A 1 23  ? 13.493  -0.140  -7.448  1.00 26.98 ? 20  ASP A OD1 1 
ATOM   157  O OD2 . ASP A 1 23  ? 15.501  0.064   -6.579  1.00 27.78 ? 20  ASP A OD2 1 
ATOM   158  N N   . VAL A 1 24  ? 11.765  -0.353  -2.641  1.00 17.18 ? 21  VAL A N   1 
ATOM   159  C CA  . VAL A 1 24  ? 11.318  -0.933  -1.384  1.00 12.23 ? 21  VAL A CA  1 
ATOM   160  C C   . VAL A 1 24  ? 9.803   -1.101  -1.382  1.00 15.28 ? 21  VAL A C   1 
ATOM   161  O O   . VAL A 1 24  ? 9.298   -2.205  -1.193  1.00 19.26 ? 21  VAL A O   1 
ATOM   162  C CB  . VAL A 1 24  ? 11.736  -0.061  -0.179  1.00 11.36 ? 21  VAL A CB  1 
ATOM   163  C CG1 . VAL A 1 24  ? 11.171  -0.642  1.113   1.00 13.18 ? 21  VAL A CG1 1 
ATOM   164  C CG2 . VAL A 1 24  ? 13.258  0.003   -0.090  1.00 17.87 ? 21  VAL A CG2 1 
ATOM   165  N N   . THR A 1 25  ? 9.078   -0.011  -1.611  1.00 17.45 ? 22  THR A N   1 
ATOM   166  C CA  . THR A 1 25  ? 7.621   -0.072  -1.595  1.00 19.03 ? 22  THR A CA  1 
ATOM   167  C C   . THR A 1 25  ? 6.997   -0.988  -2.645  1.00 20.70 ? 22  THR A C   1 
ATOM   168  O O   . THR A 1 25  ? 5.899   -1.514  -2.439  1.00 20.11 ? 22  THR A O   1 
ATOM   169  C CB  . THR A 1 25  ? 7.009   1.334   -1.720  1.00 16.07 ? 22  THR A CB  1 
ATOM   170  O OG1 . THR A 1 25  ? 7.452   1.958   -2.931  1.00 18.24 ? 22  THR A OG1 1 
ATOM   171  C CG2 . THR A 1 25  ? 7.418   2.184   -0.535  1.00 20.25 ? 22  THR A CG2 1 
ATOM   172  N N   . ASN A 1 26  ? 7.679   -1.194  -3.766  1.00 19.16 ? 23  ASN A N   1 
ATOM   173  C CA  . ASN A 1 26  ? 7.127   -2.066  -4.792  1.00 19.46 ? 23  ASN A CA  1 
ATOM   174  C C   . ASN A 1 26  ? 7.642   -3.505  -4.707  1.00 18.75 ? 23  ASN A C   1 
ATOM   175  O O   . ASN A 1 26  ? 7.424   -4.318  -5.612  1.00 24.44 ? 23  ASN A O   1 
ATOM   176  C CB  . ASN A 1 26  ? 7.374   -1.462  -6.173  1.00 18.28 ? 23  ASN A CB  1 
ATOM   177  C CG  . ASN A 1 26  ? 6.414   -0.321  -6.475  1.00 20.51 ? 23  ASN A CG  1 
ATOM   178  O OD1 . ASN A 1 26  ? 5.210   -0.539  -6.629  1.00 18.70 ? 23  ASN A OD1 1 
ATOM   179  N ND2 . ASN A 1 26  ? 6.935   0.898   -6.538  1.00 22.20 ? 23  ASN A ND2 1 
ATOM   180  N N   . ASP A 1 27  ? 8.309   -3.820  -3.603  1.00 20.25 ? 24  ASP A N   1 
ATOM   181  C CA  . ASP A 1 27  ? 8.811   -5.168  -3.380  1.00 21.58 ? 24  ASP A CA  1 
ATOM   182  C C   . ASP A 1 27  ? 7.702   -5.920  -2.651  1.00 19.21 ? 24  ASP A C   1 
ATOM   183  O O   . ASP A 1 27  ? 7.708   -6.038  -1.431  1.00 18.21 ? 24  ASP A O   1 
ATOM   184  C CB  . ASP A 1 27  ? 10.065  -5.150  -2.509  1.00 21.36 ? 24  ASP A CB  1 
ATOM   185  C CG  . ASP A 1 27  ? 10.664  -6.533  -2.332  1.00 26.02 ? 24  ASP A CG  1 
ATOM   186  O OD1 . ASP A 1 27  ? 10.028  -7.519  -2.766  1.00 27.70 ? 24  ASP A OD1 1 
ATOM   187  O OD2 . ASP A 1 27  ? 11.766  -6.638  -1.759  1.00 22.82 ? 24  ASP A OD2 1 
ATOM   188  N N   . ILE A 1 28  ? 6.750   -6.431  -3.416  1.00 19.41 ? 25  ILE A N   1 
ATOM   189  C CA  . ILE A 1 28  ? 5.622   -7.149  -2.842  1.00 21.09 ? 25  ILE A CA  1 
ATOM   190  C C   . ILE A 1 28  ? 6.011   -8.288  -1.894  1.00 20.40 ? 25  ILE A C   1 
ATOM   191  O O   . ILE A 1 28  ? 5.350   -8.497  -0.875  1.00 20.45 ? 25  ILE A O   1 
ATOM   192  C CB  . ILE A 1 28  ? 4.712   -7.764  -3.954  1.00 23.77 ? 25  ILE A CB  1 
ATOM   193  C CG1 . ILE A 1 28  ? 4.227   -6.671  -4.907  1.00 25.42 ? 25  ILE A CG1 1 
ATOM   194  C CG2 . ILE A 1 28  ? 3.523   -8.491  -3.321  1.00 21.83 ? 25  ILE A CG2 1 
ATOM   195  C CD1 . ILE A 1 28  ? 3.439   -5.561  -4.252  1.00 29.76 ? 25  ILE A CD1 1 
ATOM   196  N N   . GLU A 1 29  ? 7.091   -9.000  -2.207  1.00 34.23 ? 26  GLU A N   1 
ATOM   197  C CA  . GLU A 1 29  ? 7.456   -10.163 -1.405  1.00 34.69 ? 26  GLU A CA  1 
ATOM   198  C C   . GLU A 1 29  ? 7.820   -9.786  0.036   1.00 32.92 ? 26  GLU A C   1 
ATOM   199  O O   . GLU A 1 29  ? 7.821   -10.607 0.943   1.00 29.36 ? 26  GLU A O   1 
ATOM   200  C CB  . GLU A 1 29  ? 8.644   -10.850 -2.078  1.00 43.18 ? 26  GLU A CB  1 
ATOM   201  C CG  . GLU A 1 29  ? 8.505   -12.373 -2.095  1.00 56.23 ? 26  GLU A CG  1 
ATOM   202  C CD  . GLU A 1 29  ? 9.783   -12.987 -2.619  1.00 63.43 ? 26  GLU A CD  1 
ATOM   203  O OE1 . GLU A 1 29  ? 10.183  -12.654 -3.725  1.00 61.79 ? 26  GLU A OE1 1 
ATOM   204  O OE2 . GLU A 1 29  ? 10.373  -13.801 -1.909  1.00 60.75 ? 26  GLU A OE2 1 
ATOM   205  N N   . ALA A 1 30  ? 8.227   -8.524  0.184   1.00 22.45 ? 27  ALA A N   1 
ATOM   206  C CA  . ALA A 1 30  ? 8.668   -7.956  1.455   1.00 21.74 ? 27  ALA A CA  1 
ATOM   207  C C   . ALA A 1 30  ? 7.592   -7.216  2.238   1.00 18.73 ? 27  ALA A C   1 
ATOM   208  O O   . ALA A 1 30  ? 7.847   -6.742  3.345   1.00 22.63 ? 27  ALA A O   1 
ATOM   209  C CB  . ALA A 1 30  ? 9.847   -7.019  1.204   1.00 23.58 ? 27  ALA A CB  1 
ATOM   210  N N   . TRP A 1 31  ? 6.395   -7.107  1.675   1.00 17.79 ? 28  TRP A N   1 
ATOM   211  C CA  . TRP A 1 31  ? 5.319   -6.399  2.354   1.00 17.61 ? 28  TRP A CA  1 
ATOM   212  C C   . TRP A 1 31  ? 4.983   -6.898  3.763   1.00 20.81 ? 28  TRP A C   1 
ATOM   213  O O   . TRP A 1 31  ? 4.552   -6.119  4.610   1.00 24.77 ? 28  TRP A O   1 
ATOM   214  C CB  . TRP A 1 31  ? 4.064   -6.407  1.480   1.00 21.36 ? 28  TRP A CB  1 
ATOM   215  C CG  . TRP A 1 31  ? 4.068   -5.323  0.429   1.00 16.62 ? 28  TRP A CG  1 
ATOM   216  C CD1 . TRP A 1 31  ? 5.146   -4.609  -0.021  1.00 19.06 ? 28  TRP A CD1 1 
ATOM   217  C CD2 . TRP A 1 31  ? 2.933   -4.834  -0.296  1.00 19.87 ? 28  TRP A CD2 1 
ATOM   218  N NE1 . TRP A 1 31  ? 4.749   -3.701  -0.985  1.00 17.11 ? 28  TRP A NE1 1 
ATOM   219  C CE2 . TRP A 1 31  ? 3.397   -3.822  -1.172  1.00 17.81 ? 28  TRP A CE2 1 
ATOM   220  C CE3 . TRP A 1 31  ? 1.570   -5.157  -0.295  1.00 23.23 ? 28  TRP A CE3 1 
ATOM   221  C CZ2 . TRP A 1 31  ? 2.541   -3.128  -2.030  1.00 20.25 ? 28  TRP A CZ2 1 
ATOM   222  C CZ3 . TRP A 1 31  ? 0.719   -4.465  -1.151  1.00 24.48 ? 28  TRP A CZ3 1 
ATOM   223  C CH2 . TRP A 1 31  ? 1.211   -3.464  -2.007  1.00 21.14 ? 28  TRP A CH2 1 
ATOM   224  N N   . PRO A 1 32  ? 5.164   -8.200  4.037   1.00 20.34 ? 29  PRO A N   1 
ATOM   225  C CA  . PRO A 1 32  ? 4.841   -8.667  5.391   1.00 20.28 ? 29  PRO A CA  1 
ATOM   226  C C   . PRO A 1 32  ? 5.713   -7.996  6.465   1.00 22.01 ? 29  PRO A C   1 
ATOM   227  O O   . PRO A 1 32  ? 5.279   -7.818  7.608   1.00 24.78 ? 29  PRO A O   1 
ATOM   228  C CB  . PRO A 1 32  ? 5.075   -10.171 5.295   1.00 18.52 ? 29  PRO A CB  1 
ATOM   229  C CG  . PRO A 1 32  ? 4.696   -10.467 3.873   1.00 20.79 ? 29  PRO A CG  1 
ATOM   230  C CD  . PRO A 1 32  ? 5.377   -9.340  3.129   1.00 15.72 ? 29  PRO A CD  1 
ATOM   231  N N   . GLU A 1 33  ? 6.938   -7.628  6.091   1.00 18.20 ? 30  GLU A N   1 
ATOM   232  C CA  . GLU A 1 33  ? 7.861   -6.959  7.008   1.00 22.25 ? 30  GLU A CA  1 
ATOM   233  C C   . GLU A 1 33  ? 7.736   -5.436  6.918   1.00 25.08 ? 30  GLU A C   1 
ATOM   234  O O   . GLU A 1 33  ? 8.222   -4.714  7.790   1.00 29.32 ? 30  GLU A O   1 
ATOM   235  C CB  . GLU A 1 33  ? 9.315   -7.361  6.711   1.00 23.86 ? 30  GLU A CB  1 
ATOM   236  C CG  . GLU A 1 33  ? 9.685   -8.798  7.048   1.00 25.14 ? 30  GLU A CG  1 
ATOM   237  C CD  . GLU A 1 33  ? 9.091   -9.809  6.090   1.00 29.94 ? 30  GLU A CD  1 
ATOM   238  O OE1 . GLU A 1 33  ? 9.314   -9.675  4.866   1.00 28.10 ? 30  GLU A OE1 1 
ATOM   239  O OE2 . GLU A 1 33  ? 8.410   -10.749 6.560   1.00 27.25 ? 30  GLU A OE2 1 
ATOM   240  N N   . LEU A 1 34  ? 7.104   -4.949  5.855   1.00 26.35 ? 31  LEU A N   1 
ATOM   241  C CA  . LEU A 1 34  ? 6.915   -3.510  5.675   1.00 28.05 ? 31  LEU A CA  1 
ATOM   242  C C   . LEU A 1 34  ? 5.581   -3.064  6.267   1.00 32.97 ? 31  LEU A C   1 
ATOM   243  O O   . LEU A 1 34  ? 5.514   -2.058  6.968   1.00 39.32 ? 31  LEU A O   1 
ATOM   244  C CB  . LEU A 1 34  ? 6.957   -3.146  4.189   1.00 25.51 ? 31  LEU A CB  1 
ATOM   245  C CG  . LEU A 1 34  ? 8.321   -3.207  3.502   1.00 28.39 ? 31  LEU A CG  1 
ATOM   246  C CD1 . LEU A 1 34  ? 8.147   -2.984  2.006   1.00 30.46 ? 31  LEU A CD1 1 
ATOM   247  C CD2 . LEU A 1 34  ? 9.246   -2.152  4.096   1.00 24.80 ? 31  LEU A CD2 1 
ATOM   248  N N   . PHE A 1 35  ? 4.522   -3.816  5.976   1.00 34.77 ? 32  PHE A N   1 
ATOM   249  C CA  . PHE A 1 35  ? 3.189   -3.507  6.485   1.00 36.37 ? 32  PHE A CA  1 
ATOM   250  C C   . PHE A 1 35  ? 2.899   -4.337  7.738   1.00 42.21 ? 32  PHE A C   1 
ATOM   251  O O   . PHE A 1 35  ? 3.252   -5.517  7.815   1.00 45.04 ? 32  PHE A O   1 
ATOM   252  C CB  . PHE A 1 35  ? 2.123   -3.799  5.423   1.00 32.09 ? 32  PHE A CB  1 
ATOM   253  C CG  . PHE A 1 35  ? 2.227   -2.932  4.192   1.00 27.19 ? 32  PHE A CG  1 
ATOM   254  C CD1 . PHE A 1 35  ? 3.222   -3.151  3.247   1.00 23.07 ? 32  PHE A CD1 1 
ATOM   255  C CD2 . PHE A 1 35  ? 1.312   -1.908  3.969   1.00 25.22 ? 32  PHE A CD2 1 
ATOM   256  C CE1 . PHE A 1 35  ? 3.304   -2.361  2.101   1.00 20.86 ? 32  PHE A CE1 1 
ATOM   257  C CE2 . PHE A 1 35  ? 1.388   -1.112  2.823   1.00 26.70 ? 32  PHE A CE2 1 
ATOM   258  C CZ  . PHE A 1 35  ? 2.383   -1.343  1.886   1.00 21.39 ? 32  PHE A CZ  1 
ATOM   259  N N   . SER A 1 36  ? 2.236   -3.721  8.712   1.00 44.14 ? 33  SER A N   1 
ATOM   260  C CA  . SER A 1 36  ? 1.916   -4.392  9.969   1.00 48.85 ? 33  SER A CA  1 
ATOM   261  C C   . SER A 1 36  ? 0.668   -5.269  9.899   1.00 50.03 ? 33  SER A C   1 
ATOM   262  O O   . SER A 1 36  ? 0.383   -6.026  10.826  1.00 52.68 ? 33  SER A O   1 
ATOM   263  C CB  . SER A 1 36  ? 1.739   -3.348  11.073  1.00 49.81 ? 33  SER A CB  1 
ATOM   264  O OG  . SER A 1 36  ? 2.897   -2.539  11.201  1.00 55.04 ? 33  SER A OG  1 
ATOM   265  N N   . GLU A 1 37  ? -0.064  -5.174  8.795   1.00 47.39 ? 34  GLU A N   1 
ATOM   266  C CA  . GLU A 1 37  ? -1.293  -5.938  8.627   1.00 45.87 ? 34  GLU A CA  1 
ATOM   267  C C   . GLU A 1 37  ? -1.178  -7.208  7.789   1.00 42.43 ? 34  GLU A C   1 
ATOM   268  O O   . GLU A 1 37  ? -1.976  -8.132  7.945   1.00 39.60 ? 34  GLU A O   1 
ATOM   269  C CB  . GLU A 1 37  ? -2.370  -5.025  8.031   1.00 51.66 ? 34  GLU A CB  1 
ATOM   270  C CG  . GLU A 1 37  ? -1.849  -4.125  6.916   1.00 59.62 ? 34  GLU A CG  1 
ATOM   271  C CD  . GLU A 1 37  ? -2.863  -3.088  6.467   1.00 60.81 ? 34  GLU A CD  1 
ATOM   272  O OE1 . GLU A 1 37  ? -3.343  -2.312  7.321   1.00 64.88 ? 34  GLU A OE1 1 
ATOM   273  O OE2 . GLU A 1 37  ? -3.173  -3.043  5.259   1.00 61.78 ? 34  GLU A OE2 1 
ATOM   274  N N   . TYR A 1 38  ? -0.187  -7.269  6.908   1.00 36.11 ? 35  TYR A N   1 
ATOM   275  C CA  . TYR A 1 38  ? -0.042  -8.437  6.050   1.00 33.28 ? 35  TYR A CA  1 
ATOM   276  C C   . TYR A 1 38  ? 0.917   -9.505  6.570   1.00 33.79 ? 35  TYR A C   1 
ATOM   277  O O   . TYR A 1 38  ? 2.084   -9.231  6.861   1.00 31.07 ? 35  TYR A O   1 
ATOM   278  C CB  . TYR A 1 38  ? 0.379   -7.998  4.644   1.00 33.71 ? 35  TYR A CB  1 
ATOM   279  C CG  . TYR A 1 38  ? -0.560  -6.989  4.008   1.00 35.12 ? 35  TYR A CG  1 
ATOM   280  C CD1 . TYR A 1 38  ? -1.933  -7.234  3.928   1.00 34.88 ? 35  TYR A CD1 1 
ATOM   281  C CD2 . TYR A 1 38  ? -0.074  -5.793  3.474   1.00 35.16 ? 35  TYR A CD2 1 
ATOM   282  C CE1 . TYR A 1 38  ? -2.797  -6.315  3.333   1.00 36.89 ? 35  TYR A CE1 1 
ATOM   283  C CE2 . TYR A 1 38  ? -0.933  -4.869  2.875   1.00 38.76 ? 35  TYR A CE2 1 
ATOM   284  C CZ  . TYR A 1 38  ? -2.292  -5.137  2.808   1.00 37.32 ? 35  TYR A CZ  1 
ATOM   285  O OH  . TYR A 1 38  ? -3.143  -4.230  2.215   1.00 42.13 ? 35  TYR A OH  1 
ATOM   286  N N   . ALA A 1 39  ? 0.409   -10.729 6.686   1.00 28.32 ? 36  ALA A N   1 
ATOM   287  C CA  . ALA A 1 39  ? 1.207   -11.856 7.152   1.00 28.71 ? 36  ALA A CA  1 
ATOM   288  C C   . ALA A 1 39  ? 1.868   -12.501 5.943   1.00 29.46 ? 36  ALA A C   1 
ATOM   289  O O   . ALA A 1 39  ? 3.008   -12.965 6.017   1.00 29.04 ? 36  ALA A O   1 
ATOM   290  C CB  . ALA A 1 39  ? 0.325   -12.866 7.870   1.00 29.85 ? 36  ALA A CB  1 
ATOM   291  N N   . GLU A 1 40  ? 1.149   -12.520 4.825   1.00 25.19 ? 37  GLU A N   1 
ATOM   292  C CA  . GLU A 1 40  ? 1.686   -13.104 3.602   1.00 29.36 ? 37  GLU A CA  1 
ATOM   293  C C   . GLU A 1 40  ? 1.367   -12.238 2.395   1.00 28.57 ? 37  GLU A C   1 
ATOM   294  O O   . GLU A 1 40  ? 0.368   -11.521 2.372   1.00 25.15 ? 37  GLU A O   1 
ATOM   295  C CB  . GLU A 1 40  ? 1.120   -14.510 3.374   1.00 33.95 ? 37  GLU A CB  1 
ATOM   296  C CG  . GLU A 1 40  ? 1.225   -15.440 4.575   1.00 37.03 ? 37  GLU A CG  1 
ATOM   297  C CD  . GLU A 1 40  ? 0.907   -16.881 4.223   1.00 41.63 ? 37  GLU A CD  1 
ATOM   298  O OE1 . GLU A 1 40  ? -0.029  -17.108 3.426   1.00 40.11 ? 37  GLU A OE1 1 
ATOM   299  O OE2 . GLU A 1 40  ? 1.583   -17.787 4.754   1.00 43.14 ? 37  GLU A OE2 1 
ATOM   300  N N   . ALA A 1 41  ? 2.236   -12.315 1.395   1.00 26.63 ? 38  ALA A N   1 
ATOM   301  C CA  . ALA A 1 41  ? 2.082   -11.567 0.160   1.00 30.33 ? 38  ALA A CA  1 
ATOM   302  C C   . ALA A 1 41  ? 2.890   -12.290 -0.906  1.00 33.23 ? 38  ALA A C   1 
ATOM   303  O O   . ALA A 1 41  ? 4.116   -12.368 -0.816  1.00 28.84 ? 38  ALA A O   1 
ATOM   304  C CB  . ALA A 1 41  ? 2.600   -10.145 0.333   1.00 29.04 ? 38  ALA A CB  1 
ATOM   305  N N   . GLU A 1 42  ? 2.207   -12.842 -1.901  1.00 36.41 ? 39  GLU A N   1 
ATOM   306  C CA  . GLU A 1 42  ? 2.905   -13.545 -2.972  1.00 40.35 ? 39  GLU A CA  1 
ATOM   307  C C   . GLU A 1 42  ? 2.291   -13.224 -4.322  1.00 38.80 ? 39  GLU A C   1 
ATOM   308  O O   . GLU A 1 42  ? 1.077   -13.081 -4.449  1.00 36.66 ? 39  GLU A O   1 
ATOM   309  C CB  . GLU A 1 42  ? 2.869   -15.064 -2.749  1.00 44.89 ? 39  GLU A CB  1 
ATOM   310  C CG  . GLU A 1 42  ? 1.494   -15.695 -2.936  1.00 51.30 ? 39  GLU A CG  1 
ATOM   311  C CD  . GLU A 1 42  ? 1.562   -17.183 -3.243  1.00 53.64 ? 39  GLU A CD  1 
ATOM   312  O OE1 . GLU A 1 42  ? 2.231   -17.560 -4.232  1.00 52.41 ? 39  GLU A OE1 1 
ATOM   313  O OE2 . GLU A 1 42  ? 0.938   -17.975 -2.504  1.00 54.26 ? 39  GLU A OE2 1 
ATOM   314  N N   . ILE A 1 43  ? 3.147   -13.105 -5.330  1.00 39.87 ? 40  ILE A N   1 
ATOM   315  C CA  . ILE A 1 43  ? 2.698   -12.827 -6.681  1.00 40.86 ? 40  ILE A CA  1 
ATOM   316  C C   . ILE A 1 43  ? 2.246   -14.161 -7.266  1.00 42.15 ? 40  ILE A C   1 
ATOM   317  O O   . ILE A 1 43  ? 3.009   -15.127 -7.289  1.00 40.09 ? 40  ILE A O   1 
ATOM   318  C CB  . ILE A 1 43  ? 3.841   -12.243 -7.531  1.00 41.08 ? 40  ILE A CB  1 
ATOM   319  C CG1 . ILE A 1 43  ? 4.387   -10.985 -6.850  1.00 41.94 ? 40  ILE A CG1 1 
ATOM   320  C CG2 . ILE A 1 43  ? 3.341   -11.919 -8.931  1.00 42.84 ? 40  ILE A CG2 1 
ATOM   321  C CD1 . ILE A 1 43  ? 5.555   -10.339 -7.575  1.00 43.52 ? 40  ILE A CD1 1 
ATOM   322  N N   . LEU A 1 44  ? 0.996   -14.216 -7.712  1.00 41.05 ? 41  LEU A N   1 
ATOM   323  C CA  . LEU A 1 44  ? 0.442   -15.436 -8.282  1.00 39.55 ? 41  LEU A CA  1 
ATOM   324  C C   . LEU A 1 44  ? 0.833   -15.580 -9.747  1.00 41.90 ? 41  LEU A C   1 
ATOM   325  O O   . LEU A 1 44  ? 1.040   -16.690 -10.243 1.00 38.25 ? 41  LEU A O   1 
ATOM   326  C CB  . LEU A 1 44  ? -1.084  -15.429 -8.150  1.00 39.00 ? 41  LEU A CB  1 
ATOM   327  C CG  . LEU A 1 44  ? -1.647  -15.349 -6.728  1.00 40.42 ? 41  LEU A CG  1 
ATOM   328  C CD1 . LEU A 1 44  ? -3.165  -15.250 -6.774  1.00 39.26 ? 41  LEU A CD1 1 
ATOM   329  C CD2 . LEU A 1 44  ? -1.217  -16.577 -5.938  1.00 41.16 ? 41  LEU A CD2 1 
ATOM   330  N N   . ARG A 1 45  ? 0.940   -14.449 -10.433 1.00 43.05 ? 42  ARG A N   1 
ATOM   331  C CA  . ARG A 1 45  ? 1.293   -14.445 -11.843 1.00 49.52 ? 42  ARG A CA  1 
ATOM   332  C C   . ARG A 1 45  ? 1.718   -13.047 -12.267 1.00 52.49 ? 42  ARG A C   1 
ATOM   333  O O   . ARG A 1 45  ? 1.261   -12.056 -11.702 1.00 52.57 ? 42  ARG A O   1 
ATOM   334  C CB  . ARG A 1 45  ? 0.092   -14.901 -12.673 1.00 48.86 ? 42  ARG A CB  1 
ATOM   335  C CG  . ARG A 1 45  ? -1.123  -13.989 -12.550 1.00 48.14 ? 42  ARG A CG  1 
ATOM   336  C CD  . ARG A 1 45  ? -2.355  -14.644 -13.145 1.00 45.09 ? 42  ARG A CD  1 
ATOM   337  N NE  . ARG A 1 45  ? -2.793  -15.790 -12.350 1.00 42.02 ? 42  ARG A NE  1 
ATOM   338  C CZ  . ARG A 1 45  ? -3.638  -15.716 -11.326 1.00 34.62 ? 42  ARG A CZ  1 
ATOM   339  N NH1 . ARG A 1 45  ? -4.150  -14.548 -10.968 1.00 38.23 ? 42  ARG A NH1 1 
ATOM   340  N NH2 . ARG A 1 45  ? -3.966  -16.810 -10.654 1.00 34.74 ? 42  ARG A NH2 1 
ATOM   341  N N   . GLN A 1 46  ? 2.592   -12.971 -13.265 1.00 56.74 ? 43  GLN A N   1 
ATOM   342  C CA  . GLN A 1 46  ? 3.072   -11.686 -13.754 1.00 62.88 ? 43  GLN A CA  1 
ATOM   343  C C   . GLN A 1 46  ? 3.050   -11.648 -15.277 1.00 65.74 ? 43  GLN A C   1 
ATOM   344  O O   . GLN A 1 46  ? 4.047   -11.953 -15.932 1.00 66.31 ? 43  GLN A O   1 
ATOM   345  C CB  . GLN A 1 46  ? 4.491   -11.428 -13.242 1.00 65.12 ? 43  GLN A CB  1 
ATOM   346  C CG  . GLN A 1 46  ? 5.055   -10.065 -13.609 1.00 70.99 ? 43  GLN A CG  1 
ATOM   347  C CD  . GLN A 1 46  ? 6.412   -9.811  -12.980 1.00 74.57 ? 43  GLN A CD  1 
ATOM   348  O OE1 . GLN A 1 46  ? 6.549   -9.809  -11.756 1.00 76.09 ? 43  GLN A OE1 1 
ATOM   349  N NE2 . GLN A 1 46  ? 7.424   -9.599  -13.815 1.00 75.67 ? 43  GLN A NE2 1 
ATOM   350  N N   . ASP A 1 47  ? 1.903   -11.278 -15.833 1.00 69.48 ? 44  ASP A N   1 
ATOM   351  C CA  . ASP A 1 47  ? 1.744   -11.197 -17.279 1.00 72.45 ? 44  ASP A CA  1 
ATOM   352  C C   . ASP A 1 47  ? 1.915   -9.757  -17.748 1.00 72.91 ? 44  ASP A C   1 
ATOM   353  O O   . ASP A 1 47  ? 1.136   -8.877  -17.381 1.00 72.88 ? 44  ASP A O   1 
ATOM   354  C CB  . ASP A 1 47  ? 0.361   -11.710 -17.685 1.00 74.49 ? 44  ASP A CB  1 
ATOM   355  C CG  . ASP A 1 47  ? -0.761  -10.947 -17.012 1.00 76.82 ? 44  ASP A CG  1 
ATOM   356  O OD1 . ASP A 1 47  ? -0.884  -11.039 -15.772 1.00 79.82 ? 44  ASP A OD1 1 
ATOM   357  O OD2 . ASP A 1 47  ? -1.515  -10.251 -17.722 1.00 78.28 ? 44  ASP A OD2 1 
ATOM   358  N N   . GLY A 1 48  ? 2.939   -9.523  -18.560 1.00 73.57 ? 45  GLY A N   1 
ATOM   359  C CA  . GLY A 1 48  ? 3.191   -8.184  -19.059 1.00 74.08 ? 45  GLY A CA  1 
ATOM   360  C C   . GLY A 1 48  ? 3.524   -7.217  -17.942 1.00 74.44 ? 45  GLY A C   1 
ATOM   361  O O   . GLY A 1 48  ? 4.235   -7.563  -16.996 1.00 73.58 ? 45  GLY A O   1 
ATOM   362  N N   . ASP A 1 49  ? 3.004   -5.998  -18.051 1.00 73.70 ? 46  ASP A N   1 
ATOM   363  C CA  . ASP A 1 49  ? 3.241   -4.961  -17.053 1.00 72.21 ? 46  ASP A CA  1 
ATOM   364  C C   . ASP A 1 49  ? 2.664   -5.316  -15.683 1.00 67.90 ? 46  ASP A C   1 
ATOM   365  O O   . ASP A 1 49  ? 3.407   -5.604  -14.744 1.00 66.89 ? 46  ASP A O   1 
ATOM   366  C CB  . ASP A 1 49  ? 2.649   -3.634  -17.538 1.00 76.29 ? 46  ASP A CB  1 
ATOM   367  C CG  . ASP A 1 49  ? 1.229   -3.782  -18.049 1.00 79.23 ? 46  ASP A CG  1 
ATOM   368  O OD1 . ASP A 1 49  ? 1.029   -4.501  -19.052 1.00 80.53 ? 46  ASP A OD1 1 
ATOM   369  O OD2 . ASP A 1 49  ? 0.313   -3.183  -17.451 1.00 81.98 ? 46  ASP A OD2 1 
ATOM   370  N N   . GLY A 1 50  ? 1.339   -5.291  -15.576 1.00 61.17 ? 47  GLY A N   1 
ATOM   371  C CA  . GLY A 1 50  ? 0.688   -5.604  -14.315 1.00 51.33 ? 47  GLY A CA  1 
ATOM   372  C C   . GLY A 1 50  ? 0.929   -7.019  -13.827 1.00 45.99 ? 47  GLY A C   1 
ATOM   373  O O   . GLY A 1 50  ? 1.665   -7.788  -14.449 1.00 47.71 ? 47  GLY A O   1 
ATOM   374  N N   . PHE A 1 51  ? 0.307   -7.363  -12.705 1.00 40.03 ? 48  PHE A N   1 
ATOM   375  C CA  . PHE A 1 51  ? 0.446   -8.690  -12.123 1.00 33.42 ? 48  PHE A CA  1 
ATOM   376  C C   . PHE A 1 51  ? -0.597  -8.909  -11.027 1.00 31.77 ? 48  PHE A C   1 
ATOM   377  O O   . PHE A 1 51  ? -1.169  -7.950  -10.507 1.00 25.36 ? 48  PHE A O   1 
ATOM   378  C CB  . PHE A 1 51  ? 1.856   -8.857  -11.550 1.00 37.27 ? 48  PHE A CB  1 
ATOM   379  C CG  . PHE A 1 51  ? 2.169   -7.925  -10.409 1.00 37.53 ? 48  PHE A CG  1 
ATOM   380  C CD1 . PHE A 1 51  ? 1.747   -8.219  -9.113  1.00 37.51 ? 48  PHE A CD1 1 
ATOM   381  C CD2 . PHE A 1 51  ? 2.879   -6.749  -10.631 1.00 36.41 ? 48  PHE A CD2 1 
ATOM   382  C CE1 . PHE A 1 51  ? 2.033   -7.357  -8.052  1.00 37.61 ? 48  PHE A CE1 1 
ATOM   383  C CE2 . PHE A 1 51  ? 3.170   -5.878  -9.578  1.00 37.89 ? 48  PHE A CE2 1 
ATOM   384  C CZ  . PHE A 1 51  ? 2.745   -6.183  -8.286  1.00 36.16 ? 48  PHE A CZ  1 
ATOM   385  N N   . ASP A 1 52  ? -0.851  -10.171 -10.687 1.00 29.10 ? 49  ASP A N   1 
ATOM   386  C CA  . ASP A 1 52  ? -1.815  -10.492 -9.640  1.00 29.16 ? 49  ASP A CA  1 
ATOM   387  C C   . ASP A 1 52  ? -1.091  -11.027 -8.422  1.00 29.51 ? 49  ASP A C   1 
ATOM   388  O O   . ASP A 1 52  ? -0.167  -11.832 -8.546  1.00 31.89 ? 49  ASP A O   1 
ATOM   389  C CB  . ASP A 1 52  ? -2.823  -11.551 -10.105 1.00 30.24 ? 49  ASP A CB  1 
ATOM   390  C CG  . ASP A 1 52  ? -3.698  -11.075 -11.248 1.00 32.18 ? 49  ASP A CG  1 
ATOM   391  O OD1 . ASP A 1 52  ? -4.025  -9.869  -11.300 1.00 30.51 ? 49  ASP A OD1 1 
ATOM   392  O OD2 . ASP A 1 52  ? -4.080  -11.921 -12.081 1.00 35.66 ? 49  ASP A OD2 1 
ATOM   393  N N   . PHE A 1 53  ? -1.502  -10.580 -7.242  1.00 24.53 ? 50  PHE A N   1 
ATOM   394  C CA  . PHE A 1 53  ? -0.879  -11.068 -6.027  1.00 26.44 ? 50  PHE A CA  1 
ATOM   395  C C   . PHE A 1 53  ? -1.912  -11.324 -4.955  1.00 25.33 ? 50  PHE A C   1 
ATOM   396  O O   . PHE A 1 53  ? -2.980  -10.714 -4.940  1.00 26.28 ? 50  PHE A O   1 
ATOM   397  C CB  . PHE A 1 53  ? 0.197   -10.097 -5.516  1.00 28.08 ? 50  PHE A CB  1 
ATOM   398  C CG  . PHE A 1 53  ? -0.332  -8.769  -5.062  1.00 27.76 ? 50  PHE A CG  1 
ATOM   399  C CD1 . PHE A 1 53  ? -0.891  -7.880  -5.967  1.00 30.79 ? 50  PHE A CD1 1 
ATOM   400  C CD2 . PHE A 1 53  ? -0.251  -8.402  -3.723  1.00 29.57 ? 50  PHE A CD2 1 
ATOM   401  C CE1 . PHE A 1 53  ? -1.357  -6.636  -5.550  1.00 32.08 ? 50  PHE A CE1 1 
ATOM   402  C CE2 . PHE A 1 53  ? -0.714  -7.161  -3.294  1.00 30.18 ? 50  PHE A CE2 1 
ATOM   403  C CZ  . PHE A 1 53  ? -1.270  -6.277  -4.212  1.00 28.72 ? 50  PHE A CZ  1 
ATOM   404  N N   . ARG A 1 54  ? -1.580  -12.256 -4.072  1.00 27.38 ? 51  ARG A N   1 
ATOM   405  C CA  . ARG A 1 54  ? -2.445  -12.647 -2.977  1.00 26.37 ? 51  ARG A CA  1 
ATOM   406  C C   . ARG A 1 54  ? -1.941  -12.036 -1.688  1.00 29.36 ? 51  ARG A C   1 
ATOM   407  O O   . ARG A 1 54  ? -0.734  -11.966 -1.442  1.00 27.40 ? 51  ARG A O   1 
ATOM   408  C CB  . ARG A 1 54  ? -2.466  -14.173 -2.852  1.00 31.34 ? 51  ARG A CB  1 
ATOM   409  C CG  . ARG A 1 54  ? -3.190  -14.706 -1.630  1.00 33.90 ? 51  ARG A CG  1 
ATOM   410  C CD  . ARG A 1 54  ? -3.068  -16.221 -1.553  1.00 40.74 ? 51  ARG A CD  1 
ATOM   411  N NE  . ARG A 1 54  ? -1.687  -16.653 -1.342  1.00 40.68 ? 51  ARG A NE  1 
ATOM   412  C CZ  . ARG A 1 54  ? -1.076  -16.668 -0.160  1.00 39.65 ? 51  ARG A CZ  1 
ATOM   413  N NH1 . ARG A 1 54  ? -1.723  -16.280 0.929   1.00 33.68 ? 51  ARG A NH1 1 
ATOM   414  N NH2 . ARG A 1 54  ? 0.186   -17.070 -0.066  1.00 38.92 ? 51  ARG A NH2 1 
ATOM   415  N N   . LEU A 1 55  ? -2.882  -11.590 -0.868  1.00 27.26 ? 52  LEU A N   1 
ATOM   416  C CA  . LEU A 1 55  ? -2.565  -10.992 0.413   1.00 26.45 ? 52  LEU A CA  1 
ATOM   417  C C   . LEU A 1 55  ? -3.292  -11.761 1.502   1.00 28.98 ? 52  LEU A C   1 
ATOM   418  O O   . LEU A 1 55  ? -4.480  -12.048 1.380   1.00 30.04 ? 52  LEU A O   1 
ATOM   419  C CB  . LEU A 1 55  ? -2.997  -9.525  0.435   1.00 24.56 ? 52  LEU A CB  1 
ATOM   420  C CG  . LEU A 1 55  ? -2.032  -8.543  -0.236  1.00 29.17 ? 52  LEU A CG  1 
ATOM   421  C CD1 . LEU A 1 55  ? -2.693  -7.187  -0.417  1.00 33.18 ? 52  LEU A CD1 1 
ATOM   422  C CD2 . LEU A 1 55  ? -0.782  -8.421  0.623   1.00 26.37 ? 52  LEU A CD2 1 
ATOM   423  N N   . LYS A 1 56  ? -2.564  -12.113 2.553   1.00 28.25 ? 53  LYS A N   1 
ATOM   424  C CA  . LYS A 1 56  ? -3.136  -12.826 3.689   1.00 30.93 ? 53  LYS A CA  1 
ATOM   425  C C   . LYS A 1 56  ? -2.763  -12.004 4.909   1.00 33.81 ? 53  LYS A C   1 
ATOM   426  O O   . LYS A 1 56  ? -1.594  -11.934 5.290   1.00 33.11 ? 53  LYS A O   1 
ATOM   427  C CB  . LYS A 1 56  ? -2.546  -14.232 3.797   1.00 31.27 ? 53  LYS A CB  1 
ATOM   428  C CG  . LYS A 1 56  ? -3.062  -15.035 4.980   1.00 38.20 ? 53  LYS A CG  1 
ATOM   429  C CD  . LYS A 1 56  ? -2.632  -16.493 4.885   1.00 42.05 ? 53  LYS A CD  1 
ATOM   430  C CE  . LYS A 1 56  ? -3.152  -17.310 6.059   1.00 44.68 ? 53  LYS A CE  1 
ATOM   431  N NZ  . LYS A 1 56  ? -2.827  -18.756 5.910   1.00 48.10 ? 53  LYS A NZ  1 
ATOM   432  N N   . THR A 1 57  ? -3.758  -11.373 5.518   1.00 33.69 ? 54  THR A N   1 
ATOM   433  C CA  . THR A 1 57  ? -3.507  -10.533 6.675   1.00 34.28 ? 54  THR A CA  1 
ATOM   434  C C   . THR A 1 57  ? -3.254  -11.331 7.943   1.00 34.61 ? 54  THR A C   1 
ATOM   435  O O   . THR A 1 57  ? -3.416  -12.553 7.975   1.00 29.84 ? 54  THR A O   1 
ATOM   436  C CB  . THR A 1 57  ? -4.689  -9.582  6.928   1.00 36.25 ? 54  THR A CB  1 
ATOM   437  O OG1 . THR A 1 57  ? -5.802  -10.323 7.444   1.00 38.83 ? 54  THR A OG1 1 
ATOM   438  C CG2 . THR A 1 57  ? -5.105  -8.907  5.633   1.00 38.85 ? 54  THR A CG2 1 
ATOM   439  N N   . ARG A 1 58  ? -2.826  -10.632 8.986   1.00 36.16 ? 55  ARG A N   1 
ATOM   440  C CA  . ARG A 1 58  ? -2.592  -11.267 10.270  1.00 35.84 ? 55  ARG A CA  1 
ATOM   441  C C   . ARG A 1 58  ? -3.936  -11.157 10.971  1.00 32.84 ? 55  ARG A C   1 
ATOM   442  O O   . ARG A 1 58  ? -4.820  -10.442 10.503  1.00 29.13 ? 55  ARG A O   1 
ATOM   443  C CB  . ARG A 1 58  ? -1.519  -10.511 11.058  1.00 39.26 ? 55  ARG A CB  1 
ATOM   444  C CG  . ARG A 1 58  ? -0.161  -10.469 10.376  1.00 42.13 ? 55  ARG A CG  1 
ATOM   445  C CD  . ARG A 1 58  ? 0.917   -9.993  11.333  1.00 47.85 ? 55  ARG A CD  1 
ATOM   446  N NE  . ARG A 1 58  ? 2.260   -10.221 10.805  1.00 49.22 ? 55  ARG A NE  1 
ATOM   447  C CZ  . ARG A 1 58  ? 2.900   -9.390  9.990   1.00 50.85 ? 55  ARG A CZ  1 
ATOM   448  N NH1 . ARG A 1 58  ? 2.328   -8.257  9.605   1.00 52.09 ? 55  ARG A NH1 1 
ATOM   449  N NH2 . ARG A 1 58  ? 4.113   -9.698  9.555   1.00 47.47 ? 55  ARG A NH2 1 
ATOM   450  N N   . PRO A 1 59  ? -4.120  -11.876 12.087  1.00 35.17 ? 56  PRO A N   1 
ATOM   451  C CA  . PRO A 1 59  ? -5.401  -11.794 12.797  1.00 34.76 ? 56  PRO A CA  1 
ATOM   452  C C   . PRO A 1 59  ? -5.723  -10.344 13.151  1.00 35.10 ? 56  PRO A C   1 
ATOM   453  O O   . PRO A 1 59  ? -4.898  -9.655  13.747  1.00 33.85 ? 56  PRO A O   1 
ATOM   454  C CB  . PRO A 1 59  ? -5.158  -12.651 14.035  1.00 35.64 ? 56  PRO A CB  1 
ATOM   455  C CG  . PRO A 1 59  ? -4.214  -13.704 13.525  1.00 35.46 ? 56  PRO A CG  1 
ATOM   456  C CD  . PRO A 1 59  ? -3.243  -12.897 12.686  1.00 33.46 ? 56  PRO A CD  1 
ATOM   457  N N   . ASP A 1 60  ? -6.912  -9.877  12.778  1.00 37.35 ? 57  ASP A N   1 
ATOM   458  C CA  . ASP A 1 60  ? -7.300  -8.502  13.079  1.00 40.91 ? 57  ASP A CA  1 
ATOM   459  C C   . ASP A 1 60  ? -7.701  -8.338  14.542  1.00 43.02 ? 57  ASP A C   1 
ATOM   460  O O   . ASP A 1 60  ? -7.488  -9.233  15.362  1.00 41.19 ? 57  ASP A O   1 
ATOM   461  C CB  . ASP A 1 60  ? -8.456  -8.051  12.181  1.00 42.32 ? 57  ASP A CB  1 
ATOM   462  C CG  . ASP A 1 60  ? -9.650  -8.982  12.249  1.00 45.99 ? 57  ASP A CG  1 
ATOM   463  O OD1 . ASP A 1 60  ? -9.935  -9.519  13.342  1.00 44.77 ? 57  ASP A OD1 1 
ATOM   464  O OD2 . ASP A 1 60  ? -10.315 -9.163  11.208  1.00 46.26 ? 57  ASP A OD2 1 
ATOM   465  N N   . ALA A 1 61  ? -8.288  -7.188  14.861  1.00 44.59 ? 58  ALA A N   1 
ATOM   466  C CA  . ALA A 1 61  ? -8.714  -6.887  16.223  1.00 45.49 ? 58  ALA A CA  1 
ATOM   467  C C   . ALA A 1 61  ? -9.785  -7.849  16.726  1.00 45.13 ? 58  ALA A C   1 
ATOM   468  O O   . ALA A 1 61  ? -10.133 -7.830  17.905  1.00 45.93 ? 58  ALA A O   1 
ATOM   469  C CB  . ALA A 1 61  ? -9.224  -5.454  16.299  1.00 45.40 ? 58  ALA A CB  1 
ATOM   470  N N   . ASN A 1 62  ? -10.302 -8.687  15.833  1.00 45.29 ? 59  ASN A N   1 
ATOM   471  C CA  . ASN A 1 62  ? -11.337 -9.650  16.197  1.00 44.96 ? 59  ASN A CA  1 
ATOM   472  C C   . ASN A 1 62  ? -10.873 -11.095 16.025  1.00 44.36 ? 59  ASN A C   1 
ATOM   473  O O   . ASN A 1 62  ? -11.662 -12.034 16.168  1.00 40.52 ? 59  ASN A O   1 
ATOM   474  C CB  . ASN A 1 62  ? -12.598 -9.414  15.363  1.00 47.09 ? 59  ASN A CB  1 
ATOM   475  C CG  . ASN A 1 62  ? -13.140 -8.006  15.516  1.00 48.85 ? 59  ASN A CG  1 
ATOM   476  O OD1 . ASN A 1 62  ? -13.291 -7.507  16.632  1.00 48.23 ? 59  ASN A OD1 1 
ATOM   477  N ND2 . ASN A 1 62  ? -13.444 -7.360  14.394  1.00 49.13 ? 59  ASN A ND2 1 
ATOM   478  N N   . GLY A 1 63  ? -9.593  -11.267 15.710  1.00 42.16 ? 60  GLY A N   1 
ATOM   479  C CA  . GLY A 1 63  ? -9.039  -12.599 15.537  1.00 41.95 ? 60  GLY A CA  1 
ATOM   480  C C   . GLY A 1 63  ? -9.291  -13.239 14.184  1.00 42.37 ? 60  GLY A C   1 
ATOM   481  O O   . GLY A 1 63  ? -9.021  -14.426 14.003  1.00 42.33 ? 60  GLY A O   1 
ATOM   482  N N   . ARG A 1 64  ? -9.796  -12.463 13.231  1.00 41.06 ? 61  ARG A N   1 
ATOM   483  C CA  . ARG A 1 64  ? -10.082 -12.986 11.898  1.00 43.10 ? 61  ARG A CA  1 
ATOM   484  C C   . ARG A 1 64  ? -8.944  -12.737 10.903  1.00 41.31 ? 61  ARG A C   1 
ATOM   485  O O   . ARG A 1 64  ? -8.340  -11.666 10.887  1.00 37.49 ? 61  ARG A O   1 
ATOM   486  C CB  . ARG A 1 64  ? -11.376 -12.364 11.360  1.00 48.66 ? 61  ARG A CB  1 
ATOM   487  C CG  . ARG A 1 64  ? -11.773 -12.845 9.972   1.00 54.03 ? 61  ARG A CG  1 
ATOM   488  C CD  . ARG A 1 64  ? -12.112 -14.330 9.967   1.00 59.82 ? 61  ARG A CD  1 
ATOM   489  N NE  . ARG A 1 64  ? -12.151 -14.880 8.613   1.00 64.24 ? 61  ARG A NE  1 
ATOM   490  C CZ  . ARG A 1 64  ? -12.986 -14.479 7.659   1.00 67.38 ? 61  ARG A CZ  1 
ATOM   491  N NH1 . ARG A 1 64  ? -13.866 -13.518 7.901   1.00 69.55 ? 61  ARG A NH1 1 
ATOM   492  N NH2 . ARG A 1 64  ? -12.937 -15.039 6.458   1.00 69.47 ? 61  ARG A NH2 1 
ATOM   493  N N   . VAL A 1 65  ? -8.658  -13.742 10.080  1.00 39.82 ? 62  VAL A N   1 
ATOM   494  C CA  . VAL A 1 65  ? -7.611  -13.641 9.067   1.00 38.96 ? 62  VAL A CA  1 
ATOM   495  C C   . VAL A 1 65  ? -8.264  -13.533 7.692   1.00 40.63 ? 62  VAL A C   1 
ATOM   496  O O   . VAL A 1 65  ? -9.052  -14.396 7.301   1.00 37.69 ? 62  VAL A O   1 
ATOM   497  C CB  . VAL A 1 65  ? -6.685  -14.879 9.090   1.00 40.40 ? 62  VAL A CB  1 
ATOM   498  C CG1 . VAL A 1 65  ? -5.703  -14.821 7.928   1.00 41.07 ? 62  VAL A CG1 1 
ATOM   499  C CG2 . VAL A 1 65  ? -5.931  -14.935 10.411  1.00 41.70 ? 62  VAL A CG2 1 
ATOM   500  N N   . TRP A 1 66  ? -7.940  -12.470 6.965   1.00 38.11 ? 63  TRP A N   1 
ATOM   501  C CA  . TRP A 1 66  ? -8.509  -12.262 5.640   1.00 40.67 ? 63  TRP A CA  1 
ATOM   502  C C   . TRP A 1 66  ? -7.487  -12.525 4.542   1.00 40.82 ? 63  TRP A C   1 
ATOM   503  O O   . TRP A 1 66  ? -6.283  -12.354 4.737   1.00 37.64 ? 63  TRP A O   1 
ATOM   504  C CB  . TRP A 1 66  ? -9.042  -10.835 5.505   1.00 44.04 ? 63  TRP A CB  1 
ATOM   505  C CG  . TRP A 1 66  ? -9.944  -10.419 6.627   1.00 50.83 ? 63  TRP A CG  1 
ATOM   506  C CD1 . TRP A 1 66  ? -9.569  -9.898  7.830   1.00 51.98 ? 63  TRP A CD1 1 
ATOM   507  C CD2 . TRP A 1 66  ? -11.375 -10.506 6.656   1.00 54.12 ? 63  TRP A CD2 1 
ATOM   508  N NE1 . TRP A 1 66  ? -10.677 -9.651  8.606   1.00 54.48 ? 63  TRP A NE1 1 
ATOM   509  C CE2 . TRP A 1 66  ? -11.798 -10.014 7.910   1.00 55.90 ? 63  TRP A CE2 1 
ATOM   510  C CE3 . TRP A 1 66  ? -12.340 -10.949 5.742   1.00 55.52 ? 63  TRP A CE3 1 
ATOM   511  C CZ2 . TRP A 1 66  ? -13.150 -9.955  8.276   1.00 58.48 ? 63  TRP A CZ2 1 
ATOM   512  C CZ3 . TRP A 1 66  ? -13.684 -10.891 6.106   1.00 58.04 ? 63  TRP A CZ3 1 
ATOM   513  C CH2 . TRP A 1 66  ? -14.075 -10.395 7.363   1.00 58.01 ? 63  TRP A CH2 1 
ATOM   514  N N   . GLU A 1 67  ? -7.982  -12.941 3.383   1.00 37.03 ? 64  GLU A N   1 
ATOM   515  C CA  . GLU A 1 67  ? -7.125  -13.235 2.247   1.00 36.03 ? 64  GLU A CA  1 
ATOM   516  C C   . GLU A 1 67  ? -7.856  -12.873 0.960   1.00 36.31 ? 64  GLU A C   1 
ATOM   517  O O   . GLU A 1 67  ? -9.030  -13.200 0.792   1.00 36.65 ? 64  GLU A O   1 
ATOM   518  C CB  . GLU A 1 67  ? -6.761  -14.722 2.246   1.00 41.12 ? 64  GLU A CB  1 
ATOM   519  C CG  . GLU A 1 67  ? -5.768  -15.131 1.172   1.00 51.14 ? 64  GLU A CG  1 
ATOM   520  C CD  . GLU A 1 67  ? -5.416  -16.606 1.239   1.00 56.54 ? 64  GLU A CD  1 
ATOM   521  O OE1 . GLU A 1 67  ? -4.895  -17.049 2.285   1.00 59.70 ? 64  GLU A OE1 1 
ATOM   522  O OE2 . GLU A 1 67  ? -5.658  -17.322 0.245   1.00 60.42 ? 64  GLU A OE2 1 
ATOM   523  N N   . TRP A 1 68  ? -7.166  -12.188 0.054   1.00 32.07 ? 65  TRP A N   1 
ATOM   524  C CA  . TRP A 1 68  ? -7.776  -11.796 -1.209  1.00 31.48 ? 65  TRP A CA  1 
ATOM   525  C C   . TRP A 1 68  ? -6.734  -11.591 -2.293  1.00 30.52 ? 65  TRP A C   1 
ATOM   526  O O   . TRP A 1 68  ? -5.536  -11.530 -2.018  1.00 28.38 ? 65  TRP A O   1 
ATOM   527  C CB  . TRP A 1 68  ? -8.600  -10.515 -1.023  1.00 30.83 ? 65  TRP A CB  1 
ATOM   528  C CG  . TRP A 1 68  ? -7.779  -9.290  -0.758  1.00 33.94 ? 65  TRP A CG  1 
ATOM   529  C CD1 . TRP A 1 68  ? -7.165  -8.493  -1.687  1.00 34.25 ? 65  TRP A CD1 1 
ATOM   530  C CD2 . TRP A 1 68  ? -7.456  -8.736  0.521   1.00 35.07 ? 65  TRP A CD2 1 
ATOM   531  N NE1 . TRP A 1 68  ? -6.480  -7.479  -1.064  1.00 35.35 ? 65  TRP A NE1 1 
ATOM   532  C CE2 . TRP A 1 68  ? -6.641  -7.603  0.291   1.00 35.02 ? 65  TRP A CE2 1 
ATOM   533  C CE3 . TRP A 1 68  ? -7.774  -9.084  1.840   1.00 35.84 ? 65  TRP A CE3 1 
ATOM   534  C CZ2 . TRP A 1 68  ? -6.139  -6.817  1.334   1.00 36.72 ? 65  TRP A CZ2 1 
ATOM   535  C CZ3 . TRP A 1 68  ? -7.273  -8.301  2.878   1.00 36.77 ? 65  TRP A CZ3 1 
ATOM   536  C CH2 . TRP A 1 68  ? -6.465  -7.181  2.617   1.00 36.15 ? 65  TRP A CH2 1 
ATOM   537  N N   . VAL A 1 69  ? -7.205  -11.491 -3.530  1.00 27.21 ? 66  VAL A N   1 
ATOM   538  C CA  . VAL A 1 69  ? -6.336  -11.294 -4.677  1.00 24.15 ? 66  VAL A CA  1 
ATOM   539  C C   . VAL A 1 69  ? -6.583  -9.904  -5.262  1.00 25.98 ? 66  VAL A C   1 
ATOM   540  O O   . VAL A 1 69  ? -7.722  -9.430  -5.315  1.00 23.01 ? 66  VAL A O   1 
ATOM   541  C CB  . VAL A 1 69  ? -6.606  -12.369 -5.754  1.00 25.82 ? 66  VAL A CB  1 
ATOM   542  C CG1 . VAL A 1 69  ? -5.802  -12.082 -7.011  1.00 25.05 ? 66  VAL A CG1 1 
ATOM   543  C CG2 . VAL A 1 69  ? -6.251  -13.744 -5.199  1.00 27.14 ? 66  VAL A CG2 1 
ATOM   544  N N   . SER A 1 70  ? -5.506  -9.250  -5.681  1.00 24.41 ? 67  SER A N   1 
ATOM   545  C CA  . SER A 1 70  ? -5.592  -7.919  -6.269  1.00 23.49 ? 67  SER A CA  1 
ATOM   546  C C   . SER A 1 70  ? -4.737  -7.871  -7.528  1.00 22.92 ? 67  SER A C   1 
ATOM   547  O O   . SER A 1 70  ? -3.872  -8.720  -7.727  1.00 25.45 ? 67  SER A O   1 
ATOM   548  C CB  . SER A 1 70  ? -5.100  -6.865  -5.273  1.00 26.92 ? 67  SER A CB  1 
ATOM   549  O OG  . SER A 1 70  ? -5.893  -6.858  -4.098  1.00 30.00 ? 67  SER A OG  1 
ATOM   550  N N   . HIS A 1 71  ? -4.997  -6.887  -8.381  1.00 21.47 ? 68  HIS A N   1 
ATOM   551  C CA  . HIS A 1 71  ? -4.235  -6.710  -9.614  1.00 21.69 ? 68  HIS A CA  1 
ATOM   552  C C   . HIS A 1 71  ? -3.482  -5.400  -9.427  1.00 21.86 ? 68  HIS A C   1 
ATOM   553  O O   . HIS A 1 71  ? -4.065  -4.403  -9.008  1.00 21.75 ? 68  HIS A O   1 
ATOM   554  C CB  . HIS A 1 71  ? -5.170  -6.613  -10.823 1.00 24.49 ? 68  HIS A CB  1 
ATOM   555  C CG  . HIS A 1 71  ? -4.452  -6.494  -12.133 1.00 26.51 ? 68  HIS A CG  1 
ATOM   556  N ND1 . HIS A 1 71  ? -3.685  -7.512  -12.655 1.00 29.02 ? 68  HIS A ND1 1 
ATOM   557  C CD2 . HIS A 1 71  ? -4.373  -5.471  -13.017 1.00 29.30 ? 68  HIS A CD2 1 
ATOM   558  C CE1 . HIS A 1 71  ? -3.162  -7.121  -13.806 1.00 29.41 ? 68  HIS A CE1 1 
ATOM   559  N NE2 . HIS A 1 71  ? -3.566  -5.888  -14.048 1.00 31.50 ? 68  HIS A NE2 1 
ATOM   560  N N   . ARG A 1 72  ? -2.192  -5.398  -9.735  1.00 22.58 ? 69  ARG A N   1 
ATOM   561  C CA  . ARG A 1 72  ? -1.374  -4.207  -9.551  1.00 19.95 ? 69  ARG A CA  1 
ATOM   562  C C   . ARG A 1 72  ? -0.541  -3.911  -10.797 1.00 24.75 ? 69  ARG A C   1 
ATOM   563  O O   . ARG A 1 72  ? 0.057   -4.816  -11.382 1.00 22.74 ? 69  ARG A O   1 
ATOM   564  C CB  . ARG A 1 72  ? -0.475  -4.425  -8.329  1.00 19.24 ? 69  ARG A CB  1 
ATOM   565  C CG  . ARG A 1 72  ? 0.313   -3.221  -7.850  1.00 25.89 ? 69  ARG A CG  1 
ATOM   566  C CD  . ARG A 1 72  ? 0.956   -3.515  -6.490  1.00 19.98 ? 69  ARG A CD  1 
ATOM   567  N NE  . ARG A 1 72  ? 1.892   -2.474  -6.076  1.00 25.31 ? 69  ARG A NE  1 
ATOM   568  C CZ  . ARG A 1 72  ? 1.586   -1.447  -5.289  1.00 29.19 ? 69  ARG A CZ  1 
ATOM   569  N NH1 . ARG A 1 72  ? 0.354   -1.308  -4.806  1.00 27.59 ? 69  ARG A NH1 1 
ATOM   570  N NH2 . ARG A 1 72  ? 2.516   -0.548  -4.998  1.00 25.40 ? 69  ARG A NH2 1 
ATOM   571  N N   . VAL A 1 73  ? -0.507  -2.644  -11.201 1.00 24.30 ? 70  VAL A N   1 
ATOM   572  C CA  . VAL A 1 73  ? 0.246   -2.240  -12.388 1.00 26.62 ? 70  VAL A CA  1 
ATOM   573  C C   . VAL A 1 73  ? 1.185   -1.069  -12.090 1.00 25.10 ? 70  VAL A C   1 
ATOM   574  O O   . VAL A 1 73  ? 0.784   0.094   -12.153 1.00 23.77 ? 70  VAL A O   1 
ATOM   575  C CB  . VAL A 1 73  ? -0.706  -1.818  -13.534 1.00 28.43 ? 70  VAL A CB  1 
ATOM   576  C CG1 . VAL A 1 73  ? 0.096   -1.532  -14.799 1.00 33.53 ? 70  VAL A CG1 1 
ATOM   577  C CG2 . VAL A 1 73  ? -1.733  -2.910  -13.787 1.00 32.20 ? 70  VAL A CG2 1 
ATOM   578  N N   . PRO A 1 74  ? 2.454   -1.362  -11.761 1.00 26.00 ? 71  PRO A N   1 
ATOM   579  C CA  . PRO A 1 74  ? 3.430   -0.311  -11.459 1.00 25.37 ? 71  PRO A CA  1 
ATOM   580  C C   . PRO A 1 74  ? 3.953   0.362   -12.729 1.00 27.25 ? 71  PRO A C   1 
ATOM   581  O O   . PRO A 1 74  ? 4.125   -0.287  -13.757 1.00 26.12 ? 71  PRO A O   1 
ATOM   582  C CB  . PRO A 1 74  ? 4.521   -1.069  -10.714 1.00 28.92 ? 71  PRO A CB  1 
ATOM   583  C CG  . PRO A 1 74  ? 4.509   -2.395  -11.389 1.00 34.03 ? 71  PRO A CG  1 
ATOM   584  C CD  . PRO A 1 74  ? 3.028   -2.699  -11.526 1.00 23.72 ? 71  PRO A CD  1 
ATOM   585  N N   . ASP A 1 75  ? 4.196   1.665   -12.658 1.00 28.99 ? 72  ASP A N   1 
ATOM   586  C CA  . ASP A 1 75  ? 4.709   2.402   -13.807 1.00 33.22 ? 72  ASP A CA  1 
ATOM   587  C C   . ASP A 1 75  ? 5.855   3.282   -13.327 1.00 28.75 ? 72  ASP A C   1 
ATOM   588  O O   . ASP A 1 75  ? 5.679   4.479   -13.105 1.00 28.55 ? 72  ASP A O   1 
ATOM   589  C CB  . ASP A 1 75  ? 3.604   3.264   -14.424 1.00 37.57 ? 72  ASP A CB  1 
ATOM   590  C CG  . ASP A 1 75  ? 3.954   3.751   -15.822 1.00 45.50 ? 72  ASP A CG  1 
ATOM   591  O OD1 . ASP A 1 75  ? 5.010   4.391   -15.988 1.00 46.37 ? 72  ASP A OD1 1 
ATOM   592  O OD2 . ASP A 1 75  ? 3.170   3.493   -16.756 1.00 51.26 ? 72  ASP A OD2 1 
ATOM   593  N N   . LYS A 1 76  ? 7.027   2.678   -13.161 1.00 29.25 ? 73  LYS A N   1 
ATOM   594  C CA  . LYS A 1 76  ? 8.201   3.397   -12.687 1.00 30.82 ? 73  LYS A CA  1 
ATOM   595  C C   . LYS A 1 76  ? 8.492   4.641   -13.510 1.00 32.42 ? 73  LYS A C   1 
ATOM   596  O O   . LYS A 1 76  ? 8.872   5.675   -12.965 1.00 32.64 ? 73  LYS A O   1 
ATOM   597  C CB  . LYS A 1 76  ? 9.424   2.478   -12.699 1.00 31.49 ? 73  LYS A CB  1 
ATOM   598  C CG  . LYS A 1 76  ? 10.676  3.107   -12.107 1.00 32.74 ? 73  LYS A CG  1 
ATOM   599  C CD  . LYS A 1 76  ? 11.790  2.082   -11.953 1.00 33.32 ? 73  LYS A CD  1 
ATOM   600  C CE  . LYS A 1 76  ? 13.004  2.674   -11.248 1.00 35.26 ? 73  LYS A CE  1 
ATOM   601  N NZ  . LYS A 1 76  ? 14.077  1.655   -11.060 1.00 37.03 ? 73  LYS A NZ  1 
ATOM   602  N N   . GLY A 1 77  ? 8.313   4.538   -14.822 1.00 35.05 ? 74  GLY A N   1 
ATOM   603  C CA  . GLY A 1 77  ? 8.566   5.674   -15.690 1.00 34.55 ? 74  GLY A CA  1 
ATOM   604  C C   . GLY A 1 77  ? 7.772   6.903   -15.298 1.00 33.56 ? 74  GLY A C   1 
ATOM   605  O O   . GLY A 1 77  ? 8.313   8.007   -15.241 1.00 34.68 ? 74  GLY A O   1 
ATOM   606  N N   . SER A 1 78  ? 6.483   6.715   -15.028 1.00 31.64 ? 75  SER A N   1 
ATOM   607  C CA  . SER A 1 78  ? 5.607   7.817   -14.645 1.00 31.58 ? 75  SER A CA  1 
ATOM   608  C C   . SER A 1 78  ? 5.581   7.999   -13.130 1.00 29.30 ? 75  SER A C   1 
ATOM   609  O O   . SER A 1 78  ? 4.897   8.882   -12.613 1.00 30.85 ? 75  SER A O   1 
ATOM   610  C CB  . SER A 1 78  ? 4.188   7.561   -15.157 1.00 34.11 ? 75  SER A CB  1 
ATOM   611  O OG  . SER A 1 78  ? 4.185   7.359   -16.560 1.00 40.87 ? 75  SER A OG  1 
ATOM   612  N N   . ARG A 1 79  ? 6.329   7.155   -12.426 1.00 26.86 ? 76  ARG A N   1 
ATOM   613  C CA  . ARG A 1 79  ? 6.404   7.224   -10.972 1.00 25.17 ? 76  ARG A CA  1 
ATOM   614  C C   . ARG A 1 79  ? 5.017   7.148   -10.347 1.00 24.65 ? 76  ARG A C   1 
ATOM   615  O O   . ARG A 1 79  ? 4.646   7.961   -9.499  1.00 22.04 ? 76  ARG A O   1 
ATOM   616  C CB  . ARG A 1 79  ? 7.108   8.515   -10.545 1.00 26.85 ? 76  ARG A CB  1 
ATOM   617  C CG  . ARG A 1 79  ? 8.535   8.596   -11.064 1.00 27.34 ? 76  ARG A CG  1 
ATOM   618  C CD  . ARG A 1 79  ? 9.331   9.750   -10.471 1.00 31.29 ? 76  ARG A CD  1 
ATOM   619  N NE  . ARG A 1 79  ? 10.753  9.627   -10.798 1.00 37.64 ? 76  ARG A NE  1 
ATOM   620  C CZ  . ARG A 1 79  ? 11.717  10.374  -10.266 1.00 35.97 ? 76  ARG A CZ  1 
ATOM   621  N NH1 . ARG A 1 79  ? 11.423  11.311  -9.376  1.00 35.86 ? 76  ARG A NH1 1 
ATOM   622  N NH2 . ARG A 1 79  ? 12.980  10.175  -10.618 1.00 37.95 ? 76  ARG A NH2 1 
ATOM   623  N N   . THR A 1 80  ? 4.250   6.157   -10.780 1.00 24.78 ? 77  THR A N   1 
ATOM   624  C CA  . THR A 1 80  ? 2.909   5.960   -10.264 1.00 25.59 ? 77  THR A CA  1 
ATOM   625  C C   . THR A 1 80  ? 2.580   4.486   -10.353 1.00 23.44 ? 77  THR A C   1 
ATOM   626  O O   . THR A 1 80  ? 3.253   3.734   -11.054 1.00 24.12 ? 77  THR A O   1 
ATOM   627  C CB  . THR A 1 80  ? 1.870   6.776   -11.075 1.00 29.97 ? 77  THR A CB  1 
ATOM   628  O OG1 . THR A 1 80  ? 0.564   6.600   -10.507 1.00 37.38 ? 77  THR A OG1 1 
ATOM   629  C CG2 . THR A 1 80  ? 1.854   6.326   -12.524 1.00 31.79 ? 77  THR A CG2 1 
ATOM   630  N N   . VAL A 1 81  ? 1.557   4.072   -9.617  1.00 23.15 ? 78  VAL A N   1 
ATOM   631  C CA  . VAL A 1 81  ? 1.125   2.689   -9.641  1.00 23.80 ? 78  VAL A CA  1 
ATOM   632  C C   . VAL A 1 81  ? -0.379  2.644   -9.413  1.00 24.51 ? 78  VAL A C   1 
ATOM   633  O O   . VAL A 1 81  ? -0.925  3.431   -8.643  1.00 24.48 ? 78  VAL A O   1 
ATOM   634  C CB  . VAL A 1 81  ? 1.877   1.823   -8.578  1.00 29.26 ? 78  VAL A CB  1 
ATOM   635  C CG1 . VAL A 1 81  ? 1.946   2.550   -7.254  1.00 32.80 ? 78  VAL A CG1 1 
ATOM   636  C CG2 . VAL A 1 81  ? 1.184   0.477   -8.416  1.00 24.05 ? 78  VAL A CG2 1 
ATOM   637  N N   . ARG A 1 82  ? -1.038  1.738   -10.125 1.00 24.04 ? 79  ARG A N   1 
ATOM   638  C CA  . ARG A 1 82  ? -2.480  1.558   -10.036 1.00 27.94 ? 79  ARG A CA  1 
ATOM   639  C C   . ARG A 1 82  ? -2.746  0.141   -9.561  1.00 24.05 ? 79  ARG A C   1 
ATOM   640  O O   . ARG A 1 82  ? -2.025  -0.781  -9.929  1.00 25.51 ? 79  ARG A O   1 
ATOM   641  C CB  . ARG A 1 82  ? -3.121  1.760   -11.415 1.00 33.23 ? 79  ARG A CB  1 
ATOM   642  C CG  . ARG A 1 82  ? -3.327  3.207   -11.823 1.00 38.73 ? 79  ARG A CG  1 
ATOM   643  C CD  . ARG A 1 82  ? -4.470  3.825   -11.036 1.00 46.73 ? 79  ARG A CD  1 
ATOM   644  N NE  . ARG A 1 82  ? -4.717  5.214   -11.414 1.00 51.84 ? 79  ARG A NE  1 
ATOM   645  C CZ  . ARG A 1 82  ? -5.723  5.945   -10.947 1.00 54.02 ? 79  ARG A CZ  1 
ATOM   646  N NH1 . ARG A 1 82  ? -6.581  5.420   -10.082 1.00 56.19 ? 79  ARG A NH1 1 
ATOM   647  N NH2 . ARG A 1 82  ? -5.869  7.203   -11.338 1.00 56.75 ? 79  ARG A NH2 1 
ATOM   648  N N   . ALA A 1 83  ? -3.778  -0.035  -8.744  1.00 22.42 ? 80  ALA A N   1 
ATOM   649  C CA  . ALA A 1 83  ? -4.116  -1.359  -8.252  1.00 24.75 ? 80  ALA A CA  1 
ATOM   650  C C   . ALA A 1 83  ? -5.587  -1.424  -7.865  1.00 26.57 ? 80  ALA A C   1 
ATOM   651  O O   . ALA A 1 83  ? -6.228  -0.396  -7.671  1.00 25.12 ? 80  ALA A O   1 
ATOM   652  C CB  . ALA A 1 83  ? -3.245  -1.708  -7.056  1.00 24.27 ? 80  ALA A CB  1 
ATOM   653  N N   . HIS A 1 84  ? -6.124  -2.634  -7.767  1.00 24.13 ? 81  HIS A N   1 
ATOM   654  C CA  . HIS A 1 84  ? -7.520  -2.804  -7.381  1.00 25.05 ? 81  HIS A CA  1 
ATOM   655  C C   . HIS A 1 84  ? -7.763  -4.239  -6.960  1.00 24.23 ? 81  HIS A C   1 
ATOM   656  O O   . HIS A 1 84  ? -7.129  -5.165  -7.475  1.00 25.75 ? 81  HIS A O   1 
ATOM   657  C CB  . HIS A 1 84  ? -8.447  -2.421  -8.543  1.00 27.46 ? 81  HIS A CB  1 
ATOM   658  C CG  . HIS A 1 84  ? -8.285  -3.282  -9.757  1.00 27.09 ? 81  HIS A CG  1 
ATOM   659  N ND1 . HIS A 1 84  ? -8.882  -4.519  -9.878  1.00 29.12 ? 81  HIS A ND1 1 
ATOM   660  C CD2 . HIS A 1 84  ? -7.578  -3.092  -10.895 1.00 25.45 ? 81  HIS A CD2 1 
ATOM   661  C CE1 . HIS A 1 84  ? -8.550  -5.052  -11.040 1.00 23.62 ? 81  HIS A CE1 1 
ATOM   662  N NE2 . HIS A 1 84  ? -7.759  -4.207  -11.675 1.00 26.90 ? 81  HIS A NE2 1 
ATOM   663  N N   . ARG A 1 85  ? -8.664  -4.428  -6.005  1.00 21.95 ? 82  ARG A N   1 
ATOM   664  C CA  . ARG A 1 85  ? -8.971  -5.772  -5.548  1.00 20.97 ? 82  ARG A CA  1 
ATOM   665  C C   . ARG A 1 85  ? -9.718  -6.537  -6.630  1.00 19.93 ? 82  ARG A C   1 
ATOM   666  O O   . ARG A 1 85  ? -10.601 -5.987  -7.291  1.00 22.19 ? 82  ARG A O   1 
ATOM   667  C CB  . ARG A 1 85  ? -9.837  -5.750  -4.282  1.00 23.75 ? 82  ARG A CB  1 
ATOM   668  C CG  . ARG A 1 85  ? -9.123  -5.316  -3.022  1.00 31.75 ? 82  ARG A CG  1 
ATOM   669  C CD  . ARG A 1 85  ? -9.882  -5.790  -1.793  1.00 35.97 ? 82  ARG A CD  1 
ATOM   670  N NE  . ARG A 1 85  ? -9.263  -5.321  -0.559  1.00 44.34 ? 82  ARG A NE  1 
ATOM   671  C CZ  . ARG A 1 85  ? -9.570  -5.774  0.653   1.00 47.07 ? 82  ARG A CZ  1 
ATOM   672  N NH1 . ARG A 1 85  ? -10.491 -6.718  0.803   1.00 40.40 ? 82  ARG A NH1 1 
ATOM   673  N NH2 . ARG A 1 85  ? -8.952  -5.278  1.718   1.00 50.07 ? 82  ARG A NH2 1 
ATOM   674  N N   . VAL A 1 86  ? -9.349  -7.801  -6.809  1.00 22.05 ? 83  VAL A N   1 
ATOM   675  C CA  . VAL A 1 86  ? -10.006 -8.671  -7.779  1.00 24.64 ? 83  VAL A CA  1 
ATOM   676  C C   . VAL A 1 86  ? -11.120 -9.373  -7.006  1.00 27.19 ? 83  VAL A C   1 
ATOM   677  O O   . VAL A 1 86  ? -12.235 -9.522  -7.498  1.00 28.11 ? 83  VAL A O   1 
ATOM   678  C CB  . VAL A 1 86  ? -9.024  -9.711  -8.361  1.00 27.53 ? 83  VAL A CB  1 
ATOM   679  C CG1 . VAL A 1 86  ? -9.780  -10.728 -9.205  1.00 27.21 ? 83  VAL A CG1 1 
ATOM   680  C CG2 . VAL A 1 86  ? -7.974  -9.009  -9.211  1.00 27.46 ? 83  VAL A CG2 1 
ATOM   681  N N   . GLU A 1 87  ? -10.800 -9.802  -5.791  1.00 27.99 ? 84  GLU A N   1 
ATOM   682  C CA  . GLU A 1 87  ? -11.777 -10.433 -4.909  1.00 29.20 ? 84  GLU A CA  1 
ATOM   683  C C   . GLU A 1 87  ? -12.108 -9.320  -3.919  1.00 30.65 ? 84  GLU A C   1 
ATOM   684  O O   . GLU A 1 87  ? -11.484 -9.203  -2.865  1.00 31.94 ? 84  GLU A O   1 
ATOM   685  C CB  . GLU A 1 87  ? -11.167 -11.629 -4.176  1.00 28.00 ? 84  GLU A CB  1 
ATOM   686  C CG  . GLU A 1 87  ? -10.594 -12.704 -5.091  1.00 32.51 ? 84  GLU A CG  1 
ATOM   687  C CD  . GLU A 1 87  ? -10.079 -13.909 -4.322  1.00 36.52 ? 84  GLU A CD  1 
ATOM   688  O OE1 . GLU A 1 87  ? -9.309  -13.719 -3.355  1.00 36.16 ? 84  GLU A OE1 1 
ATOM   689  O OE2 . GLU A 1 87  ? -10.434 -15.049 -4.690  1.00 37.69 ? 84  GLU A OE2 1 
ATOM   690  N N   . THR A 1 88  ? -13.081 -8.494  -4.293  1.00 32.19 ? 85  THR A N   1 
ATOM   691  C CA  . THR A 1 88  ? -13.510 -7.340  -3.506  1.00 32.60 ? 85  THR A CA  1 
ATOM   692  C C   . THR A 1 88  ? -13.925 -7.618  -2.064  1.00 36.11 ? 85  THR A C   1 
ATOM   693  O O   . THR A 1 88  ? -13.759 -6.763  -1.193  1.00 35.10 ? 85  THR A O   1 
ATOM   694  C CB  . THR A 1 88  ? -14.680 -6.633  -4.194  1.00 33.60 ? 85  THR A CB  1 
ATOM   695  O OG1 . THR A 1 88  ? -15.795 -7.531  -4.276  1.00 32.70 ? 85  THR A OG1 1 
ATOM   696  C CG2 . THR A 1 88  ? -14.285 -6.192  -5.595  1.00 34.92 ? 85  THR A CG2 1 
ATOM   697  N N   . GLY A 1 89  ? -14.478 -8.802  -1.817  1.00 35.45 ? 86  GLY A N   1 
ATOM   698  C CA  . GLY A 1 89  ? -14.913 -9.141  -0.476  1.00 35.89 ? 86  GLY A CA  1 
ATOM   699  C C   . GLY A 1 89  ? -16.040 -8.237  -0.009  1.00 34.50 ? 86  GLY A C   1 
ATOM   700  O O   . GLY A 1 89  ? -17.073 -8.140  -0.668  1.00 35.37 ? 86  GLY A O   1 
ATOM   701  N N   . PRO A 1 90  ? -15.869 -7.555  1.132   1.00 36.04 ? 87  PRO A N   1 
ATOM   702  C CA  . PRO A 1 90  ? -16.899 -6.658  1.664   1.00 35.88 ? 87  PRO A CA  1 
ATOM   703  C C   . PRO A 1 90  ? -17.018 -5.371  0.852   1.00 34.85 ? 87  PRO A C   1 
ATOM   704  O O   . PRO A 1 90  ? -17.962 -4.600  1.026   1.00 35.67 ? 87  PRO A O   1 
ATOM   705  C CB  . PRO A 1 90  ? -16.421 -6.402  3.089   1.00 37.59 ? 87  PRO A CB  1 
ATOM   706  C CG  . PRO A 1 90  ? -14.934 -6.394  2.925   1.00 39.42 ? 87  PRO A CG  1 
ATOM   707  C CD  . PRO A 1 90  ? -14.704 -7.599  2.034   1.00 37.94 ? 87  PRO A CD  1 
ATOM   708  N N   . PHE A 1 91  ? -16.057 -5.147  -0.038  1.00 33.00 ? 88  PHE A N   1 
ATOM   709  C CA  . PHE A 1 91  ? -16.042 -3.950  -0.881  1.00 32.41 ? 88  PHE A CA  1 
ATOM   710  C C   . PHE A 1 91  ? -16.756 -4.184  -2.205  1.00 30.20 ? 88  PHE A C   1 
ATOM   711  O O   . PHE A 1 91  ? -16.666 -5.263  -2.781  1.00 32.44 ? 88  PHE A O   1 
ATOM   712  C CB  . PHE A 1 91  ? -14.598 -3.533  -1.188  1.00 29.55 ? 88  PHE A CB  1 
ATOM   713  C CG  . PHE A 1 91  ? -13.829 -3.052  0.007   1.00 28.93 ? 88  PHE A CG  1 
ATOM   714  C CD1 . PHE A 1 91  ? -13.946 -1.736  0.443   1.00 28.99 ? 88  PHE A CD1 1 
ATOM   715  C CD2 . PHE A 1 91  ? -12.979 -3.914  0.691   1.00 29.72 ? 88  PHE A CD2 1 
ATOM   716  C CE1 . PHE A 1 91  ? -13.223 -1.284  1.544   1.00 29.57 ? 88  PHE A CE1 1 
ATOM   717  C CE2 . PHE A 1 91  ? -12.253 -3.474  1.793   1.00 30.46 ? 88  PHE A CE2 1 
ATOM   718  C CZ  . PHE A 1 91  ? -12.377 -2.155  2.220   1.00 31.09 ? 88  PHE A CZ  1 
ATOM   719  N N   . ALA A 1 92  ? -17.472 -3.170  -2.680  1.00 30.68 ? 89  ALA A N   1 
ATOM   720  C CA  . ALA A 1 92  ? -18.147 -3.270  -3.966  1.00 31.03 ? 89  ALA A CA  1 
ATOM   721  C C   . ALA A 1 92  ? -17.007 -3.166  -4.974  1.00 33.46 ? 89  ALA A C   1 
ATOM   722  O O   . ALA A 1 92  ? -17.023 -3.782  -6.038  1.00 32.52 ? 89  ALA A O   1 
ATOM   723  C CB  . ALA A 1 92  ? -19.127 -2.122  -4.151  1.00 34.19 ? 89  ALA A CB  1 
ATOM   724  N N   . TYR A 1 93  ? -16.005 -2.378  -4.597  1.00 32.33 ? 90  TYR A N   1 
ATOM   725  C CA  . TYR A 1 93  ? -14.803 -2.164  -5.396  1.00 29.84 ? 90  TYR A CA  1 
ATOM   726  C C   . TYR A 1 93  ? -13.789 -1.411  -4.547  1.00 28.73 ? 90  TYR A C   1 
ATOM   727  O O   . TYR A 1 93  ? -14.161 -0.671  -3.641  1.00 22.36 ? 90  TYR A O   1 
ATOM   728  C CB  . TYR A 1 93  ? -15.135 -1.382  -6.680  1.00 30.47 ? 90  TYR A CB  1 
ATOM   729  C CG  . TYR A 1 93  ? -15.556 0.058   -6.465  1.00 33.46 ? 90  TYR A CG  1 
ATOM   730  C CD1 . TYR A 1 93  ? -14.608 1.078   -6.343  1.00 32.83 ? 90  TYR A CD1 1 
ATOM   731  C CD2 . TYR A 1 93  ? -16.907 0.406   -6.396  1.00 35.69 ? 90  TYR A CD2 1 
ATOM   732  C CE1 . TYR A 1 93  ? -14.995 2.401   -6.165  1.00 34.71 ? 90  TYR A CE1 1 
ATOM   733  C CE2 . TYR A 1 93  ? -17.300 1.730   -6.215  1.00 36.00 ? 90  TYR A CE2 1 
ATOM   734  C CZ  . TYR A 1 93  ? -16.342 2.721   -6.101  1.00 36.16 ? 90  TYR A CZ  1 
ATOM   735  O OH  . TYR A 1 93  ? -16.733 4.032   -5.933  1.00 37.53 ? 90  TYR A OH  1 
ATOM   736  N N   . MET A 1 94  ? -12.510 -1.633  -4.818  1.00 30.24 ? 91  MET A N   1 
ATOM   737  C CA  . MET A 1 94  ? -11.447 -0.958  -4.085  1.00 29.33 ? 91  MET A CA  1 
ATOM   738  C C   . MET A 1 94  ? -10.309 -0.689  -5.052  1.00 30.44 ? 91  MET A C   1 
ATOM   739  O O   . MET A 1 94  ? -9.646  -1.614  -5.530  1.00 28.85 ? 91  MET A O   1 
ATOM   740  C CB  . MET A 1 94  ? -10.954 -1.813  -2.911  1.00 29.04 ? 91  MET A CB  1 
ATOM   741  C CG  . MET A 1 94  ? -9.596  -1.362  -2.317  1.00 29.62 ? 91  MET A CG  1 
ATOM   742  S SD  . MET A 1 94  ? -9.568  0.330   -1.643  1.00 23.24 ? 91  MET A SD  1 
ATOM   743  C CE  . MET A 1 94  ? -10.198 0.016   -0.010  1.00 20.01 ? 91  MET A CE  1 
ATOM   744  N N   . ASN A 1 95  ? -10.109 0.594   -5.342  1.00 26.92 ? 92  ASN A N   1 
ATOM   745  C CA  . ASN A 1 95  ? -9.070  1.046   -6.255  1.00 27.10 ? 92  ASN A CA  1 
ATOM   746  C C   . ASN A 1 95  ? -7.989  1.777   -5.467  1.00 26.62 ? 92  ASN A C   1 
ATOM   747  O O   . ASN A 1 95  ? -8.280  2.515   -4.529  1.00 27.45 ? 92  ASN A O   1 
ATOM   748  C CB  . ASN A 1 95  ? -9.673  1.988   -7.301  1.00 30.15 ? 92  ASN A CB  1 
ATOM   749  C CG  . ASN A 1 95  ? -10.717 1.307   -8.170  1.00 34.06 ? 92  ASN A CG  1 
ATOM   750  O OD1 . ASN A 1 95  ? -11.535 1.970   -8.812  1.00 37.48 ? 92  ASN A OD1 1 
ATOM   751  N ND2 . ASN A 1 95  ? -10.688 -0.020  -8.203  1.00 30.67 ? 92  ASN A ND2 1 
ATOM   752  N N   . LEU A 1 96  ? -6.741  1.568   -5.863  1.00 21.34 ? 93  LEU A N   1 
ATOM   753  C CA  . LEU A 1 96  ? -5.606  2.194   -5.208  1.00 25.02 ? 93  LEU A CA  1 
ATOM   754  C C   . LEU A 1 96  ? -4.809  3.001   -6.223  1.00 20.93 ? 93  LEU A C   1 
ATOM   755  O O   . LEU A 1 96  ? -4.729  2.630   -7.396  1.00 22.84 ? 93  LEU A O   1 
ATOM   756  C CB  . LEU A 1 96  ? -4.730  1.102   -4.574  1.00 29.20 ? 93  LEU A CB  1 
ATOM   757  C CG  . LEU A 1 96  ? -3.304  1.374   -4.084  1.00 35.15 ? 93  LEU A CG  1 
ATOM   758  C CD1 . LEU A 1 96  ? -2.928  0.307   -3.064  1.00 32.61 ? 93  LEU A CD1 1 
ATOM   759  C CD2 . LEU A 1 96  ? -2.320  1.362   -5.253  1.00 36.68 ? 93  LEU A CD2 1 
ATOM   760  N N   . HIS A 1 97  ? -4.228  4.107   -5.774  1.00 20.86 ? 94  HIS A N   1 
ATOM   761  C CA  . HIS A 1 97  ? -3.425  4.954   -6.651  1.00 22.56 ? 94  HIS A CA  1 
ATOM   762  C C   . HIS A 1 97  ? -2.301  5.594   -5.848  1.00 19.67 ? 94  HIS A C   1 
ATOM   763  O O   . HIS A 1 97  ? -2.553  6.396   -4.954  1.00 21.84 ? 94  HIS A O   1 
ATOM   764  C CB  . HIS A 1 97  ? -4.291  6.056   -7.274  1.00 25.38 ? 94  HIS A CB  1 
ATOM   765  C CG  . HIS A 1 97  ? -3.554  6.934   -8.241  1.00 25.46 ? 94  HIS A CG  1 
ATOM   766  N ND1 . HIS A 1 97  ? -4.017  8.178   -8.614  1.00 33.57 ? 94  HIS A ND1 1 
ATOM   767  C CD2 . HIS A 1 97  ? -2.400  6.744   -8.923  1.00 32.44 ? 94  HIS A CD2 1 
ATOM   768  C CE1 . HIS A 1 97  ? -3.179  8.716   -9.484  1.00 35.44 ? 94  HIS A CE1 1 
ATOM   769  N NE2 . HIS A 1 97  ? -2.190  7.866   -9.688  1.00 34.01 ? 94  HIS A NE2 1 
ATOM   770  N N   . TRP A 1 98  ? -1.063  5.229   -6.171  1.00 18.71 ? 95  TRP A N   1 
ATOM   771  C CA  . TRP A 1 98  ? 0.106   5.770   -5.490  1.00 17.09 ? 95  TRP A CA  1 
ATOM   772  C C   . TRP A 1 98  ? 0.931   6.601   -6.451  1.00 20.46 ? 95  TRP A C   1 
ATOM   773  O O   . TRP A 1 98  ? 1.102   6.231   -7.612  1.00 20.66 ? 95  TRP A O   1 
ATOM   774  C CB  . TRP A 1 98  ? 1.020   4.655   -4.978  1.00 21.12 ? 95  TRP A CB  1 
ATOM   775  C CG  . TRP A 1 98  ? 0.456   3.781   -3.923  1.00 21.33 ? 95  TRP A CG  1 
ATOM   776  C CD1 . TRP A 1 98  ? -0.809  3.805   -3.418  1.00 20.34 ? 95  TRP A CD1 1 
ATOM   777  C CD2 . TRP A 1 98  ? 1.145   2.723   -3.243  1.00 20.18 ? 95  TRP A CD2 1 
ATOM   778  N NE1 . TRP A 1 98  ? -0.953  2.822   -2.461  1.00 22.18 ? 95  TRP A NE1 1 
ATOM   779  C CE2 . TRP A 1 98  ? 0.232   2.148   -2.334  1.00 18.55 ? 95  TRP A CE2 1 
ATOM   780  C CE3 . TRP A 1 98  ? 2.449   2.212   -3.311  1.00 21.45 ? 95  TRP A CE3 1 
ATOM   781  C CZ2 . TRP A 1 98  ? 0.577   1.078   -1.506  1.00 25.57 ? 95  TRP A CZ2 1 
ATOM   782  C CZ3 . TRP A 1 98  ? 2.794   1.143   -2.482  1.00 21.83 ? 95  TRP A CZ3 1 
ATOM   783  C CH2 . TRP A 1 98  ? 1.858   0.592   -1.590  1.00 18.32 ? 95  TRP A CH2 1 
ATOM   784  N N   . THR A 1 99  ? 1.448   7.721   -5.964  1.00 20.87 ? 96  THR A N   1 
ATOM   785  C CA  . THR A 1 99  ? 2.304   8.561   -6.784  1.00 22.87 ? 96  THR A CA  1 
ATOM   786  C C   . THR A 1 99  ? 3.546   8.882   -5.964  1.00 21.91 ? 96  THR A C   1 
ATOM   787  O O   . THR A 1 99  ? 3.519   8.844   -4.731  1.00 24.25 ? 96  THR A O   1 
ATOM   788  C CB  . THR A 1 99  ? 1.588   9.871   -7.213  1.00 24.16 ? 96  THR A CB  1 
ATOM   789  O OG1 . THR A 1 99  ? 1.263   10.653  -6.058  1.00 29.37 ? 96  THR A OG1 1 
ATOM   790  C CG2 . THR A 1 99  ? 0.309   9.548   -7.979  1.00 25.77 ? 96  THR A CG2 1 
ATOM   791  N N   . TYR A 1 100 ? 4.647   9.151   -6.651  1.00 21.72 ? 97  TYR A N   1 
ATOM   792  C CA  . TYR A 1 100 ? 5.899   9.491   -5.989  1.00 20.11 ? 97  TYR A CA  1 
ATOM   793  C C   . TYR A 1 100 ? 6.363   10.798  -6.619  1.00 24.93 ? 97  TYR A C   1 
ATOM   794  O O   . TYR A 1 100 ? 6.308   10.957  -7.839  1.00 23.87 ? 97  TYR A O   1 
ATOM   795  C CB  . TYR A 1 100 ? 6.960   8.417   -6.227  1.00 18.58 ? 97  TYR A CB  1 
ATOM   796  C CG  . TYR A 1 100 ? 6.581   7.026   -5.769  1.00 21.18 ? 97  TYR A CG  1 
ATOM   797  C CD1 . TYR A 1 100 ? 5.595   6.297   -6.434  1.00 22.19 ? 97  TYR A CD1 1 
ATOM   798  C CD2 . TYR A 1 100 ? 7.242   6.419   -4.702  1.00 19.97 ? 97  TYR A CD2 1 
ATOM   799  C CE1 . TYR A 1 100 ? 5.283   4.996   -6.053  1.00 22.76 ? 97  TYR A CE1 1 
ATOM   800  C CE2 . TYR A 1 100 ? 6.936   5.118   -4.313  1.00 15.78 ? 97  TYR A CE2 1 
ATOM   801  C CZ  . TYR A 1 100 ? 5.960   4.413   -4.995  1.00 21.07 ? 97  TYR A CZ  1 
ATOM   802  O OH  . TYR A 1 100 ? 5.676   3.114   -4.647  1.00 23.66 ? 97  TYR A OH  1 
ATOM   803  N N   . ARG A 1 101 ? 6.827   11.725  -5.793  1.00 23.76 ? 98  ARG A N   1 
ATOM   804  C CA  . ARG A 1 101 ? 7.260   13.018  -6.297  1.00 28.67 ? 98  ARG A CA  1 
ATOM   805  C C   . ARG A 1 101 ? 8.490   13.514  -5.552  1.00 26.95 ? 98  ARG A C   1 
ATOM   806  O O   . ARG A 1 101 ? 8.542   13.468  -4.325  1.00 25.01 ? 98  ARG A O   1 
ATOM   807  C CB  . ARG A 1 101 ? 6.115   14.022  -6.139  1.00 36.55 ? 98  ARG A CB  1 
ATOM   808  C CG  . ARG A 1 101 ? 6.312   15.339  -6.861  1.00 50.77 ? 98  ARG A CG  1 
ATOM   809  C CD  . ARG A 1 101 ? 5.159   15.601  -7.827  1.00 60.52 ? 98  ARG A CD  1 
ATOM   810  N NE  . ARG A 1 101 ? 3.869   15.703  -7.145  1.00 66.00 ? 98  ARG A NE  1 
ATOM   811  C CZ  . ARG A 1 101 ? 2.698   15.827  -7.767  1.00 66.99 ? 98  ARG A CZ  1 
ATOM   812  N NH1 . ARG A 1 101 ? 2.649   15.863  -9.092  1.00 67.74 ? 98  ARG A NH1 1 
ATOM   813  N NH2 . ARG A 1 101 ? 1.575   15.916  -7.065  1.00 68.52 ? 98  ARG A NH2 1 
ATOM   814  N N   . ALA A 1 102 ? 9.481   13.988  -6.295  1.00 27.44 ? 99  ALA A N   1 
ATOM   815  C CA  . ALA A 1 102 ? 10.693  14.506  -5.676  1.00 26.81 ? 99  ALA A CA  1 
ATOM   816  C C   . ALA A 1 102 ? 10.384  15.852  -5.030  1.00 30.00 ? 99  ALA A C   1 
ATOM   817  O O   . ALA A 1 102 ? 9.795   16.733  -5.662  1.00 29.84 ? 99  ALA A O   1 
ATOM   818  C CB  . ALA A 1 102 ? 11.785  14.665  -6.725  1.00 29.28 ? 99  ALA A CB  1 
ATOM   819  N N   . VAL A 1 103 ? 10.769  16.009  -3.769  1.00 26.86 ? 100 VAL A N   1 
ATOM   820  C CA  . VAL A 1 103 ? 10.541  17.264  -3.059  1.00 28.58 ? 100 VAL A CA  1 
ATOM   821  C C   . VAL A 1 103 ? 11.767  17.633  -2.238  1.00 29.40 ? 100 VAL A C   1 
ATOM   822  O O   . VAL A 1 103 ? 12.732  16.868  -2.160  1.00 28.42 ? 100 VAL A O   1 
ATOM   823  C CB  . VAL A 1 103 ? 9.320   17.184  -2.103  1.00 29.97 ? 100 VAL A CB  1 
ATOM   824  C CG1 . VAL A 1 103 ? 8.043   16.961  -2.906  1.00 32.40 ? 100 VAL A CG1 1 
ATOM   825  C CG2 . VAL A 1 103 ? 9.516   16.067  -1.089  1.00 26.29 ? 100 VAL A CG2 1 
ATOM   826  N N   . ALA A 1 104 ? 11.730  18.815  -1.634  1.00 30.60 ? 101 ALA A N   1 
ATOM   827  C CA  . ALA A 1 104 ? 12.834  19.279  -0.809  1.00 35.20 ? 101 ALA A CA  1 
ATOM   828  C C   . ALA A 1 104 ? 12.873  18.432  0.455   1.00 35.57 ? 101 ALA A C   1 
ATOM   829  O O   . ALA A 1 104 ? 12.067  18.627  1.366   1.00 35.55 ? 101 ALA A O   1 
ATOM   830  C CB  . ALA A 1 104 ? 12.648  20.750  -0.454  1.00 33.86 ? 101 ALA A CB  1 
ATOM   831  N N   . GLY A 1 105 ? 13.807  17.489  0.503   1.00 33.84 ? 102 GLY A N   1 
ATOM   832  C CA  . GLY A 1 105 ? 13.916  16.630  1.669   1.00 37.65 ? 102 GLY A CA  1 
ATOM   833  C C   . GLY A 1 105 ? 13.827  15.145  1.358   1.00 35.45 ? 102 GLY A C   1 
ATOM   834  O O   . GLY A 1 105 ? 14.102  14.313  2.224   1.00 38.31 ? 102 GLY A O   1 
ATOM   835  N N   . GLY A 1 106 ? 13.440  14.802  0.132   1.00 31.97 ? 103 GLY A N   1 
ATOM   836  C CA  . GLY A 1 106 ? 13.345  13.399  -0.230  1.00 26.57 ? 103 GLY A CA  1 
ATOM   837  C C   . GLY A 1 106 ? 12.347  13.069  -1.319  1.00 26.52 ? 103 GLY A C   1 
ATOM   838  O O   . GLY A 1 106 ? 12.278  13.739  -2.354  1.00 24.88 ? 103 GLY A O   1 
ATOM   839  N N   . THR A 1 107 ? 11.569  12.019  -1.084  1.00 22.86 ? 104 THR A N   1 
ATOM   840  C CA  . THR A 1 107 ? 10.573  11.572  -2.043  1.00 19.18 ? 104 THR A CA  1 
ATOM   841  C C   . THR A 1 107 ? 9.212   11.545  -1.373  1.00 20.21 ? 104 THR A C   1 
ATOM   842  O O   . THR A 1 107 ? 9.023   10.867  -0.369  1.00 17.30 ? 104 THR A O   1 
ATOM   843  C CB  . THR A 1 107 ? 10.903  10.156  -2.558  1.00 18.73 ? 104 THR A CB  1 
ATOM   844  O OG1 . THR A 1 107 ? 12.193  10.166  -3.185  1.00 19.77 ? 104 THR A OG1 1 
ATOM   845  C CG2 . THR A 1 107 ? 9.861   9.693   -3.567  1.00 16.82 ? 104 THR A CG2 1 
ATOM   846  N N   . GLU A 1 108 ? 8.264   12.291  -1.922  1.00 18.74 ? 105 GLU A N   1 
ATOM   847  C CA  . GLU A 1 108 ? 6.933   12.323  -1.348  1.00 21.91 ? 105 GLU A CA  1 
ATOM   848  C C   . GLU A 1 108 ? 6.068   11.212  -1.929  1.00 21.03 ? 105 GLU A C   1 
ATOM   849  O O   . GLU A 1 108 ? 5.999   11.041  -3.143  1.00 24.33 ? 105 GLU A O   1 
ATOM   850  C CB  . GLU A 1 108 ? 6.292   13.688  -1.605  1.00 24.61 ? 105 GLU A CB  1 
ATOM   851  C CG  . GLU A 1 108 ? 4.875   13.808  -1.107  1.00 21.91 ? 105 GLU A CG  1 
ATOM   852  C CD  . GLU A 1 108 ? 4.442   15.254  -0.988  1.00 34.89 ? 105 GLU A CD  1 
ATOM   853  O OE1 . GLU A 1 108 ? 4.677   15.858  0.078   1.00 37.34 ? 105 GLU A OE1 1 
ATOM   854  O OE2 . GLU A 1 108 ? 3.885   15.780  -1.967  1.00 35.38 ? 105 GLU A OE2 1 
ATOM   855  N N   . MET A 1 109 ? 5.430   10.447  -1.046  1.00 19.84 ? 106 MET A N   1 
ATOM   856  C CA  . MET A 1 109 ? 4.545   9.362   -1.445  1.00 18.64 ? 106 MET A CA  1 
ATOM   857  C C   . MET A 1 109 ? 3.115   9.777   -1.150  1.00 24.26 ? 106 MET A C   1 
ATOM   858  O O   . MET A 1 109 ? 2.815   10.255  -0.049  1.00 20.41 ? 106 MET A O   1 
ATOM   859  C CB  . MET A 1 109 ? 4.831   8.091   -0.647  1.00 23.21 ? 106 MET A CB  1 
ATOM   860  C CG  . MET A 1 109 ? 6.121   7.380   -0.966  1.00 20.28 ? 106 MET A CG  1 
ATOM   861  S SD  . MET A 1 109 ? 6.139   5.780   -0.136  1.00 15.36 ? 106 MET A SD  1 
ATOM   862  C CE  . MET A 1 109 ? 5.314   4.835   -1.248  1.00 14.07 ? 106 MET A CE  1 
ATOM   863  N N   . ARG A 1 110 ? 2.243   9.624   -2.137  1.00 31.86 ? 107 ARG A N   1 
ATOM   864  C CA  . ARG A 1 110 ? 0.842   9.964   -1.937  1.00 31.07 ? 107 ARG A CA  1 
ATOM   865  C C   . ARG A 1 110 ? 0.005   8.739   -2.294  1.00 28.60 ? 107 ARG A C   1 
ATOM   866  O O   . ARG A 1 110 ? 0.029   8.277   -3.430  1.00 30.61 ? 107 ARG A O   1 
ATOM   867  C CB  . ARG A 1 110 ? 0.451   11.157  -2.817  1.00 34.85 ? 107 ARG A CB  1 
ATOM   868  C CG  . ARG A 1 110 ? -0.940  11.672  -2.536  1.00 33.23 ? 107 ARG A CG  1 
ATOM   869  C CD  . ARG A 1 110 ? -1.246  12.887  -3.377  1.00 35.16 ? 107 ARG A CD  1 
ATOM   870  N NE  . ARG A 1 110 ? -2.534  13.472  -3.015  1.00 36.54 ? 107 ARG A NE  1 
ATOM   871  C CZ  . ARG A 1 110 ? -3.041  14.564  -3.576  1.00 41.15 ? 107 ARG A CZ  1 
ATOM   872  N NH1 . ARG A 1 110 ? -2.376  15.199  -4.536  1.00 35.88 ? 107 ARG A NH1 1 
ATOM   873  N NH2 . ARG A 1 110 ? -4.217  15.014  -3.181  1.00 43.23 ? 107 ARG A NH2 1 
ATOM   874  N N   . TRP A 1 111 ? -0.715  8.204   -1.311  1.00 19.79 ? 108 TRP A N   1 
ATOM   875  C CA  . TRP A 1 111 ? -1.563  7.030   -1.520  1.00 18.27 ? 108 TRP A CA  1 
ATOM   876  C C   . TRP A 1 111 ? -3.026  7.419   -1.465  1.00 20.42 ? 108 TRP A C   1 
ATOM   877  O O   . TRP A 1 111 ? -3.482  7.995   -0.479  1.00 20.62 ? 108 TRP A O   1 
ATOM   878  C CB  . TRP A 1 111 ? -1.317  5.965   -0.449  1.00 20.22 ? 108 TRP A CB  1 
ATOM   879  C CG  . TRP A 1 111 ? 0.072   5.435   -0.399  1.00 24.29 ? 108 TRP A CG  1 
ATOM   880  C CD1 . TRP A 1 111 ? 1.124   5.791   -1.198  1.00 25.99 ? 108 TRP A CD1 1 
ATOM   881  C CD2 . TRP A 1 111 ? 0.569   4.445   0.507   1.00 23.79 ? 108 TRP A CD2 1 
ATOM   882  N NE1 . TRP A 1 111 ? 2.251   5.081   -0.840  1.00 22.12 ? 108 TRP A NE1 1 
ATOM   883  C CE2 . TRP A 1 111 ? 1.937   4.251   0.205   1.00 19.54 ? 108 TRP A CE2 1 
ATOM   884  C CE3 . TRP A 1 111 ? -0.007  3.704   1.548   1.00 21.25 ? 108 TRP A CE3 1 
ATOM   885  C CZ2 . TRP A 1 111 ? 2.736   3.345   0.908   1.00 20.75 ? 108 TRP A CZ2 1 
ATOM   886  C CZ3 . TRP A 1 111 ? 0.791   2.800   2.247   1.00 22.58 ? 108 TRP A CZ3 1 
ATOM   887  C CH2 . TRP A 1 111 ? 2.147   2.632   1.923   1.00 20.62 ? 108 TRP A CH2 1 
ATOM   888  N N   . VAL A 1 112 ? -3.752  7.097   -2.529  1.00 20.82 ? 109 VAL A N   1 
ATOM   889  C CA  . VAL A 1 112 ? -5.171  7.404   -2.609  1.00 21.64 ? 109 VAL A CA  1 
ATOM   890  C C   . VAL A 1 112 ? -5.968  6.129   -2.809  1.00 22.30 ? 109 VAL A C   1 
ATOM   891  O O   . VAL A 1 112 ? -5.584  5.260   -3.590  1.00 25.58 ? 109 VAL A O   1 
ATOM   892  C CB  . VAL A 1 112 ? -5.470  8.368   -3.778  1.00 19.69 ? 109 VAL A CB  1 
ATOM   893  C CG1 . VAL A 1 112 ? -6.980  8.518   -3.963  1.00 28.07 ? 109 VAL A CG1 1 
ATOM   894  C CG2 . VAL A 1 112 ? -4.836  9.723   -3.501  1.00 23.22 ? 109 VAL A CG2 1 
ATOM   895  N N   . GLN A 1 113 ? -7.075  6.015   -2.083  1.00 22.02 ? 110 GLN A N   1 
ATOM   896  C CA  . GLN A 1 113 ? -7.945  4.853   -2.191  1.00 21.83 ? 110 GLN A CA  1 
ATOM   897  C C   . GLN A 1 113 ? -9.341  5.320   -2.595  1.00 25.57 ? 110 GLN A C   1 
ATOM   898  O O   . GLN A 1 113 ? -9.812  6.360   -2.142  1.00 25.24 ? 110 GLN A O   1 
ATOM   899  C CB  . GLN A 1 113 ? -8.013  4.115   -0.849  1.00 24.55 ? 110 GLN A CB  1 
ATOM   900  C CG  . GLN A 1 113 ? -6.736  3.379   -0.471  1.00 26.58 ? 110 GLN A CG  1 
ATOM   901  C CD  . GLN A 1 113 ? -6.763  2.852   0.953   1.00 34.62 ? 110 GLN A CD  1 
ATOM   902  O OE1 . GLN A 1 113 ? -6.191  1.803   1.249   1.00 31.84 ? 110 GLN A OE1 1 
ATOM   903  N NE2 . GLN A 1 113 ? -7.415  3.590   1.847   1.00 28.08 ? 110 GLN A NE2 1 
ATOM   904  N N   . GLU A 1 114 ? -9.982  4.548   -3.464  1.00 26.47 ? 111 GLU A N   1 
ATOM   905  C CA  . GLU A 1 114 ? -11.329 4.838   -3.939  1.00 31.60 ? 111 GLU A CA  1 
ATOM   906  C C   . GLU A 1 114 ? -12.103 3.556   -3.687  1.00 24.84 ? 111 GLU A C   1 
ATOM   907  O O   . GLU A 1 114 ? -11.700 2.499   -4.168  1.00 26.06 ? 111 GLU A O   1 
ATOM   908  C CB  . GLU A 1 114 ? -11.326 5.129   -5.444  1.00 35.81 ? 111 GLU A CB  1 
ATOM   909  C CG  . GLU A 1 114 ? -10.371 6.223   -5.898  1.00 51.36 ? 111 GLU A CG  1 
ATOM   910  C CD  . GLU A 1 114 ? -10.870 7.614   -5.572  1.00 57.33 ? 111 GLU A CD  1 
ATOM   911  O OE1 . GLU A 1 114 ? -11.070 7.908   -4.376  1.00 64.59 ? 111 GLU A OE1 1 
ATOM   912  O OE2 . GLU A 1 114 ? -11.065 8.413   -6.513  1.00 59.93 ? 111 GLU A OE2 1 
ATOM   913  N N   . PHE A 1 115 ? -13.197 3.630   -2.937  1.00 25.25 ? 112 PHE A N   1 
ATOM   914  C CA  . PHE A 1 115 ? -13.975 2.425   -2.661  1.00 26.02 ? 112 PHE A CA  1 
ATOM   915  C C   . PHE A 1 115 ? -15.428 2.693   -2.289  1.00 29.93 ? 112 PHE A C   1 
ATOM   916  O O   . PHE A 1 115 ? -15.866 3.838   -2.194  1.00 30.00 ? 112 PHE A O   1 
ATOM   917  C CB  . PHE A 1 115 ? -13.333 1.628   -1.525  1.00 26.02 ? 112 PHE A CB  1 
ATOM   918  C CG  . PHE A 1 115 ? -13.320 2.355   -0.206  1.00 27.11 ? 112 PHE A CG  1 
ATOM   919  C CD1 . PHE A 1 115 ? -12.427 3.393   0.023   1.00 26.04 ? 112 PHE A CD1 1 
ATOM   920  C CD2 . PHE A 1 115 ? -14.202 1.998   0.809   1.00 27.12 ? 112 PHE A CD2 1 
ATOM   921  C CE1 . PHE A 1 115 ? -12.406 4.063   1.244   1.00 29.17 ? 112 PHE A CE1 1 
ATOM   922  C CE2 . PHE A 1 115 ? -14.189 2.663   2.034   1.00 28.23 ? 112 PHE A CE2 1 
ATOM   923  C CZ  . PHE A 1 115 ? -13.288 3.696   2.250   1.00 29.19 ? 112 PHE A CZ  1 
ATOM   924  N N   . ASP A 1 116 ? -16.159 1.608   -2.070  1.00 28.48 ? 113 ASP A N   1 
ATOM   925  C CA  . ASP A 1 116 ? -17.564 1.674   -1.685  1.00 35.56 ? 113 ASP A CA  1 
ATOM   926  C C   . ASP A 1 116 ? -17.904 0.314   -1.081  1.00 32.91 ? 113 ASP A C   1 
ATOM   927  O O   . ASP A 1 116 ? -17.627 -0.720  -1.682  1.00 30.86 ? 113 ASP A O   1 
ATOM   928  C CB  . ASP A 1 116 ? -18.434 1.960   -2.913  1.00 38.39 ? 113 ASP A CB  1 
ATOM   929  C CG  . ASP A 1 116 ? -19.886 2.229   -2.553  1.00 45.32 ? 113 ASP A CG  1 
ATOM   930  O OD1 . ASP A 1 116 ? -20.145 3.138   -1.736  1.00 47.43 ? 113 ASP A OD1 1 
ATOM   931  O OD2 . ASP A 1 116 ? -20.769 1.535   -3.097  1.00 50.52 ? 113 ASP A OD2 1 
ATOM   932  N N   . MET A 1 117 ? -18.488 0.312   0.112   1.00 34.65 ? 114 MET A N   1 
ATOM   933  C CA  . MET A 1 117 ? -18.822 -0.945  0.770   1.00 37.38 ? 114 MET A CA  1 
ATOM   934  C C   . MET A 1 117 ? -20.057 -1.599  0.171   1.00 41.61 ? 114 MET A C   1 
ATOM   935  O O   . MET A 1 117 ? -20.946 -0.921  -0.354  1.00 39.96 ? 114 MET A O   1 
ATOM   936  C CB  . MET A 1 117 ? -19.047 -0.723  2.269   1.00 37.28 ? 114 MET A CB  1 
ATOM   937  C CG  . MET A 1 117 ? -17.911 -0.003  2.982   1.00 35.65 ? 114 MET A CG  1 
ATOM   938  S SD  . MET A 1 117 ? -16.298 -0.698  2.621   1.00 23.25 ? 114 MET A SD  1 
ATOM   939  C CE  . MET A 1 117 ? -16.384 -2.235  3.500   1.00 31.89 ? 114 MET A CE  1 
ATOM   940  N N   . LYS A 1 118 ? -20.102 -2.925  0.239   1.00 45.50 ? 115 LYS A N   1 
ATOM   941  C CA  . LYS A 1 118 ? -21.247 -3.667  -0.274  1.00 52.58 ? 115 LYS A CA  1 
ATOM   942  C C   . LYS A 1 118 ? -22.364 -3.575  0.756   1.00 56.62 ? 115 LYS A C   1 
ATOM   943  O O   . LYS A 1 118 ? -22.109 -3.571  1.961   1.00 55.92 ? 115 LYS A O   1 
ATOM   944  C CB  . LYS A 1 118 ? -20.893 -5.142  -0.487  1.00 52.49 ? 115 LYS A CB  1 
ATOM   945  C CG  . LYS A 1 118 ? -20.100 -5.443  -1.744  1.00 54.19 ? 115 LYS A CG  1 
ATOM   946  C CD  . LYS A 1 118 ? -19.804 -6.933  -1.835  1.00 53.99 ? 115 LYS A CD  1 
ATOM   947  C CE  . LYS A 1 118 ? -19.000 -7.274  -3.078  1.00 57.21 ? 115 LYS A CE  1 
ATOM   948  N NZ  . LYS A 1 118 ? -18.625 -8.715  -3.111  1.00 58.05 ? 115 LYS A NZ  1 
ATOM   949  N N   . PRO A 1 119 ? -23.619 -3.496  0.293   1.00 60.21 ? 116 PRO A N   1 
ATOM   950  C CA  . PRO A 1 119 ? -24.738 -3.412  1.233   1.00 62.13 ? 116 PRO A CA  1 
ATOM   951  C C   . PRO A 1 119 ? -24.808 -4.690  2.060   1.00 63.42 ? 116 PRO A C   1 
ATOM   952  O O   . PRO A 1 119 ? -25.084 -5.768  1.533   1.00 66.39 ? 116 PRO A O   1 
ATOM   953  C CB  . PRO A 1 119 ? -25.944 -3.233  0.313   1.00 63.67 ? 116 PRO A CB  1 
ATOM   954  C CG  . PRO A 1 119 ? -25.528 -3.967  -0.931  1.00 64.94 ? 116 PRO A CG  1 
ATOM   955  C CD  . PRO A 1 119 ? -24.097 -3.521  -1.100  1.00 61.91 ? 116 PRO A CD  1 
ATOM   956  N N   . GLY A 1 120 ? -24.540 -4.566  3.355   1.00 63.29 ? 117 GLY A N   1 
ATOM   957  C CA  . GLY A 1 120 ? -24.573 -5.725  4.228   1.00 63.19 ? 117 GLY A CA  1 
ATOM   958  C C   . GLY A 1 120 ? -23.203 -6.028  4.800   1.00 63.90 ? 117 GLY A C   1 
ATOM   959  O O   . GLY A 1 120 ? -23.035 -6.969  5.579   1.00 63.23 ? 117 GLY A O   1 
ATOM   960  N N   . ALA A 1 121 ? -22.215 -5.228  4.411   1.00 63.63 ? 118 ALA A N   1 
ATOM   961  C CA  . ALA A 1 121 ? -20.851 -5.408  4.892   1.00 61.49 ? 118 ALA A CA  1 
ATOM   962  C C   . ALA A 1 121 ? -20.752 -4.966  6.348   1.00 58.24 ? 118 ALA A C   1 
ATOM   963  O O   . ALA A 1 121 ? -21.498 -4.097  6.793   1.00 58.02 ? 118 ALA A O   1 
ATOM   964  C CB  . ALA A 1 121 ? -19.883 -4.602  4.031   1.00 63.16 ? 118 ALA A CB  1 
ATOM   965  N N   . PRO A 1 122 ? -19.822 -5.565  7.109   1.00 57.07 ? 119 PRO A N   1 
ATOM   966  C CA  . PRO A 1 122 ? -19.616 -5.240  8.523   1.00 55.39 ? 119 PRO A CA  1 
ATOM   967  C C   . PRO A 1 122 ? -19.329 -3.757  8.771   1.00 53.59 ? 119 PRO A C   1 
ATOM   968  O O   . PRO A 1 122 ? -19.577 -3.245  9.863   1.00 52.73 ? 119 PRO A O   1 
ATOM   969  C CB  . PRO A 1 122 ? -18.434 -6.127  8.907   1.00 57.56 ? 119 PRO A CB  1 
ATOM   970  C CG  . PRO A 1 122 ? -18.620 -7.323  8.027   1.00 57.91 ? 119 PRO A CG  1 
ATOM   971  C CD  . PRO A 1 122 ? -18.957 -6.686  6.701   1.00 57.04 ? 119 PRO A CD  1 
ATOM   972  N N   . PHE A 1 123 ? -18.804 -3.075  7.755   1.00 50.23 ? 120 PHE A N   1 
ATOM   973  C CA  . PHE A 1 123 ? -18.481 -1.655  7.861   1.00 47.47 ? 120 PHE A CA  1 
ATOM   974  C C   . PHE A 1 123 ? -19.211 -0.820  6.816   1.00 42.82 ? 120 PHE A C   1 
ATOM   975  O O   . PHE A 1 123 ? -19.517 -1.301  5.726   1.00 41.40 ? 120 PHE A O   1 
ATOM   976  C CB  . PHE A 1 123 ? -16.973 -1.429  7.687   1.00 53.63 ? 120 PHE A CB  1 
ATOM   977  C CG  . PHE A 1 123 ? -16.137 -1.920  8.834   1.00 59.68 ? 120 PHE A CG  1 
ATOM   978  C CD1 . PHE A 1 123 ? -16.125 -3.267  9.182   1.00 62.25 ? 120 PHE A CD1 1 
ATOM   979  C CD2 . PHE A 1 123 ? -15.344 -1.032  9.555   1.00 61.36 ? 120 PHE A CD2 1 
ATOM   980  C CE1 . PHE A 1 123 ? -15.331 -3.724  10.234  1.00 65.63 ? 120 PHE A CE1 1 
ATOM   981  C CE2 . PHE A 1 123 ? -14.547 -1.478  10.607  1.00 65.31 ? 120 PHE A CE2 1 
ATOM   982  C CZ  . PHE A 1 123 ? -14.540 -2.827  10.947  1.00 65.60 ? 120 PHE A CZ  1 
ATOM   983  N N   . ASP A 1 124 ? -19.489 0.434   7.159   1.00 37.46 ? 121 ASP A N   1 
ATOM   984  C CA  . ASP A 1 124 ? -20.143 1.354   6.236   1.00 37.09 ? 121 ASP A CA  1 
ATOM   985  C C   . ASP A 1 124 ? -19.027 2.260   5.702   1.00 33.97 ? 121 ASP A C   1 
ATOM   986  O O   . ASP A 1 124 ? -17.932 2.263   6.252   1.00 34.24 ? 121 ASP A O   1 
ATOM   987  C CB  . ASP A 1 124 ? -21.207 2.180   6.967   1.00 39.91 ? 121 ASP A CB  1 
ATOM   988  C CG  . ASP A 1 124 ? -20.607 3.192   7.919   1.00 43.64 ? 121 ASP A CG  1 
ATOM   989  O OD1 . ASP A 1 124 ? -19.616 2.860   8.602   1.00 46.56 ? 121 ASP A OD1 1 
ATOM   990  O OD2 . ASP A 1 124 ? -21.137 4.319   7.993   1.00 48.60 ? 121 ASP A OD2 1 
ATOM   991  N N   . ASN A 1 125 ? -19.294 3.012   4.638   1.00 34.07 ? 122 ASN A N   1 
ATOM   992  C CA  . ASN A 1 125 ? -18.282 3.889   4.051   1.00 32.13 ? 122 ASN A CA  1 
ATOM   993  C C   . ASN A 1 125 ? -17.608 4.825   5.054   1.00 34.94 ? 122 ASN A C   1 
ATOM   994  O O   . ASN A 1 125 ? -16.390 5.023   5.010   1.00 30.91 ? 122 ASN A O   1 
ATOM   995  C CB  . ASN A 1 125 ? -18.886 4.723   2.918   1.00 32.68 ? 122 ASN A CB  1 
ATOM   996  C CG  . ASN A 1 125 ? -19.042 3.937   1.626   1.00 31.94 ? 122 ASN A CG  1 
ATOM   997  O OD1 . ASN A 1 125 ? -19.549 4.455   0.631   1.00 39.38 ? 122 ASN A OD1 1 
ATOM   998  N ND2 . ASN A 1 125 ? -18.604 2.687   1.635   1.00 30.47 ? 122 ASN A ND2 1 
ATOM   999  N N   . ALA A 1 126 ? -18.396 5.405   5.953   1.00 32.68 ? 123 ALA A N   1 
ATOM   1000 C CA  . ALA A 1 126 ? -17.864 6.328   6.952   1.00 32.54 ? 123 ALA A CA  1 
ATOM   1001 C C   . ALA A 1 126 ? -16.850 5.668   7.883   1.00 32.16 ? 123 ALA A C   1 
ATOM   1002 O O   . ALA A 1 126 ? -15.729 6.156   8.033   1.00 31.70 ? 123 ALA A O   1 
ATOM   1003 C CB  . ALA A 1 126 ? -19.008 6.930   7.768   1.00 35.25 ? 123 ALA A CB  1 
ATOM   1004 N N   . HIS A 1 127 ? -17.236 4.559   8.504   1.00 30.51 ? 124 HIS A N   1 
ATOM   1005 C CA  . HIS A 1 127 ? -16.336 3.871   9.424   1.00 31.42 ? 124 HIS A CA  1 
ATOM   1006 C C   . HIS A 1 127 ? -15.104 3.236   8.779   1.00 31.07 ? 124 HIS A C   1 
ATOM   1007 O O   . HIS A 1 127 ? -14.040 3.194   9.398   1.00 27.14 ? 124 HIS A O   1 
ATOM   1008 C CB  . HIS A 1 127 ? -17.099 2.817   10.227  1.00 34.91 ? 124 HIS A CB  1 
ATOM   1009 C CG  . HIS A 1 127 ? -17.997 3.397   11.273  1.00 40.17 ? 124 HIS A CG  1 
ATOM   1010 N ND1 . HIS A 1 127 ? -19.160 4.067   10.963  1.00 38.93 ? 124 HIS A ND1 1 
ATOM   1011 C CD2 . HIS A 1 127 ? -17.879 3.448   12.621  1.00 41.53 ? 124 HIS A CD2 1 
ATOM   1012 C CE1 . HIS A 1 127 ? -19.720 4.506   12.075  1.00 44.25 ? 124 HIS A CE1 1 
ATOM   1013 N NE2 . HIS A 1 127 ? -18.963 4.144   13.096  1.00 43.46 ? 124 HIS A NE2 1 
ATOM   1014 N N   . MET A 1 128 ? -15.235 2.741   7.549   1.00 32.05 ? 125 MET A N   1 
ATOM   1015 C CA  . MET A 1 128 ? -14.084 2.131   6.883   1.00 30.87 ? 125 MET A CA  1 
ATOM   1016 C C   . MET A 1 128 ? -13.086 3.222   6.518   1.00 28.30 ? 125 MET A C   1 
ATOM   1017 O O   . MET A 1 128 ? -11.876 3.016   6.583   1.00 29.75 ? 125 MET A O   1 
ATOM   1018 C CB  . MET A 1 128 ? -14.519 1.376   5.621   1.00 28.28 ? 125 MET A CB  1 
ATOM   1019 C CG  . MET A 1 128 ? -13.366 0.663   4.889   1.00 27.77 ? 125 MET A CG  1 
ATOM   1020 S SD  . MET A 1 128 ? -12.512 -0.590  5.887   1.00 21.95 ? 125 MET A SD  1 
ATOM   1021 C CE  . MET A 1 128 ? -13.734 -1.914  5.899   1.00 29.02 ? 125 MET A CE  1 
ATOM   1022 N N   . THR A 1 129 ? -13.602 4.383   6.128   1.00 29.00 ? 126 THR A N   1 
ATOM   1023 C CA  . THR A 1 129 ? -12.751 5.509   5.768   1.00 25.70 ? 126 THR A CA  1 
ATOM   1024 C C   . THR A 1 129 ? -11.861 5.872   6.954   1.00 27.05 ? 126 THR A C   1 
ATOM   1025 O O   . THR A 1 129 ? -10.667 6.119   6.796   1.00 23.89 ? 126 THR A O   1 
ATOM   1026 C CB  . THR A 1 129 ? -13.585 6.750   5.373   1.00 27.27 ? 126 THR A CB  1 
ATOM   1027 O OG1 . THR A 1 129 ? -14.329 6.471   4.180   1.00 24.28 ? 126 THR A OG1 1 
ATOM   1028 C CG2 . THR A 1 129 ? -12.674 7.949   5.125   1.00 26.59 ? 126 THR A CG2 1 
ATOM   1029 N N   . ALA A 1 130 ? -12.451 5.904   8.145   1.00 25.73 ? 127 ALA A N   1 
ATOM   1030 C CA  . ALA A 1 130 ? -11.706 6.236   9.349   1.00 27.05 ? 127 ALA A CA  1 
ATOM   1031 C C   . ALA A 1 130 ? -10.670 5.158   9.637   1.00 28.20 ? 127 ALA A C   1 
ATOM   1032 O O   . ALA A 1 130 ? -9.515  5.456   9.949   1.00 27.55 ? 127 ALA A O   1 
ATOM   1033 C CB  . ALA A 1 130 ? -12.656 6.378   10.532  1.00 28.44 ? 127 ALA A CB  1 
ATOM   1034 N N   . HIS A 1 131 ? -11.091 3.903   9.530   1.00 25.70 ? 128 HIS A N   1 
ATOM   1035 C CA  . HIS A 1 131 ? -10.207 2.770   9.781   1.00 29.90 ? 128 HIS A CA  1 
ATOM   1036 C C   . HIS A 1 131 ? -9.030  2.744   8.814   1.00 27.17 ? 128 HIS A C   1 
ATOM   1037 O O   . HIS A 1 131 ? -7.889  2.520   9.223   1.00 26.54 ? 128 HIS A O   1 
ATOM   1038 C CB  . HIS A 1 131 ? -10.986 1.459   9.659   1.00 33.30 ? 128 HIS A CB  1 
ATOM   1039 C CG  . HIS A 1 131 ? -10.139 0.236   9.824   1.00 41.02 ? 128 HIS A CG  1 
ATOM   1040 N ND1 . HIS A 1 131 ? -9.493  -0.070  11.002  1.00 43.01 ? 128 HIS A ND1 1 
ATOM   1041 C CD2 . HIS A 1 131 ? -9.835  -0.760  8.958   1.00 42.65 ? 128 HIS A CD2 1 
ATOM   1042 C CE1 . HIS A 1 131 ? -8.827  -1.201  10.856  1.00 45.96 ? 128 HIS A CE1 1 
ATOM   1043 N NE2 . HIS A 1 131 ? -9.018  -1.641  9.625   1.00 45.01 ? 128 HIS A NE2 1 
ATOM   1044 N N   . LEU A 1 132 ? -9.307  2.971   7.533   1.00 25.72 ? 129 LEU A N   1 
ATOM   1045 C CA  . LEU A 1 132 ? -8.249  2.959   6.527   1.00 25.77 ? 129 LEU A CA  1 
ATOM   1046 C C   . LEU A 1 132 ? -7.267  4.112   6.704   1.00 27.55 ? 129 LEU A C   1 
ATOM   1047 O O   . LEU A 1 132 ? -6.068  3.941   6.496   1.00 27.29 ? 129 LEU A O   1 
ATOM   1048 C CB  . LEU A 1 132 ? -8.854  2.974   5.119   1.00 24.42 ? 129 LEU A CB  1 
ATOM   1049 C CG  . LEU A 1 132 ? -9.575  1.683   4.711   1.00 27.21 ? 129 LEU A CG  1 
ATOM   1050 C CD1 . LEU A 1 132 ? -10.232 1.857   3.348   1.00 28.45 ? 129 LEU A CD1 1 
ATOM   1051 C CD2 . LEU A 1 132 ? -8.579  0.528   4.682   1.00 30.26 ? 129 LEU A CD2 1 
ATOM   1052 N N   . ASN A 1 133 ? -7.763  5.285   7.087   1.00 26.06 ? 130 ASN A N   1 
ATOM   1053 C CA  . ASN A 1 133 ? -6.871  6.423   7.298   1.00 25.34 ? 130 ASN A CA  1 
ATOM   1054 C C   . ASN A 1 133 ? -5.883  6.101   8.419   1.00 26.21 ? 130 ASN A C   1 
ATOM   1055 O O   . ASN A 1 133 ? -4.682  6.355   8.296   1.00 22.87 ? 130 ASN A O   1 
ATOM   1056 C CB  . ASN A 1 133 ? -7.672  7.683   7.652   1.00 25.14 ? 130 ASN A CB  1 
ATOM   1057 C CG  . ASN A 1 133 ? -8.184  8.416   6.424   1.00 27.93 ? 130 ASN A CG  1 
ATOM   1058 O OD1 . ASN A 1 133 ? -9.235  9.059   6.463   1.00 34.69 ? 130 ASN A OD1 1 
ATOM   1059 N ND2 . ASN A 1 133 ? -7.434  8.339   5.333   1.00 21.90 ? 130 ASN A ND2 1 
ATOM   1060 N N   . THR A 1 134 ? -6.393  5.530   9.507   1.00 22.85 ? 131 THR A N   1 
ATOM   1061 C CA  . THR A 1 134 ? -5.559  5.176   10.651  1.00 26.49 ? 131 THR A CA  1 
ATOM   1062 C C   . THR A 1 134 ? -4.470  4.164   10.296  1.00 25.41 ? 131 THR A C   1 
ATOM   1063 O O   . THR A 1 134 ? -3.298  4.377   10.598  1.00 27.05 ? 131 THR A O   1 
ATOM   1064 C CB  . THR A 1 134 ? -6.415  4.606   11.806  1.00 27.77 ? 131 THR A CB  1 
ATOM   1065 O OG1 . THR A 1 134 ? -7.352  5.599   12.240  1.00 31.22 ? 131 THR A OG1 1 
ATOM   1066 C CG2 . THR A 1 134 ? -5.532  4.208   12.987  1.00 32.93 ? 131 THR A CG2 1 
ATOM   1067 N N   . THR A 1 135 ? -4.861  3.068   9.654   1.00 25.46 ? 132 THR A N   1 
ATOM   1068 C CA  . THR A 1 135 ? -3.914  2.025   9.270   1.00 25.35 ? 132 THR A CA  1 
ATOM   1069 C C   . THR A 1 135 ? -2.932  2.514   8.206   1.00 25.52 ? 132 THR A C   1 
ATOM   1070 O O   . THR A 1 135 ? -1.744  2.188   8.256   1.00 23.03 ? 132 THR A O   1 
ATOM   1071 C CB  . THR A 1 135 ? -4.648  0.773   8.746   1.00 27.95 ? 132 THR A CB  1 
ATOM   1072 O OG1 . THR A 1 135 ? -5.510  1.135   7.660   1.00 31.10 ? 132 THR A OG1 1 
ATOM   1073 C CG2 . THR A 1 135 ? -5.484  0.147   9.861   1.00 28.77 ? 132 THR A CG2 1 
ATOM   1074 N N   . THR A 1 136 ? -3.429  3.290   7.245   1.00 18.66 ? 133 THR A N   1 
ATOM   1075 C CA  . THR A 1 136 ? -2.579  3.834   6.187   1.00 22.95 ? 133 THR A CA  1 
ATOM   1076 C C   . THR A 1 136 ? -1.515  4.757   6.761   1.00 18.52 ? 133 THR A C   1 
ATOM   1077 O O   . THR A 1 136 ? -0.345  4.652   6.410   1.00 22.00 ? 133 THR A O   1 
ATOM   1078 C CB  . THR A 1 136 ? -3.406  4.626   5.145   1.00 21.98 ? 133 THR A CB  1 
ATOM   1079 O OG1 . THR A 1 136 ? -4.141  3.712   4.321   1.00 24.61 ? 133 THR A OG1 1 
ATOM   1080 C CG2 . THR A 1 136 ? -2.491  5.472   4.260   1.00 23.22 ? 133 THR A CG2 1 
ATOM   1081 N N   . ARG A 1 137 ? -1.919  5.666   7.644   1.00 22.97 ? 134 ARG A N   1 
ATOM   1082 C CA  . ARG A 1 137 ? -0.966  6.588   8.244   1.00 21.57 ? 134 ARG A CA  1 
ATOM   1083 C C   . ARG A 1 137 ? 0.091   5.827   9.036   1.00 21.38 ? 134 ARG A C   1 
ATOM   1084 O O   . ARG A 1 137 ? 1.273   6.167   8.987   1.00 19.80 ? 134 ARG A O   1 
ATOM   1085 C CB  . ARG A 1 137 ? -1.676  7.588   9.157   1.00 26.46 ? 134 ARG A CB  1 
ATOM   1086 C CG  . ARG A 1 137 ? -2.511  8.619   8.412   1.00 34.38 ? 134 ARG A CG  1 
ATOM   1087 C CD  . ARG A 1 137 ? -2.803  9.825   9.295   1.00 47.05 ? 134 ARG A CD  1 
ATOM   1088 N NE  . ARG A 1 137 ? -3.167  10.998  8.507   1.00 55.37 ? 134 ARG A NE  1 
ATOM   1089 C CZ  . ARG A 1 137 ? -3.311  12.219  9.012   1.00 62.34 ? 134 ARG A CZ  1 
ATOM   1090 N NH1 . ARG A 1 137 ? -3.122  12.431  10.309  1.00 65.50 ? 134 ARG A NH1 1 
ATOM   1091 N NH2 . ARG A 1 137 ? -3.637  13.235  8.222   1.00 64.81 ? 134 ARG A NH2 1 
ATOM   1092 N N   . ALA A 1 138 ? -0.331  4.798   9.766   1.00 22.26 ? 135 ALA A N   1 
ATOM   1093 C CA  . ALA A 1 138 ? 0.609   4.003   10.551  1.00 23.04 ? 135 ALA A CA  1 
ATOM   1094 C C   . ALA A 1 138 ? 1.596   3.292   9.628   1.00 24.43 ? 135 ALA A C   1 
ATOM   1095 O O   . ALA A 1 138 ? 2.794   3.240   9.910   1.00 24.57 ? 135 ALA A O   1 
ATOM   1096 C CB  . ALA A 1 138 ? -0.143  2.987   11.405  1.00 29.25 ? 135 ALA A CB  1 
ATOM   1097 N N   . ASN A 1 139 ? 1.095   2.751   8.522   1.00 20.49 ? 136 ASN A N   1 
ATOM   1098 C CA  . ASN A 1 139 ? 1.962   2.054   7.576   1.00 21.38 ? 136 ASN A CA  1 
ATOM   1099 C C   . ASN A 1 139 ? 2.925   2.999   6.870   1.00 21.53 ? 136 ASN A C   1 
ATOM   1100 O O   . ASN A 1 139 ? 4.098   2.676   6.699   1.00 14.88 ? 136 ASN A O   1 
ATOM   1101 C CB  . ASN A 1 139 ? 1.143   1.306   6.522   1.00 24.03 ? 136 ASN A CB  1 
ATOM   1102 C CG  . ASN A 1 139 ? 0.541   0.022   7.056   1.00 31.14 ? 136 ASN A CG  1 
ATOM   1103 O OD1 . ASN A 1 139 ? 1.185   -0.714  7.805   1.00 34.36 ? 136 ASN A OD1 1 
ATOM   1104 N ND2 . ASN A 1 139 ? -0.691  -0.264  6.658   1.00 31.89 ? 136 ASN A ND2 1 
ATOM   1105 N N   . MET A 1 140 ? 2.442   4.163   6.446   1.00 20.70 ? 137 MET A N   1 
ATOM   1106 C CA  . MET A 1 140 ? 3.333   5.081   5.748   1.00 23.82 ? 137 MET A CA  1 
ATOM   1107 C C   . MET A 1 140 ? 4.454   5.580   6.663   1.00 22.96 ? 137 MET A C   1 
ATOM   1108 O O   . MET A 1 140 ? 5.585   5.789   6.246   1.00 26.50 ? 137 MET A O   1 
ATOM   1109 C CB  . MET A 1 140 ? 2.504   6.263   5.246   1.00 23.13 ? 137 MET A CB  1 
ATOM   1110 C CG  . MET A 1 140 ? 1.684   5.916   4.002   1.00 19.14 ? 137 MET A CG  1 
ATOM   1111 S SD  . MET A 1 140 ? 0.672   7.293   3.444   1.00 13.18 ? 137 MET A SD  1 
ATOM   1112 C CE  . MET A 1 140 ? 1.696   7.803   2.056   1.00 24.02 ? 137 MET A CE  1 
ATOM   1113 N N   . GLU A 1 141 ? 4.139   5.764   7.940   1.00 18.94 ? 138 GLU A N   1 
ATOM   1114 C CA  . GLU A 1 141 ? 5.152   6.219   8.879   1.00 18.54 ? 138 GLU A CA  1 
ATOM   1115 C C   . GLU A 1 141 ? 6.200   5.126   9.119   1.00 14.50 ? 138 GLU A C   1 
ATOM   1116 O O   . GLU A 1 141 ? 7.390   5.414   9.214   1.00 20.46 ? 138 GLU A O   1 
ATOM   1117 C CB  . GLU A 1 141 ? 4.497   6.634   10.196  1.00 23.31 ? 138 GLU A CB  1 
ATOM   1118 C CG  . GLU A 1 141 ? 3.929   8.051   10.152  1.00 33.76 ? 138 GLU A CG  1 
ATOM   1119 C CD  . GLU A 1 141 ? 3.095   8.397   11.369  1.00 41.17 ? 138 GLU A CD  1 
ATOM   1120 O OE1 . GLU A 1 141 ? 3.521   8.079   12.500  1.00 48.16 ? 138 GLU A OE1 1 
ATOM   1121 O OE2 . GLU A 1 141 ? 2.022   9.011   11.194  1.00 38.66 ? 138 GLU A OE2 1 
ATOM   1122 N N   . ARG A 1 142 ? 5.755   3.876   9.193   1.00 18.91 ? 139 ARG A N   1 
ATOM   1123 C CA  . ARG A 1 142 ? 6.661   2.754   9.429   1.00 18.24 ? 139 ARG A CA  1 
ATOM   1124 C C   . ARG A 1 142 ? 7.568   2.514   8.227   1.00 19.01 ? 139 ARG A C   1 
ATOM   1125 O O   . ARG A 1 142 ? 8.753   2.217   8.378   1.00 21.04 ? 139 ARG A O   1 
ATOM   1126 C CB  . ARG A 1 142 ? 5.853   1.492   9.725   1.00 22.68 ? 139 ARG A CB  1 
ATOM   1127 C CG  . ARG A 1 142 ? 6.690   0.272   10.069  1.00 27.12 ? 139 ARG A CG  1 
ATOM   1128 C CD  . ARG A 1 142 ? 5.844   -0.759  10.805  1.00 36.38 ? 139 ARG A CD  1 
ATOM   1129 N NE  . ARG A 1 142 ? 6.650   -1.868  11.309  1.00 45.84 ? 139 ARG A NE  1 
ATOM   1130 C CZ  . ARG A 1 142 ? 7.225   -2.785  10.538  1.00 47.73 ? 139 ARG A CZ  1 
ATOM   1131 N NH1 . ARG A 1 142 ? 7.080   -2.726  9.221   1.00 51.21 ? 139 ARG A NH1 1 
ATOM   1132 N NH2 . ARG A 1 142 ? 7.945   -3.755  11.083  1.00 46.79 ? 139 ARG A NH2 1 
ATOM   1133 N N   . ILE A 1 143 ? 6.999   2.636   7.034   1.00 19.45 ? 140 ILE A N   1 
ATOM   1134 C CA  . ILE A 1 143 ? 7.746   2.436   5.798   1.00 17.89 ? 140 ILE A CA  1 
ATOM   1135 C C   . ILE A 1 143 ? 8.778   3.547   5.629   1.00 18.18 ? 140 ILE A C   1 
ATOM   1136 O O   . ILE A 1 143 ? 9.897   3.309   5.169   1.00 19.53 ? 140 ILE A O   1 
ATOM   1137 C CB  . ILE A 1 143 ? 6.782   2.418   4.590   1.00 21.91 ? 140 ILE A CB  1 
ATOM   1138 C CG1 . ILE A 1 143 ? 5.911   1.162   4.664   1.00 22.72 ? 140 ILE A CG1 1 
ATOM   1139 C CG2 . ILE A 1 143 ? 7.559   2.482   3.283   1.00 18.64 ? 140 ILE A CG2 1 
ATOM   1140 C CD1 . ILE A 1 143 ? 4.860   1.058   3.578   1.00 26.88 ? 140 ILE A CD1 1 
ATOM   1141 N N   . LYS A 1 144 ? 8.386   4.764   5.993   1.00 17.25 ? 141 LYS A N   1 
ATOM   1142 C CA  . LYS A 1 144 ? 9.272   5.923   5.909   1.00 16.59 ? 141 LYS A CA  1 
ATOM   1143 C C   . LYS A 1 144 ? 10.516  5.679   6.767   1.00 16.20 ? 141 LYS A C   1 
ATOM   1144 O O   . LYS A 1 144 ? 11.644  5.896   6.326   1.00 17.56 ? 141 LYS A O   1 
ATOM   1145 C CB  . LYS A 1 144 ? 8.531   7.172   6.406   1.00 15.43 ? 141 LYS A CB  1 
ATOM   1146 C CG  . LYS A 1 144 ? 9.412   8.380   6.745   1.00 18.42 ? 141 LYS A CG  1 
ATOM   1147 C CD  . LYS A 1 144 ? 8.552   9.538   7.260   1.00 21.85 ? 141 LYS A CD  1 
ATOM   1148 C CE  . LYS A 1 144 ? 9.379   10.680  7.848   1.00 22.06 ? 141 LYS A CE  1 
ATOM   1149 N NZ  . LYS A 1 144 ? 10.321  11.298  6.872   1.00 24.55 ? 141 LYS A NZ  1 
ATOM   1150 N N   . LYS A 1 145 ? 10.292  5.220   7.994   1.00 15.91 ? 142 LYS A N   1 
ATOM   1151 C CA  . LYS A 1 145 ? 11.367  4.943   8.944   1.00 17.62 ? 142 LYS A CA  1 
ATOM   1152 C C   . LYS A 1 145 ? 12.308  3.863   8.415   1.00 17.31 ? 142 LYS A C   1 
ATOM   1153 O O   . LYS A 1 145 ? 13.535  4.020   8.446   1.00 18.54 ? 142 LYS A O   1 
ATOM   1154 C CB  . LYS A 1 145 ? 10.755  4.500   10.275  1.00 21.31 ? 142 LYS A CB  1 
ATOM   1155 C CG  . LYS A 1 145 ? 11.616  4.735   11.509  1.00 31.51 ? 142 LYS A CG  1 
ATOM   1156 C CD  . LYS A 1 145 ? 12.665  3.664   11.702  1.00 39.71 ? 142 LYS A CD  1 
ATOM   1157 C CE  . LYS A 1 145 ? 13.386  3.834   13.039  1.00 39.37 ? 142 LYS A CE  1 
ATOM   1158 N NZ  . LYS A 1 145 ? 14.046  5.167   13.152  1.00 45.60 ? 142 LYS A NZ  1 
ATOM   1159 N N   . ILE A 1 146 ? 11.726  2.767   7.935   1.00 18.79 ? 143 ILE A N   1 
ATOM   1160 C CA  . ILE A 1 146 ? 12.498  1.645   7.400   1.00 18.45 ? 143 ILE A CA  1 
ATOM   1161 C C   . ILE A 1 146 ? 13.371  2.075   6.228   1.00 17.46 ? 143 ILE A C   1 
ATOM   1162 O O   . ILE A 1 146 ? 14.557  1.770   6.185   1.00 19.62 ? 143 ILE A O   1 
ATOM   1163 C CB  . ILE A 1 146 ? 11.557  0.505   6.952   1.00 17.28 ? 143 ILE A CB  1 
ATOM   1164 C CG1 . ILE A 1 146 ? 10.880  -0.111  8.183   1.00 18.54 ? 143 ILE A CG1 1 
ATOM   1165 C CG2 . ILE A 1 146 ? 12.333  -0.558  6.172   1.00 15.38 ? 143 ILE A CG2 1 
ATOM   1166 C CD1 . ILE A 1 146 ? 9.769   -1.093  7.852   1.00 15.93 ? 143 ILE A CD1 1 
ATOM   1167 N N   . ILE A 1 147 ? 12.784  2.796   5.281   1.00 17.31 ? 144 ILE A N   1 
ATOM   1168 C CA  . ILE A 1 147 ? 13.540  3.252   4.124   1.00 15.17 ? 144 ILE A CA  1 
ATOM   1169 C C   . ILE A 1 147 ? 14.652  4.214   4.532   1.00 16.73 ? 144 ILE A C   1 
ATOM   1170 O O   . ILE A 1 147 ? 15.795  4.071   4.093   1.00 17.43 ? 144 ILE A O   1 
ATOM   1171 C CB  . ILE A 1 147 ? 12.611  3.929   3.079   1.00 16.98 ? 144 ILE A CB  1 
ATOM   1172 C CG1 . ILE A 1 147 ? 11.678  2.871   2.474   1.00 15.68 ? 144 ILE A CG1 1 
ATOM   1173 C CG2 . ILE A 1 147 ? 13.436  4.582   1.980   1.00 17.76 ? 144 ILE A CG2 1 
ATOM   1174 C CD1 . ILE A 1 147 ? 10.550  3.447   1.625   1.00 14.38 ? 144 ILE A CD1 1 
ATOM   1175 N N   . GLU A 1 148 ? 14.329  5.191   5.373   1.00 16.45 ? 145 GLU A N   1 
ATOM   1176 C CA  . GLU A 1 148 ? 15.330  6.160   5.813   1.00 13.68 ? 145 GLU A CA  1 
ATOM   1177 C C   . GLU A 1 148 ? 16.489  5.471   6.539   1.00 18.14 ? 145 GLU A C   1 
ATOM   1178 O O   . GLU A 1 148 ? 17.642  5.885   6.409   1.00 21.28 ? 145 GLU A O   1 
ATOM   1179 C CB  . GLU A 1 148 ? 14.675  7.215   6.701   1.00 18.33 ? 145 GLU A CB  1 
ATOM   1180 C CG  . GLU A 1 148 ? 13.650  8.018   5.921   1.00 24.10 ? 145 GLU A CG  1 
ATOM   1181 C CD  . GLU A 1 148 ? 12.891  9.014   6.754   1.00 24.96 ? 145 GLU A CD  1 
ATOM   1182 O OE1 . GLU A 1 148 ? 12.880  8.879   8.000   1.00 24.68 ? 145 GLU A OE1 1 
ATOM   1183 O OE2 . GLU A 1 148 ? 12.279  9.924   6.153   1.00 21.84 ? 145 GLU A OE2 1 
ATOM   1184 N N   . ASP A 1 149 ? 16.190  4.419   7.294   1.00 19.78 ? 146 ASP A N   1 
ATOM   1185 C CA  . ASP A 1 149 ? 17.246  3.698   7.994   1.00 22.50 ? 146 ASP A CA  1 
ATOM   1186 C C   . ASP A 1 149 ? 18.172  2.994   6.998   1.00 23.60 ? 146 ASP A C   1 
ATOM   1187 O O   . ASP A 1 149 ? 19.395  3.055   7.140   1.00 24.49 ? 146 ASP A O   1 
ATOM   1188 C CB  . ASP A 1 149 ? 16.659  2.690   8.979   1.00 20.97 ? 146 ASP A CB  1 
ATOM   1189 C CG  . ASP A 1 149 ? 16.119  3.355   10.234  1.00 25.49 ? 146 ASP A CG  1 
ATOM   1190 O OD1 . ASP A 1 149 ? 16.614  4.445   10.590  1.00 26.81 ? 146 ASP A OD1 1 
ATOM   1191 O OD2 . ASP A 1 149 ? 15.217  2.789   10.874  1.00 25.04 ? 146 ASP A OD2 1 
ATOM   1192 N N   . ARG A 1 150 ? 17.600  2.326   5.998   1.00 21.63 ? 147 ARG A N   1 
ATOM   1193 C CA  . ARG A 1 150 ? 18.417  1.650   4.989   1.00 21.16 ? 147 ARG A CA  1 
ATOM   1194 C C   . ARG A 1 150 ? 19.281  2.694   4.290   1.00 20.00 ? 147 ARG A C   1 
ATOM   1195 O O   . ARG A 1 150 ? 20.462  2.462   4.034   1.00 25.35 ? 147 ARG A O   1 
ATOM   1196 C CB  . ARG A 1 150 ? 17.541  0.956   3.937   1.00 18.10 ? 147 ARG A CB  1 
ATOM   1197 C CG  . ARG A 1 150 ? 16.767  -0.269  4.419   1.00 26.36 ? 147 ARG A CG  1 
ATOM   1198 C CD  . ARG A 1 150 ? 17.695  -1.395  4.869   1.00 24.24 ? 147 ARG A CD  1 
ATOM   1199 N NE  . ARG A 1 150 ? 18.015  -1.306  6.290   1.00 23.63 ? 147 ARG A NE  1 
ATOM   1200 C CZ  . ARG A 1 150 ? 17.154  -1.583  7.264   1.00 32.56 ? 147 ARG A CZ  1 
ATOM   1201 N NH1 . ARG A 1 150 ? 15.918  -1.971  6.972   1.00 34.58 ? 147 ARG A NH1 1 
ATOM   1202 N NH2 . ARG A 1 150 ? 17.531  -1.476  8.529   1.00 36.87 ? 147 ARG A NH2 1 
ATOM   1203 N N   . HIS A 1 151 ? 18.682  3.842   3.983   1.00 19.47 ? 148 HIS A N   1 
ATOM   1204 C CA  . HIS A 1 151 ? 19.390  4.919   3.306   1.00 21.16 ? 148 HIS A CA  1 
ATOM   1205 C C   . HIS A 1 151 ? 20.544  5.470   4.131   1.00 20.58 ? 148 HIS A C   1 
ATOM   1206 O O   . HIS A 1 151 ? 21.650  5.633   3.621   1.00 20.07 ? 148 HIS A O   1 
ATOM   1207 C CB  . HIS A 1 151 ? 18.433  6.065   2.959   1.00 18.30 ? 148 HIS A CB  1 
ATOM   1208 C CG  . HIS A 1 151 ? 19.112  7.253   2.345   1.00 21.14 ? 148 HIS A CG  1 
ATOM   1209 N ND1 . HIS A 1 151 ? 19.787  7.188   1.144   1.00 22.51 ? 148 HIS A ND1 1 
ATOM   1210 C CD2 . HIS A 1 151 ? 19.232  8.534   2.773   1.00 22.77 ? 148 HIS A CD2 1 
ATOM   1211 C CE1 . HIS A 1 151 ? 20.293  8.376   0.858   1.00 22.80 ? 148 HIS A CE1 1 
ATOM   1212 N NE2 . HIS A 1 151 ? 19.970  9.210   1.830   1.00 23.77 ? 148 HIS A NE2 1 
ATOM   1213 N N   . ARG A 1 152 ? 20.293  5.761   5.404   1.00 21.57 ? 149 ARG A N   1 
ATOM   1214 C CA  . ARG A 1 152 ? 21.341  6.313   6.248   1.00 24.98 ? 149 ARG A CA  1 
ATOM   1215 C C   . ARG A 1 152 ? 22.492  5.338   6.479   1.00 25.82 ? 149 ARG A C   1 
ATOM   1216 O O   . ARG A 1 152 ? 23.631  5.756   6.689   1.00 29.43 ? 149 ARG A O   1 
ATOM   1217 C CB  . ARG A 1 152 ? 20.759  6.794   7.580   1.00 29.43 ? 149 ARG A CB  1 
ATOM   1218 C CG  . ARG A 1 152 ? 19.905  8.057   7.432   1.00 35.53 ? 149 ARG A CG  1 
ATOM   1219 C CD  . ARG A 1 152 ? 19.918  8.912   8.694   1.00 39.98 ? 149 ARG A CD  1 
ATOM   1220 N NE  . ARG A 1 152 ? 19.166  8.305   9.783   1.00 45.78 ? 149 ARG A NE  1 
ATOM   1221 C CZ  . ARG A 1 152 ? 19.280  8.663   11.057  1.00 48.32 ? 149 ARG A CZ  1 
ATOM   1222 N NH1 . ARG A 1 152 ? 20.125  9.626   11.407  1.00 47.36 ? 149 ARG A NH1 1 
ATOM   1223 N NH2 . ARG A 1 152 ? 18.547  8.061   11.982  1.00 50.73 ? 149 ARG A NH2 1 
ATOM   1224 N N   . GLU A 1 153 ? 22.200  4.042   6.421   1.00 24.02 ? 150 GLU A N   1 
ATOM   1225 C CA  . GLU A 1 153 ? 23.226  3.022   6.611   1.00 30.11 ? 150 GLU A CA  1 
ATOM   1226 C C   . GLU A 1 153 ? 24.285  3.090   5.515   1.00 33.06 ? 150 GLU A C   1 
ATOM   1227 O O   . GLU A 1 153 ? 25.476  2.944   5.783   1.00 33.94 ? 150 GLU A O   1 
ATOM   1228 C CB  . GLU A 1 153 ? 22.591  1.632   6.608   1.00 26.66 ? 150 GLU A CB  1 
ATOM   1229 C CG  . GLU A 1 153 ? 21.817  1.301   7.868   1.00 27.79 ? 150 GLU A CG  1 
ATOM   1230 C CD  . GLU A 1 153 ? 20.917  0.104   7.688   1.00 28.90 ? 150 GLU A CD  1 
ATOM   1231 O OE1 . GLU A 1 153 ? 21.134  -0.658  6.722   1.00 33.11 ? 150 GLU A OE1 1 
ATOM   1232 O OE2 . GLU A 1 153 ? 19.994  -0.080  8.511   1.00 27.33 ? 150 GLU A OE2 1 
ATOM   1233 N N   . GLY A 1 154 ? 23.840  3.312   4.282   1.00 37.21 ? 151 GLY A N   1 
ATOM   1234 C CA  . GLY A 1 154 ? 24.760  3.378   3.163   1.00 46.96 ? 151 GLY A CA  1 
ATOM   1235 C C   . GLY A 1 154 ? 25.493  4.697   3.011   1.00 52.33 ? 151 GLY A C   1 
ATOM   1236 O O   . GLY A 1 154 ? 26.043  4.980   1.946   1.00 53.90 ? 151 GLY A O   1 
ATOM   1237 N N   . GLN A 1 155 ? 25.505  5.505   4.064   1.00 57.03 ? 152 GLN A N   1 
ATOM   1238 C CA  . GLN A 1 155 ? 26.185  6.797   4.017   1.00 60.65 ? 152 GLN A CA  1 
ATOM   1239 C C   . GLN A 1 155 ? 27.437  6.790   4.881   1.00 61.62 ? 152 GLN A C   1 
ATOM   1240 O O   . GLN A 1 155 ? 28.053  7.833   5.096   1.00 64.39 ? 152 GLN A O   1 
ATOM   1241 C CB  . GLN A 1 155 ? 25.266  7.915   4.517   1.00 61.60 ? 152 GLN A CB  1 
ATOM   1242 C CG  . GLN A 1 155 ? 24.008  8.132   3.705   1.00 61.75 ? 152 GLN A CG  1 
ATOM   1243 C CD  . GLN A 1 155 ? 23.309  9.425   4.079   1.00 60.93 ? 152 GLN A CD  1 
ATOM   1244 O OE1 . GLN A 1 155 ? 22.963  9.647   5.240   1.00 58.86 ? 152 GLN A OE1 1 
ATOM   1245 N NE2 . GLN A 1 155 ? 23.106  10.292  3.093   1.00 61.43 ? 152 GLN A NE2 1 
ATOM   1246 N N   . ARG A 1 156 ? 27.821  5.618   5.372   1.00 73.91 ? 153 ARG A N   1 
ATOM   1247 C CA  . ARG A 1 156 ? 28.983  5.531   6.239   1.00 78.70 ? 153 ARG A CA  1 
ATOM   1248 C C   . ARG A 1 156 ? 30.038  4.518   5.809   1.00 81.47 ? 153 ARG A C   1 
ATOM   1249 O O   . ARG A 1 156 ? 31.102  4.427   6.426   1.00 82.52 ? 153 ARG A O   1 
ATOM   1250 C CB  . ARG A 1 156 ? 28.509  5.241   7.664   1.00 79.67 ? 153 ARG A CB  1 
ATOM   1251 C CG  . ARG A 1 156 ? 27.349  6.145   8.073   1.00 81.90 ? 153 ARG A CG  1 
ATOM   1252 C CD  . ARG A 1 156 ? 26.771  5.792   9.428   1.00 83.70 ? 153 ARG A CD  1 
ATOM   1253 N NE  . ARG A 1 156 ? 27.733  6.000   10.504  1.00 84.18 ? 153 ARG A NE  1 
ATOM   1254 C CZ  . ARG A 1 156 ? 27.417  5.984   11.792  1.00 84.29 ? 153 ARG A CZ  1 
ATOM   1255 N NH1 . ARG A 1 156 ? 26.161  5.772   12.166  1.00 84.74 ? 153 ARG A NH1 1 
ATOM   1256 N NH2 . ARG A 1 156 ? 28.356  6.178   12.709  1.00 84.83 ? 153 ARG A NH2 1 
ATOM   1257 N N   . THR A 1 157 ? 29.747  3.762   4.755   1.00 87.21 ? 154 THR A N   1 
ATOM   1258 C CA  . THR A 1 157 ? 30.691  2.764   4.265   1.00 88.17 ? 154 THR A CA  1 
ATOM   1259 C C   . THR A 1 157 ? 31.760  3.389   3.367   1.00 88.24 ? 154 THR A C   1 
ATOM   1260 O O   . THR A 1 157 ? 32.944  3.077   3.495   1.00 88.64 ? 154 THR A O   1 
ATOM   1261 C CB  . THR A 1 157 ? 29.974  1.644   3.483   1.00 87.83 ? 154 THR A CB  1 
ATOM   1262 O OG1 . THR A 1 157 ? 28.923  1.095   4.288   1.00 87.69 ? 154 THR A OG1 1 
ATOM   1263 C CG2 . THR A 1 157 ? 30.955  0.538   3.121   1.00 87.96 ? 154 THR A CG2 1 
ATOM   1264 N N   . PRO A 1 158 ? 31.360  4.276   2.437   1.00 88.59 ? 155 PRO A N   1 
ATOM   1265 C CA  . PRO A 1 158 ? 30.000  4.753   2.160   1.00 89.03 ? 155 PRO A CA  1 
ATOM   1266 C C   . PRO A 1 158 ? 29.156  3.738   1.387   1.00 89.68 ? 155 PRO A C   1 
ATOM   1267 O O   . PRO A 1 158 ? 28.089  3.347   1.903   1.00 89.51 ? 155 PRO A O   1 
ATOM   1268 C CB  . PRO A 1 158 ? 30.243  6.028   1.363   1.00 88.98 ? 155 PRO A CB  1 
ATOM   1269 C CG  . PRO A 1 158 ? 31.463  5.681   0.577   1.00 89.13 ? 155 PRO A CG  1 
ATOM   1270 C CD  . PRO A 1 158 ? 32.339  5.008   1.613   1.00 88.81 ? 155 PRO A CD  1 
HETATM 1271 O O   . HOH B 2 .   ? -4.855  6.807   1.460   1.00 23.61 ? 171 HOH A O   1 
HETATM 1272 O O   . HOH B 2 .   ? 19.327  4.617   11.402  1.00 29.43 ? 172 HOH A O   1 
HETATM 1273 O O   . HOH B 2 .   ? 21.553  -0.788  3.849   1.00 32.50 ? 173 HOH A O   1 
HETATM 1274 O O   . HOH B 2 .   ? 10.976  -3.473  -6.233  1.00 30.06 ? 174 HOH A O   1 
HETATM 1275 O O   . HOH B 2 .   ? -3.821  4.216   1.411   1.00 23.11 ? 175 HOH A O   1 
HETATM 1276 O O   . HOH B 2 .   ? 3.839   6.287   -3.238  1.00 23.17 ? 176 HOH A O   1 
HETATM 1277 O O   . HOH B 2 .   ? 3.925   -2.802  -7.440  1.00 24.27 ? 177 HOH A O   1 
HETATM 1278 O O   . HOH B 2 .   ? -7.953  10.935  3.526   1.00 23.06 ? 178 HOH A O   1 
HETATM 1279 O O   . HOH B 2 .   ? 8.416   7.565   10.334  1.00 21.94 ? 179 HOH A O   1 
HETATM 1280 O O   . HOH B 2 .   ? -1.908  -2.837  -3.902  1.00 27.29 ? 180 HOH A O   1 
HETATM 1281 O O   . HOH B 2 .   ? -10.551 10.548  4.027   1.00 30.94 ? 181 HOH A O   1 
HETATM 1282 O O   . HOH B 2 .   ? -12.079 -3.375  -6.907  1.00 24.12 ? 182 HOH A O   1 
HETATM 1283 O O   . HOH B 2 .   ? 16.785  7.982   -7.296  1.00 25.95 ? 183 HOH A O   1 
HETATM 1284 O O   . HOH B 2 .   ? 9.442   13.303  -9.300  1.00 29.02 ? 184 HOH A O   1 
HETATM 1285 O O   . HOH B 2 .   ? 1.114   15.114  -1.401  1.00 28.14 ? 185 HOH A O   1 
HETATM 1286 O O   . HOH B 2 .   ? 14.791  8.820   9.742   1.00 30.02 ? 186 HOH A O   1 
HETATM 1287 O O   . HOH B 2 .   ? -1.606  9.242   -5.569  1.00 30.23 ? 187 HOH A O   1 
HETATM 1288 O O   . HOH B 2 .   ? -2.571  13.727  0.865   1.00 31.38 ? 188 HOH A O   1 
HETATM 1289 O O   . HOH B 2 .   ? -21.635 2.622   3.166   1.00 33.84 ? 189 HOH A O   1 
HETATM 1290 O O   . HOH B 2 .   ? 11.011  7.351   -12.951 1.00 32.88 ? 190 HOH A O   1 
HETATM 1291 O O   . HOH B 2 .   ? 6.829   -11.292 8.610   1.00 41.98 ? 191 HOH A O   1 
HETATM 1292 O O   . HOH B 2 .   ? 4.602   -14.048 2.110   1.00 28.30 ? 192 HOH A O   1 
HETATM 1293 O O   . HOH B 2 .   ? 3.490   12.169  -4.654  1.00 31.72 ? 193 HOH A O   1 
HETATM 1294 O O   . HOH B 2 .   ? -7.478  11.448  -6.640  1.00 39.04 ? 194 HOH A O   1 
HETATM 1295 O O   . HOH B 2 .   ? 13.937  0.664   10.531  1.00 23.56 ? 195 HOH A O   1 
HETATM 1296 O O   . HOH B 2 .   ? -4.365  17.494  -4.779  1.00 41.51 ? 196 HOH A O   1 
HETATM 1297 O O   . HOH B 2 .   ? 18.358  5.260   -4.170  1.00 26.00 ? 197 HOH A O   1 
HETATM 1298 O O   . HOH B 2 .   ? 3.642   3.380   12.283  1.00 32.78 ? 198 HOH A O   1 
HETATM 1299 O O   . HOH B 2 .   ? -11.327 -13.405 -0.683  1.00 46.58 ? 199 HOH A O   1 
HETATM 1300 O O   . HOH B 2 .   ? -15.015 8.843   8.138   1.00 29.49 ? 200 HOH A O   1 
HETATM 1301 O O   . HOH B 2 .   ? 14.695  -1.598  9.414   1.00 34.57 ? 201 HOH A O   1 
HETATM 1302 O O   . HOH B 2 .   ? 7.402   -7.269  -6.315  1.00 40.09 ? 202 HOH A O   1 
HETATM 1303 O O   . HOH B 2 .   ? 0.846   10.189  6.417   1.00 28.45 ? 203 HOH A O   1 
HETATM 1304 O O   . HOH B 2 .   ? -1.478  13.480  4.329   1.00 32.44 ? 204 HOH A O   1 
HETATM 1305 O O   . HOH B 2 .   ? -21.066 5.788   5.770   1.00 33.89 ? 205 HOH A O   1 
HETATM 1306 O O   . HOH B 2 .   ? 19.994  5.481   -1.243  1.00 44.17 ? 206 HOH A O   1 
HETATM 1307 O O   . HOH B 2 .   ? -12.141 -2.127  -9.298  1.00 39.69 ? 207 HOH A O   1 
HETATM 1308 O O   . HOH B 2 .   ? -11.549 -9.334  2.654   1.00 43.24 ? 208 HOH A O   1 
HETATM 1309 O O   . HOH B 2 .   ? -0.001  12.910  -6.754  1.00 39.65 ? 209 HOH A O   1 
HETATM 1310 O O   . HOH B 2 .   ? -11.700 4.606   -8.432  1.00 48.19 ? 210 HOH A O   1 
HETATM 1311 O O   . HOH B 2 .   ? -3.124  2.138   -0.326  1.00 34.05 ? 211 HOH A O   1 
HETATM 1312 O O   . HOH B 2 .   ? -13.828 3.200   12.285  1.00 39.99 ? 212 HOH A O   1 
HETATM 1313 O O   . HOH B 2 .   ? -2.070  -13.486 -16.482 1.00 38.31 ? 213 HOH A O   1 
HETATM 1314 O O   . HOH B 2 .   ? 6.160   -4.612  -8.107  1.00 28.96 ? 214 HOH A O   1 
HETATM 1315 O O   . HOH B 2 .   ? 5.167   -14.346 4.675   1.00 34.55 ? 215 HOH A O   1 
HETATM 1316 O O   . HOH B 2 .   ? 17.274  10.402  5.752   1.00 50.37 ? 216 HOH A O   1 
HETATM 1317 O O   . HOH B 2 .   ? -5.095  -7.690  10.518  1.00 35.31 ? 217 HOH A O   1 
HETATM 1318 O O   . HOH B 2 .   ? -2.310  6.005   12.484  1.00 27.62 ? 218 HOH A O   1 
HETATM 1319 O O   . HOH B 2 .   ? -9.189  7.886   11.172  1.00 37.31 ? 219 HOH A O   1 
HETATM 1320 O O   . HOH B 2 .   ? 11.234  8.277   10.248  1.00 30.36 ? 220 HOH A O   1 
HETATM 1321 O O   . HOH B 2 .   ? 15.473  5.675   -10.796 1.00 44.22 ? 221 HOH A O   1 
HETATM 1322 O O   . HOH B 2 .   ? 0.799   1.705   -16.723 1.00 40.97 ? 222 HOH A O   1 
HETATM 1323 O O   . HOH B 2 .   ? 2.554   14.437  -3.746  1.00 43.47 ? 223 HOH A O   1 
HETATM 1324 O O   . HOH B 2 .   ? -21.895 5.802   10.187  1.00 34.85 ? 224 HOH A O   1 
HETATM 1325 O O   . HOH B 2 .   ? 16.498  6.978   9.890   1.00 47.55 ? 225 HOH A O   1 
HETATM 1326 O O   . HOH B 2 .   ? -21.775 1.714   0.703   1.00 35.72 ? 226 HOH A O   1 
HETATM 1327 O O   . HOH B 2 .   ? 24.133  8.475   7.674   1.00 48.50 ? 227 HOH A O   1 
HETATM 1328 O O   . HOH B 2 .   ? 6.245   5.187   -18.271 1.00 45.41 ? 228 HOH A O   1 
HETATM 1329 O O   . HOH B 2 .   ? -14.900 -11.534 -2.539  1.00 32.64 ? 229 HOH A O   1 
HETATM 1330 O O   . HOH B 2 .   ? -14.819 8.645   2.633   1.00 44.94 ? 230 HOH A O   1 
HETATM 1331 O O   . HOH B 2 .   ? -2.594  15.472  -7.832  1.00 43.59 ? 231 HOH A O   1 
HETATM 1332 O O   . HOH B 2 .   ? 6.777   -12.897 1.434   1.00 37.76 ? 232 HOH A O   1 
HETATM 1333 O O   . HOH B 2 .   ? -6.058  11.414  6.303   1.00 33.17 ? 233 HOH A O   1 
HETATM 1334 O O   . HOH B 2 .   ? -5.285  -5.146  -2.063  1.00 31.21 ? 234 HOH A O   1 
HETATM 1335 O O   . HOH B 2 .   ? -0.966  0.033   9.862   1.00 43.41 ? 235 HOH A O   1 
HETATM 1336 O O   . HOH B 2 .   ? 26.309  1.482   8.544   1.00 40.56 ? 236 HOH A O   1 
HETATM 1337 O O   . HOH B 2 .   ? 15.385  11.180  -6.020  1.00 36.35 ? 237 HOH A O   1 
HETATM 1338 O O   . HOH B 2 .   ? -1.579  11.290  6.066   1.00 43.42 ? 238 HOH A O   1 
HETATM 1339 O O   . HOH B 2 .   ? -2.469  -5.415  -16.508 1.00 54.35 ? 239 HOH A O   1 
HETATM 1340 O O   . HOH B 2 .   ? 17.180  0.654   -4.434  1.00 34.76 ? 240 HOH A O   1 
HETATM 1341 O O   . HOH B 2 .   ? 14.355  15.319  -3.601  1.00 47.30 ? 241 HOH A O   1 
HETATM 1342 O O   . HOH B 2 .   ? -10.623 9.445   9.057   1.00 52.67 ? 242 HOH A O   1 
HETATM 1343 O O   . HOH B 2 .   ? 0.145   6.864   12.876  1.00 35.67 ? 243 HOH A O   1 
HETATM 1344 O O   . HOH B 2 .   ? 7.269   -0.295  -13.901 1.00 38.89 ? 244 HOH A O   1 
HETATM 1345 O O   . HOH B 2 .   ? -14.164 -9.050  -9.212  1.00 42.54 ? 245 HOH A O   1 
HETATM 1346 O O   . HOH B 2 .   ? 9.503   13.916  7.008   1.00 42.77 ? 246 HOH A O   1 
HETATM 1347 O O   . HOH B 2 .   ? 13.499  -0.712  -9.954  1.00 49.57 ? 247 HOH A O   1 
HETATM 1348 O O   . HOH B 2 .   ? 4.423   -13.152 8.410   1.00 50.37 ? 248 HOH A O   1 
HETATM 1349 O O   . HOH B 2 .   ? -13.064 -8.607  11.818  1.00 37.60 ? 249 HOH A O   1 
HETATM 1350 O O   . HOH B 2 .   ? 9.372   20.927  -1.509  1.00 37.76 ? 250 HOH A O   1 
HETATM 1351 O O   . HOH B 2 .   ? -18.114 -6.389  -6.362  1.00 41.66 ? 251 HOH A O   1 
HETATM 1352 O O   . HOH B 2 .   ? -2.395  -10.082 14.723  1.00 43.32 ? 252 HOH A O   1 
HETATM 1353 O O   . HOH B 2 .   ? -1.127  -7.761  -16.111 1.00 41.75 ? 253 HOH A O   1 
HETATM 1354 O O   . HOH B 2 .   ? 8.301   -9.301  -4.726  1.00 32.48 ? 254 HOH A O   1 
HETATM 1355 O O   . HOH B 2 .   ? -5.775  -0.764  -11.233 1.00 32.23 ? 255 HOH A O   1 
HETATM 1356 O O   . HOH B 2 .   ? -2.167  -14.972 9.049   1.00 34.18 ? 256 HOH A O   1 
HETATM 1357 O O   . HOH B 2 .   ? 11.310  -4.533  6.702   1.00 34.17 ? 257 HOH A O   1 
HETATM 1358 O O   . HOH B 2 .   ? -2.487  -2.189  -17.797 1.00 42.82 ? 258 HOH A O   1 
HETATM 1359 O O   . HOH B 2 .   ? -6.754  -3.310  -1.080  1.00 31.79 ? 259 HOH A O   1 
HETATM 1360 O O   . HOH B 2 .   ? -3.362  11.509  -6.528  1.00 51.37 ? 260 HOH A O   1 
HETATM 1361 O O   . HOH B 2 .   ? -2.942  -3.240  -1.524  1.00 41.34 ? 261 HOH A O   1 
HETATM 1362 O O   . HOH B 2 .   ? 18.871  2.635   -4.688  1.00 37.28 ? 262 HOH A O   1 
HETATM 1363 O O   . HOH B 2 .   ? 0.036   -14.338 10.779  1.00 37.93 ? 263 HOH A O   1 
HETATM 1364 O O   . HOH B 2 .   ? 7.634   -13.185 4.939   1.00 39.93 ? 264 HOH A O   1 
HETATM 1365 O O   . HOH B 2 .   ? -7.709  -6.746  -13.381 1.00 51.99 ? 265 HOH A O   1 
HETATM 1366 O O   . HOH B 2 .   ? -13.765 0.769   -10.155 1.00 51.32 ? 266 HOH A O   1 
HETATM 1367 O O   . HOH B 2 .   ? 19.011  6.900   -6.240  1.00 42.17 ? 267 HOH A O   1 
HETATM 1368 O O   . HOH B 2 .   ? 13.074  11.951  -4.968  1.00 50.07 ? 268 HOH A O   1 
HETATM 1369 O O   . HOH B 2 .   ? -15.022 -10.717 -5.717  1.00 48.24 ? 269 HOH A O   1 
HETATM 1370 O O   . HOH B 2 .   ? -7.611  5.061   -6.570  1.00 35.27 ? 270 HOH A O   1 
HETATM 1371 O O   . HOH B 2 .   ? -12.766 -12.106 2.266   1.00 52.23 ? 271 HOH A O   1 
HETATM 1372 O O   . HOH B 2 .   ? -22.728 -1.393  5.152   1.00 42.54 ? 272 HOH A O   1 
HETATM 1373 O O   . HOH B 2 .   ? -1.080  -2.017  -0.103  1.00 48.72 ? 273 HOH A O   1 
HETATM 1374 O O   . HOH B 2 .   ? -6.522  9.069   10.615  1.00 48.71 ? 274 HOH A O   1 
HETATM 1375 O O   . HOH B 2 .   ? -28.259 0.600   8.241   1.00 39.36 ? 275 HOH A O   1 
HETATM 1376 O O   . HOH B 2 .   ? -1.523  -0.131  12.486  1.00 49.26 ? 276 HOH A O   1 
HETATM 1377 O O   . HOH B 2 .   ? -6.332  -1.661  -3.925  1.00 45.21 ? 277 HOH A O   1 
HETATM 1378 O O   . HOH B 2 .   ? -22.626 5.724   1.280   1.00 57.29 ? 278 HOH A O   1 
HETATM 1379 O O   . HOH B 2 .   ? -12.544 -6.318  -9.643  1.00 41.80 ? 279 HOH A O   1 
HETATM 1380 O O   . HOH B 2 .   ? -5.501  -3.193  -14.979 1.00 42.90 ? 280 HOH A O   1 
HETATM 1381 O O   . HOH B 2 .   ? -22.249 -8.488  1.654   1.00 57.33 ? 281 HOH A O   1 
HETATM 1382 O O   . HOH B 2 .   ? 3.169   5.705   13.686  1.00 47.54 ? 282 HOH A O   1 
HETATM 1383 O O   . HOH B 2 .   ? 7.044   -12.142 -10.470 1.00 44.04 ? 283 HOH A O   1 
HETATM 1384 O O   . HOH B 2 .   ? -11.457 -7.025  4.103   1.00 52.67 ? 284 HOH A O   1 
HETATM 1385 O O   . HOH B 2 .   ? -3.938  8.245   12.438  1.00 42.58 ? 285 HOH A O   1 
HETATM 1386 O O   . HOH B 2 .   ? 6.182   -6.851  9.974   1.00 50.43 ? 286 HOH A O   1 
HETATM 1387 O O   . HOH B 2 .   ? 34.457  4.515   6.428   1.00 53.68 ? 287 HOH A O   1 
HETATM 1388 O O   . HOH B 2 .   ? -24.346 3.642   7.744   1.00 46.89 ? 288 HOH A O   1 
HETATM 1389 O O   . HOH B 2 .   ? -28.056 3.275   10.197  1.00 48.31 ? 289 HOH A O   1 
HETATM 1390 O O   . HOH B 2 .   ? 20.619  5.788   -8.091  1.00 50.95 ? 290 HOH A O   1 
HETATM 1391 O O   . HOH B 2 .   ? -24.357 0.092   7.414   1.00 49.77 ? 291 HOH A O   1 
HETATM 1392 O O   . HOH B 2 .   ? -13.743 6.137   -7.812  1.00 48.33 ? 292 HOH A O   1 
HETATM 1393 O O   . HOH B 2 .   ? -9.117  -6.913  5.413   1.00 55.75 ? 293 HOH A O   1 
HETATM 1394 O O   . HOH B 2 .   ? -7.615  -3.004  7.039   1.00 53.44 ? 294 HOH A O   1 
HETATM 1395 O O   . HOH B 2 .   ? 6.271   -13.525 -4.504  1.00 44.78 ? 295 HOH A O   1 
HETATM 1396 O O   . HOH B 2 .   ? -9.370  4.619   13.437  1.00 49.71 ? 296 HOH A O   1 
HETATM 1397 O O   . HOH B 2 .   ? 7.657   -17.241 7.846   1.00 53.13 ? 297 HOH A O   1 
HETATM 1398 O O   . HOH B 2 .   ? -21.375 -10.374 -2.358  1.00 58.74 ? 298 HOH A O   1 
HETATM 1399 O O   . HOH B 2 .   ? -11.974 4.764   13.720  1.00 46.60 ? 299 HOH A O   1 
HETATM 1400 O O   . HOH B 2 .   ? -5.102  -0.479  -13.680 1.00 39.81 ? 300 HOH A O   1 
HETATM 1401 O O   . HOH B 2 .   ? -8.624  1.674   12.963  1.00 54.20 ? 301 HOH A O   1 
HETATM 1402 O O   . HOH B 2 .   ? -8.235  -4.791  13.116  1.00 56.64 ? 302 HOH A O   1 
HETATM 1403 O O   . HOH B 2 .   ? -2.061  1.157   3.821   1.00 38.42 ? 303 HOH A O   1 
HETATM 1404 O O   . HOH B 2 .   ? -22.986 4.818   3.899   1.00 51.65 ? 304 HOH A O   1 
HETATM 1405 O O   . HOH B 2 .   ? 20.411  1.420   -0.302  1.00 38.18 ? 305 HOH A O   1 
HETATM 1406 O O   . HOH B 2 .   ? 16.352  7.917   -9.924  1.00 50.16 ? 306 HOH A O   1 
HETATM 1407 O O   . HOH B 2 .   ? 2.794   11.147  9.292   1.00 47.80 ? 307 HOH A O   1 
HETATM 1408 O O   . HOH B 2 .   ? -8.534  14.409  -1.254  1.00 47.57 ? 308 HOH A O   1 
HETATM 1409 O O   . HOH B 2 .   ? -26.526 -1.400  8.308   1.00 43.69 ? 309 HOH A O   1 
HETATM 1410 O O   . HOH B 2 .   ? 5.234   18.485  -8.194  1.00 50.10 ? 310 HOH A O   1 
HETATM 1411 O O   . HOH B 2 .   ? 5.147   -17.100 5.882   1.00 42.52 ? 311 HOH A O   1 
HETATM 1412 O O   . HOH B 2 .   ? 9.719   23.068  0.254   1.00 47.76 ? 312 HOH A O   1 
HETATM 1413 O O   . HOH B 2 .   ? -21.438 1.131   -5.908  1.00 44.60 ? 313 HOH A O   1 
HETATM 1414 O O   . HOH B 2 .   ? -25.378 1.846   5.778   1.00 52.93 ? 314 HOH A O   1 
# 
